data_1JO8
# 
_entry.id   1JO8 
# 
_audit_conform.dict_name       mmcif_pdbx.dic 
_audit_conform.dict_version    5.376 
_audit_conform.dict_location   http://mmcif.pdb.org/dictionaries/ascii/mmcif_pdbx.dic 
# 
loop_
_database_2.database_id 
_database_2.database_code 
_database_2.pdbx_database_accession 
_database_2.pdbx_DOI 
PDB   1JO8         pdb_00001jo8 10.2210/pdb1jo8/pdb 
RCSB  RCSB013998   ?            ?                   
WWPDB D_1000013998 ?            ?                   
# 
_pdbx_database_status.status_code                     REL 
_pdbx_database_status.entry_id                        1JO8 
_pdbx_database_status.recvd_initial_deposition_date   2001-07-27 
_pdbx_database_status.deposit_site                    RCSB 
_pdbx_database_status.process_site                    RCSB 
_pdbx_database_status.status_code_sf                  REL 
_pdbx_database_status.SG_entry                        . 
_pdbx_database_status.pdb_format_compatible           Y 
_pdbx_database_status.status_code_mr                  ? 
_pdbx_database_status.status_code_cs                  ? 
_pdbx_database_status.status_code_nmr_data            ? 
_pdbx_database_status.methods_development_category    ? 
# 
loop_
_audit_author.name 
_audit_author.pdbx_ordinal 
'Fazi, B.'        1  
'Cope, M.J.'      2  
'Douangamath, A.' 3  
'Ferracuti, S.'   4  
'Schirwitz, K.'   5  
'Zucconi, A.'     6  
'Drubin, D.G.'    7  
'Wilmanns, M.'    8  
'Cesareni, G.'    9  
'Castagnoli, L.'  10 
# 
_citation.id                        primary 
_citation.title                     
'Unusual binding properties of the SH3 domain of the yeast actin-binding protein Abp1: structural and functional analysis.' 
_citation.journal_abbrev            J.Biol.Chem. 
_citation.journal_volume            277 
_citation.page_first                5290 
_citation.page_last                 5298 
_citation.year                      2002 
_citation.journal_id_ASTM           JBCHA3 
_citation.country                   US 
_citation.journal_id_ISSN           0021-9258 
_citation.journal_id_CSD            0071 
_citation.book_publisher            ? 
_citation.pdbx_database_id_PubMed   11668184 
_citation.pdbx_database_id_DOI      10.1074/jbc.M109848200 
# 
loop_
_citation_author.citation_id 
_citation_author.name 
_citation_author.ordinal 
_citation_author.identifier_ORCID 
primary 'Fazi, B.'        1  ? 
primary 'Cope, M.J.'      2  ? 
primary 'Douangamath, A.' 3  ? 
primary 'Ferracuti, S.'   4  ? 
primary 'Schirwitz, K.'   5  ? 
primary 'Zucconi, A.'     6  ? 
primary 'Drubin, D.G.'    7  ? 
primary 'Wilmanns, M.'    8  ? 
primary 'Cesareni, G.'    9  ? 
primary 'Castagnoli, L.'  10 ? 
# 
_cell.entry_id           1JO8 
_cell.length_a           24.080 
_cell.length_b           38.155 
_cell.length_c           59.090 
_cell.angle_alpha        90.00 
_cell.angle_beta         90.00 
_cell.angle_gamma        90.00 
_cell.Z_PDB              4 
_cell.pdbx_unique_axis   ? 
# 
_symmetry.entry_id                         1JO8 
_symmetry.space_group_name_H-M             'P 21 21 21' 
_symmetry.pdbx_full_space_group_name_H-M   ? 
_symmetry.cell_setting                     orthorhombic 
_symmetry.Int_Tables_number                19 
# 
loop_
_entity.id 
_entity.type 
_entity.src_method 
_entity.pdbx_description 
_entity.formula_weight 
_entity.pdbx_number_of_molecules 
_entity.pdbx_ec 
_entity.pdbx_mutation 
_entity.pdbx_fragment 
_entity.details 
1 polymer     man 'ACTIN BINDING PROTEIN' 6663.082 1   ? ? 'SH3 domain' ? 
2 non-polymer syn 'SULFATE ION'           96.063   2   ? ? ?            ? 
3 water       nat water                   18.015   129 ? ? ?            ? 
# 
_entity_name_com.entity_id   1 
_entity_name_com.name        'Abp1p; actin-binding protein ABP1;' 
# 
_entity_poly.entity_id                      1 
_entity_poly.type                           'polypeptide(L)' 
_entity_poly.nstd_linkage                   no 
_entity_poly.nstd_monomer                   no 
_entity_poly.pdbx_seq_one_letter_code       PWATAEYDYDAAEDNELTFVENDKIINIEFVDDDWWLGELEKDGSKGLFPSNYVSLGN 
_entity_poly.pdbx_seq_one_letter_code_can   PWATAEYDYDAAEDNELTFVENDKIINIEFVDDDWWLGELEKDGSKGLFPSNYVSLGN 
_entity_poly.pdbx_strand_id                 A 
_entity_poly.pdbx_target_identifier         ? 
# 
loop_
_entity_poly_seq.entity_id 
_entity_poly_seq.num 
_entity_poly_seq.mon_id 
_entity_poly_seq.hetero 
1 1  PRO n 
1 2  TRP n 
1 3  ALA n 
1 4  THR n 
1 5  ALA n 
1 6  GLU n 
1 7  TYR n 
1 8  ASP n 
1 9  TYR n 
1 10 ASP n 
1 11 ALA n 
1 12 ALA n 
1 13 GLU n 
1 14 ASP n 
1 15 ASN n 
1 16 GLU n 
1 17 LEU n 
1 18 THR n 
1 19 PHE n 
1 20 VAL n 
1 21 GLU n 
1 22 ASN n 
1 23 ASP n 
1 24 LYS n 
1 25 ILE n 
1 26 ILE n 
1 27 ASN n 
1 28 ILE n 
1 29 GLU n 
1 30 PHE n 
1 31 VAL n 
1 32 ASP n 
1 33 ASP n 
1 34 ASP n 
1 35 TRP n 
1 36 TRP n 
1 37 LEU n 
1 38 GLY n 
1 39 GLU n 
1 40 LEU n 
1 41 GLU n 
1 42 LYS n 
1 43 ASP n 
1 44 GLY n 
1 45 SER n 
1 46 LYS n 
1 47 GLY n 
1 48 LEU n 
1 49 PHE n 
1 50 PRO n 
1 51 SER n 
1 52 ASN n 
1 53 TYR n 
1 54 VAL n 
1 55 SER n 
1 56 LEU n 
1 57 GLY n 
1 58 ASN n 
# 
_entity_src_gen.entity_id                          1 
_entity_src_gen.pdbx_src_id                        1 
_entity_src_gen.pdbx_alt_source_flag               sample 
_entity_src_gen.pdbx_seq_type                      ? 
_entity_src_gen.pdbx_beg_seq_num                   ? 
_entity_src_gen.pdbx_end_seq_num                   ? 
_entity_src_gen.gene_src_common_name               
;baker's yeast
;
_entity_src_gen.gene_src_genus                     Saccharomyces 
_entity_src_gen.pdbx_gene_src_gene                 ? 
_entity_src_gen.gene_src_species                   ? 
_entity_src_gen.gene_src_strain                    ? 
_entity_src_gen.gene_src_tissue                    ? 
_entity_src_gen.gene_src_tissue_fraction           ? 
_entity_src_gen.gene_src_details                   ? 
_entity_src_gen.pdbx_gene_src_fragment             ? 
_entity_src_gen.pdbx_gene_src_scientific_name      'Saccharomyces cerevisiae' 
_entity_src_gen.pdbx_gene_src_ncbi_taxonomy_id     4932 
_entity_src_gen.pdbx_gene_src_variant              ? 
_entity_src_gen.pdbx_gene_src_cell_line            ? 
_entity_src_gen.pdbx_gene_src_atcc                 ? 
_entity_src_gen.pdbx_gene_src_organ                ? 
_entity_src_gen.pdbx_gene_src_organelle            ? 
_entity_src_gen.pdbx_gene_src_cell                 ? 
_entity_src_gen.pdbx_gene_src_cellular_location    ? 
_entity_src_gen.host_org_common_name               ? 
_entity_src_gen.pdbx_host_org_scientific_name      'Escherichia coli' 
_entity_src_gen.pdbx_host_org_ncbi_taxonomy_id     562 
_entity_src_gen.host_org_genus                     Escherichia 
_entity_src_gen.pdbx_host_org_gene                 ? 
_entity_src_gen.pdbx_host_org_organ                ? 
_entity_src_gen.host_org_species                   ? 
_entity_src_gen.pdbx_host_org_tissue               ? 
_entity_src_gen.pdbx_host_org_tissue_fraction      ? 
_entity_src_gen.pdbx_host_org_strain               BL21pLysS 
_entity_src_gen.pdbx_host_org_variant              ? 
_entity_src_gen.pdbx_host_org_cell_line            ? 
_entity_src_gen.pdbx_host_org_atcc                 ? 
_entity_src_gen.pdbx_host_org_culture_collection   ? 
_entity_src_gen.pdbx_host_org_cell                 ? 
_entity_src_gen.pdbx_host_org_organelle            ? 
_entity_src_gen.pdbx_host_org_cellular_location    ? 
_entity_src_gen.pdbx_host_org_vector_type          plasmid 
_entity_src_gen.pdbx_host_org_vector               ? 
_entity_src_gen.host_org_details                   ? 
_entity_src_gen.expression_system_id               ? 
_entity_src_gen.plasmid_name                       pRSETA 
_entity_src_gen.plasmid_details                    ? 
_entity_src_gen.pdbx_description                   ? 
# 
_struct_ref.id                         1 
_struct_ref.entity_id                  1 
_struct_ref.db_name                    UNP 
_struct_ref.db_code                    ABP1_YEAST 
_struct_ref.pdbx_db_accession          P15891 
_struct_ref.pdbx_align_begin           535 
_struct_ref.pdbx_seq_one_letter_code   PWATAEYDYDAAEDNELTFVENDKIINIEFVDDDWWLGELEKDGSKGLFPSNYVSLGN 
_struct_ref.pdbx_db_isoform            ? 
# 
_struct_ref_seq.align_id                      1 
_struct_ref_seq.ref_id                        1 
_struct_ref_seq.pdbx_PDB_id_code              1JO8 
_struct_ref_seq.pdbx_strand_id                A 
_struct_ref_seq.seq_align_beg                 1 
_struct_ref_seq.pdbx_seq_align_beg_ins_code   ? 
_struct_ref_seq.seq_align_end                 58 
_struct_ref_seq.pdbx_seq_align_end_ins_code   ? 
_struct_ref_seq.pdbx_db_accession             P15891 
_struct_ref_seq.db_align_beg                  535 
_struct_ref_seq.pdbx_db_align_beg_ins_code    ? 
_struct_ref_seq.db_align_end                  592 
_struct_ref_seq.pdbx_db_align_end_ins_code    ? 
_struct_ref_seq.pdbx_auth_seq_align_beg       1 
_struct_ref_seq.pdbx_auth_seq_align_end       58 
# 
loop_
_chem_comp.id 
_chem_comp.type 
_chem_comp.mon_nstd_flag 
_chem_comp.name 
_chem_comp.pdbx_synonyms 
_chem_comp.formula 
_chem_comp.formula_weight 
ALA 'L-peptide linking' y ALANINE         ? 'C3 H7 N O2'     89.093  
ASN 'L-peptide linking' y ASPARAGINE      ? 'C4 H8 N2 O3'    132.118 
ASP 'L-peptide linking' y 'ASPARTIC ACID' ? 'C4 H7 N O4'     133.103 
GLU 'L-peptide linking' y 'GLUTAMIC ACID' ? 'C5 H9 N O4'     147.129 
GLY 'peptide linking'   y GLYCINE         ? 'C2 H5 N O2'     75.067  
HOH non-polymer         . WATER           ? 'H2 O'           18.015  
ILE 'L-peptide linking' y ISOLEUCINE      ? 'C6 H13 N O2'    131.173 
LEU 'L-peptide linking' y LEUCINE         ? 'C6 H13 N O2'    131.173 
LYS 'L-peptide linking' y LYSINE          ? 'C6 H15 N2 O2 1' 147.195 
PHE 'L-peptide linking' y PHENYLALANINE   ? 'C9 H11 N O2'    165.189 
PRO 'L-peptide linking' y PROLINE         ? 'C5 H9 N O2'     115.130 
SER 'L-peptide linking' y SERINE          ? 'C3 H7 N O3'     105.093 
SO4 non-polymer         . 'SULFATE ION'   ? 'O4 S -2'        96.063  
THR 'L-peptide linking' y THREONINE       ? 'C4 H9 N O3'     119.119 
TRP 'L-peptide linking' y TRYPTOPHAN      ? 'C11 H12 N2 O2'  204.225 
TYR 'L-peptide linking' y TYROSINE        ? 'C9 H11 N O3'    181.189 
VAL 'L-peptide linking' y VALINE          ? 'C5 H11 N O2'    117.146 
# 
_exptl.entry_id          1JO8 
_exptl.method            'X-RAY DIFFRACTION' 
_exptl.crystals_number   1 
# 
_exptl_crystal.id                    1 
_exptl_crystal.density_meas          ? 
_exptl_crystal.density_percent_sol   39.60 
_exptl_crystal.density_Matthews      2.04 
_exptl_crystal.description           ? 
# 
_exptl_crystal_grow.crystal_id      1 
_exptl_crystal_grow.method          'VAPOR DIFFUSION, SITTING DROP' 
_exptl_crystal_grow.temp            298 
_exptl_crystal_grow.temp_details    ? 
_exptl_crystal_grow.pH              8.0 
_exptl_crystal_grow.pdbx_details    'Ammonium sulfate, bis-tris-propane, pH 8.0, VAPOR DIFFUSION, SITTING DROP at 298K' 
_exptl_crystal_grow.pdbx_pH_range   . 
# 
_diffrn.id                     1 
_diffrn.ambient_temp           100 
_diffrn.ambient_temp_details   ? 
_diffrn.crystal_id             1 
# 
_diffrn_detector.diffrn_id              1 
_diffrn_detector.detector               'IMAGE PLATE' 
_diffrn_detector.type                   MARRESEARCH 
_diffrn_detector.pdbx_collection_date   2000-09-15 
_diffrn_detector.details                ? 
# 
_diffrn_radiation.diffrn_id                        1 
_diffrn_radiation.wavelength_id                    1 
_diffrn_radiation.pdbx_monochromatic_or_laue_m_l   M 
_diffrn_radiation.monochromator                    'SAGITALLY FOCUSED Si(111)' 
_diffrn_radiation.pdbx_diffrn_protocol             'SINGLE WAVELENGTH' 
_diffrn_radiation.pdbx_scattering_type             x-ray 
# 
_diffrn_radiation_wavelength.id           1 
_diffrn_radiation_wavelength.wavelength   0.842 
_diffrn_radiation_wavelength.wt           1.0 
# 
_diffrn_source.diffrn_id                   1 
_diffrn_source.source                      SYNCHROTRON 
_diffrn_source.type                        'EMBL/DESY, HAMBURG BEAMLINE BW7B' 
_diffrn_source.pdbx_synchrotron_site       'EMBL/DESY, HAMBURG' 
_diffrn_source.pdbx_synchrotron_beamline   BW7B 
_diffrn_source.pdbx_wavelength             ? 
_diffrn_source.pdbx_wavelength_list        0.842 
# 
_reflns.entry_id                     1JO8 
_reflns.observed_criterion_sigma_I   ? 
_reflns.observed_criterion_sigma_F   ? 
_reflns.d_resolution_low             25 
_reflns.d_resolution_high            1.30 
_reflns.number_obs                   56424 
_reflns.number_all                   57575 
_reflns.percent_possible_obs         98 
_reflns.pdbx_Rmerge_I_obs            0.0560000 
_reflns.pdbx_Rsym_value              ? 
_reflns.pdbx_netI_over_sigmaI        20.3 
_reflns.B_iso_Wilson_estimate        9.8 
_reflns.pdbx_redundancy              4.1 
_reflns.R_free_details               ? 
_reflns.limit_h_max                  ? 
_reflns.limit_h_min                  ? 
_reflns.limit_k_max                  ? 
_reflns.limit_k_min                  ? 
_reflns.limit_l_max                  ? 
_reflns.limit_l_min                  ? 
_reflns.observed_criterion_F_max     ? 
_reflns.observed_criterion_F_min     ? 
_reflns.pdbx_diffrn_id               1 
_reflns.pdbx_ordinal                 1 
# 
_reflns_shell.d_res_high             1.30 
_reflns_shell.d_res_low              1.32 
_reflns_shell.percent_possible_all   88.6 
_reflns_shell.Rmerge_I_obs           0.2660000 
_reflns_shell.pdbx_Rsym_value        ? 
_reflns_shell.meanI_over_sigI_obs    4.0 
_reflns_shell.pdbx_redundancy        ? 
_reflns_shell.percent_possible_obs   ? 
_reflns_shell.number_unique_all      617 
_reflns_shell.pdbx_diffrn_id         ? 
_reflns_shell.pdbx_ordinal           1 
# 
_refine.entry_id                                 1JO8 
_refine.ls_number_reflns_obs                     13027 
_refine.ls_number_reflns_all                     13027 
_refine.pdbx_ls_sigma_I                          ? 
_refine.pdbx_ls_sigma_F                          0 
_refine.pdbx_data_cutoff_high_absF               ? 
_refine.pdbx_data_cutoff_low_absF                ? 
_refine.ls_d_res_low                             17.51 
_refine.ls_d_res_high                            1.30 
_refine.ls_percent_reflns_obs                    98.05 
_refine.ls_R_factor_obs                          0.1451200 
_refine.ls_R_factor_all                          0.1451000 
_refine.ls_R_factor_R_work                       0.1435200 
_refine.ls_R_factor_R_free                       0.1778500 
_refine.ls_R_factor_R_free_error                 ? 
_refine.ls_R_factor_R_free_error_details         ? 
_refine.ls_percent_reflns_R_free                 5.0 
_refine.ls_number_reflns_R_free                  680 
_refine.ls_number_parameters                     ? 
_refine.ls_number_restraints                     ? 
_refine.occupancy_min                            ? 
_refine.occupancy_max                            ? 
_refine.B_iso_mean                               8.742 
_refine.aniso_B[1][1]                            0.01 
_refine.aniso_B[2][2]                            -0.04 
_refine.aniso_B[3][3]                            0.02 
_refine.aniso_B[1][2]                            0.00 
_refine.aniso_B[1][3]                            0.00 
_refine.aniso_B[2][3]                            0.00 
_refine.solvent_model_details                    ? 
_refine.solvent_model_param_ksol                 ? 
_refine.solvent_model_param_bsol                 ? 
_refine.pdbx_ls_cross_valid_method               THROUGHOUT 
_refine.details                                  ? 
_refine.pdbx_starting_model                      'PDB entry 1CKA' 
_refine.pdbx_method_to_determine_struct          'MOLECULAR REPLACEMENT' 
_refine.pdbx_isotropic_thermal_model             ? 
_refine.pdbx_stereochemistry_target_values       'Engh & Huber' 
_refine.pdbx_stereochem_target_val_spec_case     ? 
_refine.pdbx_R_Free_selection_details            RANDOM 
_refine.pdbx_overall_ESU_R_Free                  ? 
_refine.overall_SU_B                             ? 
_refine.ls_redundancy_reflns_obs                 ? 
_refine.B_iso_min                                ? 
_refine.B_iso_max                                ? 
_refine.correlation_coeff_Fo_to_Fc               ? 
_refine.overall_SU_R_Cruickshank_DPI             ? 
_refine.overall_SU_R_free                        ? 
_refine.overall_SU_ML                            ? 
_refine.pdbx_overall_ESU_R                       ? 
_refine.pdbx_data_cutoff_high_rms_absF           ? 
_refine.correlation_coeff_Fo_to_Fc_free          ? 
_refine.pdbx_solvent_vdw_probe_radii             ? 
_refine.pdbx_solvent_ion_probe_radii             ? 
_refine.pdbx_solvent_shrinkage_radii             ? 
_refine.pdbx_refine_id                           'X-RAY DIFFRACTION' 
_refine.pdbx_diffrn_id                           1 
_refine.pdbx_TLS_residual_ADP_flag               ? 
_refine.pdbx_overall_phase_error                 ? 
_refine.pdbx_overall_SU_R_free_Cruickshank_DPI   ? 
_refine.pdbx_overall_SU_R_Blow_DPI               ? 
_refine.pdbx_overall_SU_R_free_Blow_DPI          ? 
# 
_refine_hist.pdbx_refine_id                   'X-RAY DIFFRACTION' 
_refine_hist.cycle_id                         LAST 
_refine_hist.pdbx_number_atoms_protein        505 
_refine_hist.pdbx_number_atoms_nucleic_acid   0 
_refine_hist.pdbx_number_atoms_ligand         13 
_refine_hist.number_atoms_solvent             131 
_refine_hist.number_atoms_total               649 
_refine_hist.d_res_high                       1.30 
_refine_hist.d_res_low                        17.51 
# 
loop_
_refine_ls_restr.type 
_refine_ls_restr.dev_ideal 
_refine_ls_restr.dev_ideal_target 
_refine_ls_restr.number 
_refine_ls_restr.weight 
_refine_ls_restr.pdbx_refine_id 
_refine_ls_restr.pdbx_restraint_function 
p_mcbond_it    1.137  1.5  ? ? 'X-RAY DIFFRACTION' ? 
p_mcangle_it   1.833  2.0  ? ? 'X-RAY DIFFRACTION' ? 
p_scbond_it    2.214  3.0  ? ? 'X-RAY DIFFRACTION' ? 
p_scangle_it   3.274  4.5  ? ? 'X-RAY DIFFRACTION' ? 
p_bond_d       0.011  0.0  ? ? 'X-RAY DIFFRACTION' ? 
p_angle_deg    1.714  1.9  ? ? 'X-RAY DIFFRACTION' ? 
p_angle_d      1.714  1.9  ? ? 'X-RAY DIFFRACTION' ? 
p_planar_d     0.009  0.0  ? ? 'X-RAY DIFFRACTION' ? 
p_chiral_restr 0.118  0.02 ? ? 'X-RAY DIFFRACTION' ? 
p_singtor_nbd  4.972  3.0  ? ? 'X-RAY DIFFRACTION' ? 
p_multtor_nbd  13.761 15.0 ? ? 'X-RAY DIFFRACTION' ? 
# 
_refine_ls_shell.pdbx_total_number_of_bins_used   20 
_refine_ls_shell.d_res_high                       1.300 
_refine_ls_shell.d_res_low                        1.334 
_refine_ls_shell.number_reflns_R_work             866 
_refine_ls_shell.R_factor_R_work                  0.1710000 
_refine_ls_shell.percent_reflns_obs               ? 
_refine_ls_shell.R_factor_R_free                  0.1940000 
_refine_ls_shell.R_factor_R_free_error            ? 
_refine_ls_shell.percent_reflns_R_free            4.4 
_refine_ls_shell.number_reflns_R_free             38 
_refine_ls_shell.number_reflns_obs                ? 
_refine_ls_shell.redundancy_reflns_obs            ? 
_refine_ls_shell.number_reflns_all                ? 
_refine_ls_shell.pdbx_refine_id                   'X-RAY DIFFRACTION' 
_refine_ls_shell.R_factor_all                     ? 
# 
_struct.entry_id                  1JO8 
_struct.title                     'Structural analysis of the yeast actin binding protein Abp1 SH3 domain' 
_struct.pdbx_model_details        ? 
_struct.pdbx_CASP_flag            ? 
_struct.pdbx_model_type_details   ? 
# 
_struct_keywords.entry_id        1JO8 
_struct_keywords.pdbx_keywords   'STRUCTURAL PROTEIN' 
_struct_keywords.text            'SH3 domain Actin-binding-protein, STRUCTURAL PROTEIN' 
# 
loop_
_struct_asym.id 
_struct_asym.pdbx_blank_PDB_chainid_flag 
_struct_asym.pdbx_modified 
_struct_asym.entity_id 
_struct_asym.details 
A N N 1 ? 
B N N 2 ? 
C N N 2 ? 
D N N 3 ? 
# 
_struct_biol.id                    1 
_struct_biol.pdbx_parent_biol_id   ? 
_struct_biol.details               ? 
# 
_struct_sheet.id               A 
_struct_sheet.type             ? 
_struct_sheet.number_strands   5 
_struct_sheet.details          ? 
# 
loop_
_struct_sheet_order.sheet_id 
_struct_sheet_order.range_id_1 
_struct_sheet_order.range_id_2 
_struct_sheet_order.offset 
_struct_sheet_order.sense 
A 1 2 ? anti-parallel 
A 2 3 ? anti-parallel 
A 3 4 ? anti-parallel 
A 4 5 ? anti-parallel 
# 
loop_
_struct_sheet_range.sheet_id 
_struct_sheet_range.id 
_struct_sheet_range.beg_label_comp_id 
_struct_sheet_range.beg_label_asym_id 
_struct_sheet_range.beg_label_seq_id 
_struct_sheet_range.pdbx_beg_PDB_ins_code 
_struct_sheet_range.end_label_comp_id 
_struct_sheet_range.end_label_asym_id 
_struct_sheet_range.end_label_seq_id 
_struct_sheet_range.pdbx_end_PDB_ins_code 
_struct_sheet_range.beg_auth_comp_id 
_struct_sheet_range.beg_auth_asym_id 
_struct_sheet_range.beg_auth_seq_id 
_struct_sheet_range.end_auth_comp_id 
_struct_sheet_range.end_auth_asym_id 
_struct_sheet_range.end_auth_seq_id 
A 1 LYS A 46 ? PRO A 50 ? LYS A 46 PRO A 50 
A 2 TRP A 35 ? LEU A 40 ? TRP A 35 LEU A 40 
A 3 LYS A 24 ? GLU A 29 ? LYS A 24 GLU A 29 
A 4 ALA A 3  ? ALA A 5  ? ALA A 3  ALA A 5  
A 5 VAL A 54 ? LEU A 56 ? VAL A 54 LEU A 56 
# 
loop_
_pdbx_struct_sheet_hbond.sheet_id 
_pdbx_struct_sheet_hbond.range_id_1 
_pdbx_struct_sheet_hbond.range_id_2 
_pdbx_struct_sheet_hbond.range_1_label_atom_id 
_pdbx_struct_sheet_hbond.range_1_label_comp_id 
_pdbx_struct_sheet_hbond.range_1_label_asym_id 
_pdbx_struct_sheet_hbond.range_1_label_seq_id 
_pdbx_struct_sheet_hbond.range_1_PDB_ins_code 
_pdbx_struct_sheet_hbond.range_1_auth_atom_id 
_pdbx_struct_sheet_hbond.range_1_auth_comp_id 
_pdbx_struct_sheet_hbond.range_1_auth_asym_id 
_pdbx_struct_sheet_hbond.range_1_auth_seq_id 
_pdbx_struct_sheet_hbond.range_2_label_atom_id 
_pdbx_struct_sheet_hbond.range_2_label_comp_id 
_pdbx_struct_sheet_hbond.range_2_label_asym_id 
_pdbx_struct_sheet_hbond.range_2_label_seq_id 
_pdbx_struct_sheet_hbond.range_2_PDB_ins_code 
_pdbx_struct_sheet_hbond.range_2_auth_atom_id 
_pdbx_struct_sheet_hbond.range_2_auth_comp_id 
_pdbx_struct_sheet_hbond.range_2_auth_asym_id 
_pdbx_struct_sheet_hbond.range_2_auth_seq_id 
A 1 2 O PHE A 49 ? O PHE A 49 N TRP A 36 ? N TRP A 36 
A 2 3 O GLU A 39 ? O GLU A 39 N ILE A 26 ? N ILE A 26 
A 3 4 O ILE A 25 ? O ILE A 25 N ALA A 3  ? N ALA A 3  
A 4 5 N THR A 4  ? N THR A 4  O SER A 55 ? O SER A 55 
# 
loop_
_struct_site.id 
_struct_site.pdbx_evidence_code 
_struct_site.pdbx_auth_asym_id 
_struct_site.pdbx_auth_comp_id 
_struct_site.pdbx_auth_seq_id 
_struct_site.pdbx_auth_ins_code 
_struct_site.pdbx_num_residues 
_struct_site.details 
AC1 Software A SO4 400 ? 10 'BINDING SITE FOR RESIDUE SO4 A 400' 
AC2 Software A SO4 401 ? 9  'BINDING SITE FOR RESIDUE SO4 A 401' 
# 
loop_
_struct_site_gen.id 
_struct_site_gen.site_id 
_struct_site_gen.pdbx_num_res 
_struct_site_gen.label_comp_id 
_struct_site_gen.label_asym_id 
_struct_site_gen.label_seq_id 
_struct_site_gen.pdbx_auth_ins_code 
_struct_site_gen.auth_comp_id 
_struct_site_gen.auth_asym_id 
_struct_site_gen.auth_seq_id 
_struct_site_gen.label_atom_id 
_struct_site_gen.label_alt_id 
_struct_site_gen.symmetry 
_struct_site_gen.details 
1  AC1 10 PRO A 1  ? PRO A 1   . ? 4_565 ? 
2  AC1 10 SER A 45 ? SER A 45  . ? 4_465 ? 
3  AC1 10 HOH D .  ? HOH A 408 . ? 4_465 ? 
4  AC1 10 HOH D .  ? HOH A 411 . ? 1_555 ? 
5  AC1 10 HOH D .  ? HOH A 441 . ? 1_555 ? 
6  AC1 10 HOH D .  ? HOH A 446 . ? 1_555 ? 
7  AC1 10 HOH D .  ? HOH A 459 . ? 1_555 ? 
8  AC1 10 HOH D .  ? HOH A 467 . ? 1_555 ? 
9  AC1 10 HOH D .  ? HOH A 493 . ? 1_555 ? 
10 AC1 10 HOH D .  ? HOH A 497 . ? 1_555 ? 
11 AC2 9  GLU A 6  ? GLU A 6   . ? 1_555 ? 
12 AC2 9  ASN A 15 ? ASN A 15  . ? 3_555 ? 
13 AC2 9  SER A 55 ? SER A 55  . ? 1_555 ? 
14 AC2 9  HOH D .  ? HOH A 415 . ? 1_555 ? 
15 AC2 9  HOH D .  ? HOH A 433 . ? 1_555 ? 
16 AC2 9  HOH D .  ? HOH A 473 . ? 1_555 ? 
17 AC2 9  HOH D .  ? HOH A 484 . ? 1_555 ? 
18 AC2 9  HOH D .  ? HOH A 499 . ? 1_555 ? 
19 AC2 9  HOH D .  ? HOH A 518 . ? 1_555 ? 
# 
_atom_sites.entry_id                    1JO8 
_atom_sites.fract_transf_matrix[1][1]   0.01744406 
_atom_sites.fract_transf_matrix[1][2]   -0.03325371 
_atom_sites.fract_transf_matrix[1][3]   0.01773332 
_atom_sites.fract_transf_matrix[2][1]   -0.02189986 
_atom_sites.fract_transf_matrix[2][2]   -0.00413309 
_atom_sites.fract_transf_matrix[2][3]   0.01379222 
_atom_sites.fract_transf_matrix[3][1]   -0.00599157 
_atom_sites.fract_transf_matrix[3][2]   -0.00977916 
_atom_sites.fract_transf_matrix[3][3]   -0.01244416 
_atom_sites.fract_transf_vector[1]      0.011644 
_atom_sites.fract_transf_vector[2]      0.893656 
_atom_sites.fract_transf_vector[3]      0.155830 
# 
loop_
_atom_type.symbol 
C 
N 
O 
S 
# 
loop_
_atom_site.group_PDB 
_atom_site.id 
_atom_site.type_symbol 
_atom_site.label_atom_id 
_atom_site.label_alt_id 
_atom_site.label_comp_id 
_atom_site.label_asym_id 
_atom_site.label_entity_id 
_atom_site.label_seq_id 
_atom_site.pdbx_PDB_ins_code 
_atom_site.Cartn_x 
_atom_site.Cartn_y 
_atom_site.Cartn_z 
_atom_site.occupancy 
_atom_site.B_iso_or_equiv 
_atom_site.pdbx_formal_charge 
_atom_site.auth_seq_id 
_atom_site.auth_comp_id 
_atom_site.auth_asym_id 
_atom_site.auth_atom_id 
_atom_site.pdbx_PDB_model_num 
ATOM   1   N N   . PRO A 1 1  ? -0.521  9.970   -5.895  1.00 7.60  ? 1   PRO A N   1 
ATOM   2   C CA  . PRO A 1 1  ? -0.964  10.354  -4.543  1.00 6.77  ? 1   PRO A CA  1 
ATOM   3   C C   . PRO A 1 1  ? -0.393  9.386   -3.527  1.00 6.52  ? 1   PRO A C   1 
ATOM   4   O O   . PRO A 1 1  ? 0.243   8.386   -3.866  1.00 7.37  ? 1   PRO A O   1 
ATOM   5   C CB  . PRO A 1 1  ? -2.492  10.205  -4.645  1.00 7.51  ? 1   PRO A CB  1 
ATOM   6   C CG  . PRO A 1 1  ? -2.680  9.047   -5.526  1.00 8.99  ? 1   PRO A CG  1 
ATOM   7   C CD  . PRO A 1 1  ? -1.548  9.123   -6.527  1.00 8.54  ? 1   PRO A CD  1 
ATOM   8   N N   . TRP A 1 2  ? -0.559  9.723   -2.266  1.00 5.45  ? 2   TRP A N   1 
ATOM   9   C CA  . TRP A 1 2  ? -0.277  8.833   -1.151  1.00 5.54  ? 2   TRP A CA  1 
ATOM   10  C C   . TRP A 1 2  ? -1.576  8.493   -0.417  1.00 6.09  ? 2   TRP A C   1 
ATOM   11  O O   . TRP A 1 2  ? -2.604  9.126   -0.604  1.00 6.97  ? 2   TRP A O   1 
ATOM   12  C CB  . TRP A 1 2  ? 0.762   9.439   -0.205  1.00 6.37  ? 2   TRP A CB  1 
ATOM   13  C CG  . TRP A 1 2  ? 0.399   10.766  0.427   1.00 6.31  ? 2   TRP A CG  1 
ATOM   14  C CD1 . TRP A 1 2  ? 0.693   12.005  -0.055  1.00 6.86  ? 2   TRP A CD1 1 
ATOM   15  C CD2 . TRP A 1 2  ? -0.265  10.974  1.671   1.00 6.55  ? 2   TRP A CD2 1 
ATOM   16  N NE1 . TRP A 1 2  ? 0.241   12.963  0.811   1.00 7.35  ? 2   TRP A NE1 1 
ATOM   17  C CE2 . TRP A 1 2  ? -0.337  12.361  1.886   1.00 6.84  ? 2   TRP A CE2 1 
ATOM   18  C CE3 . TRP A 1 2  ? -0.771  10.126  2.651   1.00 8.59  ? 2   TRP A CE3 1 
ATOM   19  C CZ2 . TRP A 1 2  ? -0.943  12.917  3.016   1.00 9.24  ? 2   TRP A CZ2 1 
ATOM   20  C CZ3 . TRP A 1 2  ? -1.354  10.684  3.767   1.00 9.94  ? 2   TRP A CZ3 1 
ATOM   21  C CH2 . TRP A 1 2  ? -1.435  12.063  3.934   1.00 9.84  ? 2   TRP A CH2 1 
ATOM   22  N N   . ALA A 1 3  ? -1.503  7.472   0.414   1.00 5.71  ? 3   ALA A N   1 
ATOM   23  C CA  . ALA A 1 3  ? -2.649  6.974   1.136   1.00 5.63  ? 3   ALA A CA  1 
ATOM   24  C C   . ALA A 1 3  ? -2.272  6.512   2.528   1.00 5.99  ? 3   ALA A C   1 
ATOM   25  O O   . ALA A 1 3  ? -1.099  6.285   2.833   1.00 5.88  ? 3   ALA A O   1 
ATOM   26  C CB  . ALA A 1 3  ? -3.254  5.800   0.361   1.00 6.57  ? 3   ALA A CB  1 
ATOM   27  N N   . THR A 1 4  ? -3.282  6.354   3.365   1.00 6.66  ? 4   THR A N   1 
ATOM   28  C CA  . THR A 1 4  ? -3.128  5.856   4.727   1.00 7.41  ? 4   THR A CA  1 
ATOM   29  C C   . THR A 1 4  ? -3.793  4.487   4.810   1.00 6.54  ? 4   THR A C   1 
ATOM   30  O O   . THR A 1 4  ? -4.916  4.306   4.344   1.00 7.81  ? 4   THR A O   1 
ATOM   31  C CB  . THR A 1 4  ? -3.795  6.807   5.735   1.00 7.96  ? 4   THR A CB  1 
ATOM   32  O OG1 . THR A 1 4  ? -3.225  8.112   5.579   1.00 10.52 ? 4   THR A OG1 1 
ATOM   33  C CG2 . THR A 1 4  ? -3.515  6.371   7.155   1.00 9.93  ? 4   THR A CG2 1 
ATOM   34  N N   . ALA A 1 5  ? -3.079  3.512   5.349   1.00 6.35  ? 5   ALA A N   1 
ATOM   35  C CA  . ALA A 1 5  ? -3.643  2.186   5.521   1.00 6.50  ? 5   ALA A CA  1 
ATOM   36  C C   . ALA A 1 5  ? -4.784  2.219   6.517   1.00 6.95  ? 5   ALA A C   1 
ATOM   37  O O   . ALA A 1 5  ? -4.669  2.749   7.628   1.00 7.64  ? 5   ALA A O   1 
ATOM   38  C CB  . ALA A 1 5  ? -2.564  1.239   6.022   1.00 6.35  ? 5   ALA A CB  1 
ATOM   39  N N   . GLU A 1 6  ? -5.899  1.628   6.115   1.00 6.90  ? 6   GLU A N   1 
ATOM   40  C CA  . GLU A 1 6  ? -7.056  1.524   7.002   1.00 9.36  ? 6   GLU A CA  1 
ATOM   41  C C   . GLU A 1 6  ? -7.018  0.245   7.823   1.00 8.63  ? 6   GLU A C   1 
ATOM   42  O O   . GLU A 1 6  ? -7.620  0.196   8.899   1.00 8.82  ? 6   GLU A O   1 
ATOM   43  C CB  . GLU A 1 6  ? -8.320  1.515   6.164   1.00 11.24 ? 6   GLU A CB  1 
ATOM   44  C CG  A GLU A 1 6  ? -8.504  2.781   5.355   0.50 14.23 ? 6   GLU A CG  1 
ATOM   45  C CG  B GLU A 1 6  ? -8.636  2.838   5.495   0.50 13.59 ? 6   GLU A CG  1 
ATOM   46  C CD  A GLU A 1 6  ? -9.962  3.187   5.212   0.40 17.28 ? 6   GLU A CD  1 
ATOM   47  C CD  B GLU A 1 6  ? -9.344  3.800   6.430   0.60 15.91 ? 6   GLU A CD  1 
ATOM   48  O OE1 A GLU A 1 6  ? -10.852 2.367   5.512   0.50 19.23 ? 6   GLU A OE1 1 
ATOM   49  O OE1 B GLU A 1 6  ? -9.982  3.333   7.408   0.50 17.78 ? 6   GLU A OE1 1 
ATOM   50  O OE2 A GLU A 1 6  ? -10.222 4.324   4.785   0.40 19.82 ? 6   GLU A OE2 1 
ATOM   51  O OE2 B GLU A 1 6  ? -9.289  5.022   6.175   0.60 18.77 ? 6   GLU A OE2 1 
ATOM   52  N N   . TYR A 1 7  ? -6.330  -0.782  7.322   1.00 7.65  ? 7   TYR A N   1 
ATOM   53  C CA  . TYR A 1 7  ? -6.262  -2.086  7.974   1.00 8.15  ? 7   TYR A CA  1 
ATOM   54  C C   . TYR A 1 7  ? -4.862  -2.609  7.755   1.00 8.74  ? 7   TYR A C   1 
ATOM   55  O O   . TYR A 1 7  ? -4.226  -2.257  6.761   1.00 8.04  ? 7   TYR A O   1 
ATOM   56  C CB  . TYR A 1 7  ? -7.279  -3.074  7.367   1.00 8.97  ? 7   TYR A CB  1 
ATOM   57  C CG  . TYR A 1 7  ? -8.696  -2.562  7.399   1.00 9.43  ? 7   TYR A CG  1 
ATOM   58  C CD1 . TYR A 1 7  ? -9.367  -2.509  8.601   1.00 9.87  ? 7   TYR A CD1 1 
ATOM   59  C CD2 . TYR A 1 7  ? -9.333  -2.067  6.265   1.00 12.42 ? 7   TYR A CD2 1 
ATOM   60  C CE1 . TYR A 1 7  ? -10.662 -2.033  8.699   1.00 12.42 ? 7   TYR A CE1 1 
ATOM   61  C CE2 . TYR A 1 7  ? -10.640 -1.559  6.354   1.00 13.14 ? 7   TYR A CE2 1 
ATOM   62  C CZ  . TYR A 1 7  ? -11.276 -1.545  7.587   1.00 12.64 ? 7   TYR A CZ  1 
ATOM   63  O OH  . TYR A 1 7  ? -12.577 -1.073  7.712   1.00 17.13 ? 7   TYR A OH  1 
ATOM   64  N N   . ASP A 1 8  ? -4.400  -3.488  8.624   1.00 8.75  ? 8   ASP A N   1 
ATOM   65  C CA  . ASP A 1 8  ? -3.134  -4.173  8.428   1.00 8.45  ? 8   ASP A CA  1 
ATOM   66  C C   . ASP A 1 8  ? -3.233  -5.045  7.178   1.00 7.62  ? 8   ASP A C   1 
ATOM   67  O O   . ASP A 1 8  ? -4.288  -5.654  6.944   1.00 8.35  ? 8   ASP A O   1 
ATOM   68  C CB  . ASP A 1 8  ? -2.809  -5.143  9.583   1.00 9.70  ? 8   ASP A CB  1 
ATOM   69  C CG  . ASP A 1 8  ? -2.570  -4.502  10.920  1.00 12.30 ? 8   ASP A CG  1 
ATOM   70  O OD1 . ASP A 1 8  ? -2.587  -3.268  11.073  1.00 12.28 ? 8   ASP A OD1 1 
ATOM   71  O OD2 . ASP A 1 8  ? -2.356  -5.255  11.899  1.00 15.32 ? 8   ASP A OD2 1 
ATOM   72  N N   . TYR A 1 9  ? -2.156  -5.146  6.408   1.00 7.35  ? 9   TYR A N   1 
ATOM   73  C CA  . TYR A 1 9  ? -2.103  -6.052  5.264   1.00 6.98  ? 9   TYR A CA  1 
ATOM   74  C C   . TYR A 1 9  ? -0.833  -6.854  5.372   1.00 6.67  ? 9   TYR A C   1 
ATOM   75  O O   . TYR A 1 9  ? 0.261   -6.292  5.510   1.00 6.90  ? 9   TYR A O   1 
ATOM   76  C CB  . TYR A 1 9  ? -2.135  -5.346  3.899   1.00 6.90  ? 9   TYR A CB  1 
ATOM   77  C CG  . TYR A 1 9  ? -2.053  -6.367  2.791   1.00 7.63  ? 9   TYR A CG  1 
ATOM   78  C CD1 . TYR A 1 9  ? -3.128  -7.193  2.524   1.00 8.45  ? 9   TYR A CD1 1 
ATOM   79  C CD2 . TYR A 1 9  ? -0.885  -6.587  2.082   1.00 8.49  ? 9   TYR A CD2 1 
ATOM   80  C CE1 . TYR A 1 9  ? -3.061  -8.191  1.593   1.00 9.18  ? 9   TYR A CE1 1 
ATOM   81  C CE2 . TYR A 1 9  ? -0.814  -7.583  1.124   1.00 8.78  ? 9   TYR A CE2 1 
ATOM   82  C CZ  . TYR A 1 9  ? -1.890  -8.380  0.895   1.00 8.92  ? 9   TYR A CZ  1 
ATOM   83  O OH  . TYR A 1 9  ? -1.856  -9.415  -0.028  1.00 10.47 ? 9   TYR A OH  1 
ATOM   84  N N   . ASP A 1 10 ? -0.997  -8.165  5.346   1.00 6.88  ? 10  ASP A N   1 
ATOM   85  C CA  . ASP A 1 10 ? 0.134   -9.075  5.381   1.00 7.22  ? 10  ASP A CA  1 
ATOM   86  C C   . ASP A 1 10 ? 0.434   -9.610  3.995   1.00 7.29  ? 10  ASP A C   1 
ATOM   87  O O   . ASP A 1 10 ? -0.434  -10.228 3.367   1.00 7.50  ? 10  ASP A O   1 
ATOM   88  C CB  . ASP A 1 10 ? -0.179  -10.265 6.283   1.00 8.18  ? 10  ASP A CB  1 
ATOM   89  C CG  . ASP A 1 10 ? -0.224  -9.909  7.749   1.00 10.94 ? 10  ASP A CG  1 
ATOM   90  O OD1 . ASP A 1 10 ? 0.439   -8.956  8.169   1.00 11.12 ? 10  ASP A OD1 1 
ATOM   91  O OD2 . ASP A 1 10 ? -0.883  -10.592 8.562   1.00 16.04 ? 10  ASP A OD2 1 
ATOM   92  N N   . ALA A 1 11 ? 1.642   -9.406  3.507   1.00 6.74  ? 11  ALA A N   1 
ATOM   93  C CA  . ALA A 1 11 ? 1.995   -9.979  2.224   1.00 7.16  ? 11  ALA A CA  1 
ATOM   94  C C   . ALA A 1 11 ? 1.857   -11.490 2.245   1.00 7.39  ? 11  ALA A C   1 
ATOM   95  O O   . ALA A 1 11 ? 2.133   -12.143 3.239   1.00 7.95  ? 11  ALA A O   1 
ATOM   96  C CB  . ALA A 1 11 ? 3.425   -9.642  1.873   1.00 6.74  ? 11  ALA A CB  1 
ATOM   97  N N   . ALA A 1 12 ? 1.515   -12.042 1.091   1.00 8.05  ? 12  ALA A N   1 
ATOM   98  C CA  . ALA A 1 12 ? 1.492   -13.479 0.888   1.00 8.73  ? 12  ALA A CA  1 
ATOM   99  C C   . ALA A 1 12 ? 2.382   -13.862 -0.283  1.00 8.86  ? 12  ALA A C   1 
ATOM   100 O O   . ALA A 1 12 ? 2.489   -15.034 -0.619  1.00 9.55  ? 12  ALA A O   1 
ATOM   101 C CB  . ALA A 1 12 ? 0.063   -13.970 0.636   1.00 10.62 ? 12  ALA A CB  1 
ATOM   102 N N   . GLU A 1 13 ? 2.984   -12.879 -0.944  1.00 7.85  ? 13  GLU A N   1 
ATOM   103 C CA  . GLU A 1 13 ? 3.841   -13.132 -2.096  1.00 7.46  ? 13  GLU A CA  1 
ATOM   104 C C   . GLU A 1 13 ? 5.021   -12.189 -2.026  1.00 7.21  ? 13  GLU A C   1 
ATOM   105 O O   . GLU A 1 13 ? 4.935   -11.124 -1.403  1.00 7.02  ? 13  GLU A O   1 
ATOM   106 C CB  . GLU A 1 13 ? 3.110   -12.912 -3.435  1.00 8.89  ? 13  GLU A CB  1 
ATOM   107 C CG  . GLU A 1 13 ? 1.863   -13.728 -3.647  1.00 10.33 ? 13  GLU A CG  1 
ATOM   108 C CD  . GLU A 1 13 ? 2.103   -15.235 -3.719  1.00 13.00 ? 13  GLU A CD  1 
ATOM   109 O OE1 . GLU A 1 13 ? 3.243   -15.652 -4.016  1.00 13.76 ? 13  GLU A OE1 1 
ATOM   110 O OE2 . GLU A 1 13 ? 1.134   -15.983 -3.497  1.00 14.11 ? 13  GLU A OE2 1 
ATOM   111 N N   . ASP A 1 14 ? 6.093   -12.505 -2.750  1.00 7.63  ? 14  ASP A N   1 
ATOM   112 C CA  . ASP A 1 14 ? 7.302   -11.703 -2.714  1.00 8.76  ? 14  ASP A CA  1 
ATOM   113 C C   . ASP A 1 14 ? 7.134   -10.314 -3.298  1.00 9.01  ? 14  ASP A C   1 
ATOM   114 O O   . ASP A 1 14 ? 7.886   -9.418  -2.947  1.00 11.09 ? 14  ASP A O   1 
ATOM   115 C CB  . ASP A 1 14 ? 8.437   -12.392 -3.457  1.00 9.42  ? 14  ASP A CB  1 
ATOM   116 C CG  . ASP A 1 14 ? 8.881   -13.656 -2.786  1.00 10.23 ? 14  ASP A CG  1 
ATOM   117 O OD1 . ASP A 1 14 ? 8.899   -13.741 -1.534  1.00 8.98  ? 14  ASP A OD1 1 
ATOM   118 O OD2 . ASP A 1 14 ? 9.306   -14.620 -3.453  1.00 15.29 ? 14  ASP A OD2 1 
ATOM   119 N N   . ASN A 1 15 ? 6.136   -10.136 -4.164  1.00 8.79  ? 15  ASN A N   1 
ATOM   120 C CA  . ASN A 1 15 ? 5.921   -8.844  -4.824  1.00 8.82  ? 15  ASN A CA  1 
ATOM   121 C C   . ASN A 1 15 ? 4.949   -7.914  -4.093  1.00 8.51  ? 15  ASN A C   1 
ATOM   122 O O   . ASN A 1 15 ? 4.617   -6.855  -4.618  1.00 8.46  ? 15  ASN A O   1 
ATOM   123 C CB  . ASN A 1 15 ? 5.483   -9.045  -6.290  1.00 10.19 ? 15  ASN A CB  1 
ATOM   124 C CG  . ASN A 1 15 ? 4.138   -9.705  -6.418  1.00 11.89 ? 15  ASN A CG  1 
ATOM   125 O OD1 . ASN A 1 15 ? 3.455   -9.952  -5.461  1.00 12.59 ? 15  ASN A OD1 1 
ATOM   126 N ND2 . ASN A 1 15 ? 3.738   -9.993  -7.663  1.00 17.29 ? 15  ASN A ND2 1 
ATOM   127 N N   . GLU A 1 16 ? 4.543   -8.276  -2.875  1.00 7.57  ? 16  GLU A N   1 
ATOM   128 C CA  . GLU A 1 16 ? 3.557   -7.507  -2.121  1.00 7.24  ? 16  GLU A CA  1 
ATOM   129 C C   . GLU A 1 16 ? 4.176   -6.732  -0.979  1.00 6.99  ? 16  GLU A C   1 
ATOM   130 O O   . GLU A 1 16 ? 5.234   -7.093  -0.456  1.00 8.38  ? 16  GLU A O   1 
ATOM   131 C CB  . GLU A 1 16 ? 2.503   -8.452  -1.543  1.00 7.24  ? 16  GLU A CB  1 
ATOM   132 C CG  . GLU A 1 16 ? 1.655   -9.075  -2.630  1.00 7.98  ? 16  GLU A CG  1 
ATOM   133 C CD  . GLU A 1 16 ? 0.686   -10.113 -2.140  1.00 8.64  ? 16  GLU A CD  1 
ATOM   134 O OE1 . GLU A 1 16 ? 0.492   -10.213 -0.913  1.00 8.85  ? 16  GLU A OE1 1 
ATOM   135 O OE2 . GLU A 1 16 ? 0.106   -10.824 -2.990  1.00 9.78  ? 16  GLU A OE2 1 
ATOM   136 N N   . LEU A 1 17 ? 3.517   -5.634  -0.596  1.00 6.57  ? 17  LEU A N   1 
ATOM   137 C CA  . LEU A 1 17 ? 3.859   -4.906  0.625   1.00 6.27  ? 17  LEU A CA  1 
ATOM   138 C C   . LEU A 1 17 ? 3.257   -5.595  1.837   1.00 6.08  ? 17  LEU A C   1 
ATOM   139 O O   . LEU A 1 17 ? 2.298   -6.365  1.738   1.00 6.93  ? 17  LEU A O   1 
ATOM   140 C CB  . LEU A 1 17 ? 3.267   -3.501  0.587   1.00 7.48  ? 17  LEU A CB  1 
ATOM   141 C CG  . LEU A 1 17 ? 3.796   -2.529  -0.457  1.00 8.46  ? 17  LEU A CG  1 
ATOM   142 C CD1 . LEU A 1 17 ? 3.037   -1.209  -0.439  1.00 9.37  ? 17  LEU A CD1 1 
ATOM   143 C CD2 . LEU A 1 17 ? 5.240   -2.282  -0.181  1.00 8.23  ? 17  LEU A CD2 1 
ATOM   144 N N   . THR A 1 18 ? 3.822   -5.281  2.982   1.00 6.28  ? 18  THR A N   1 
ATOM   145 C CA  . THR A 1 18 ? 3.292   -5.615  4.294   1.00 6.87  ? 18  THR A CA  1 
ATOM   146 C C   . THR A 1 18 ? 3.221   -4.300  5.062   1.00 6.91  ? 18  THR A C   1 
ATOM   147 O O   . THR A 1 18 ? 4.185   -3.556  5.068   1.00 8.01  ? 18  THR A O   1 
ATOM   148 C CB  . THR A 1 18 ? 4.222   -6.594  5.029   1.00 7.69  ? 18  THR A CB  1 
ATOM   149 O OG1 . THR A 1 18 ? 4.188   -7.849  4.357   1.00 7.97  ? 18  THR A OG1 1 
ATOM   150 C CG2 . THR A 1 18 ? 3.779   -6.849  6.475   1.00 8.13  ? 18  THR A CG2 1 
ATOM   151 N N   . PHE A 1 19 ? 2.102   -3.996  5.698   1.00 6.26  ? 19  PHE A N   1 
ATOM   152 C CA  . PHE A 1 19 ? 1.972   -2.752  6.426   1.00 6.35  ? 19  PHE A CA  1 
ATOM   153 C C   . PHE A 1 19 ? 0.929   -2.891  7.499   1.00 7.12  ? 19  PHE A C   1 
ATOM   154 O O   . PHE A 1 19 ? 0.198   -3.869  7.510   1.00 7.24  ? 19  PHE A O   1 
ATOM   155 C CB  . PHE A 1 19 ? 1.686   -1.578  5.488   1.00 6.41  ? 19  PHE A CB  1 
ATOM   156 C CG  . PHE A 1 19 ? 0.493   -1.758  4.581   1.00 6.15  ? 19  PHE A CG  1 
ATOM   157 C CD1 . PHE A 1 19 ? -0.809  -1.612  5.040   1.00 6.72  ? 19  PHE A CD1 1 
ATOM   158 C CD2 . PHE A 1 19 ? 0.686   -2.002  3.235   1.00 7.45  ? 19  PHE A CD2 1 
ATOM   159 C CE1 . PHE A 1 19 ? -1.880  -1.725  4.178   1.00 6.74  ? 19  PHE A CE1 1 
ATOM   160 C CE2 . PHE A 1 19 ? -0.386  -2.111  2.371   1.00 8.93  ? 19  PHE A CE2 1 
ATOM   161 C CZ  . PHE A 1 19 ? -1.664  -1.984  2.847   1.00 7.66  ? 19  PHE A CZ  1 
ATOM   162 N N   . VAL A 1 20 ? 0.856   -1.902  8.388   1.00 7.20  ? 20  VAL A N   1 
ATOM   163 C CA  . VAL A 1 20 ? -0.142  -1.890  9.446   1.00 8.72  ? 20  VAL A CA  1 
ATOM   164 C C   . VAL A 1 20 ? -1.008  -0.651  9.322   1.00 8.63  ? 20  VAL A C   1 
ATOM   165 O O   . VAL A 1 20 ? -0.628  0.322   8.677   1.00 8.07  ? 20  VAL A O   1 
ATOM   166 C CB  . VAL A 1 20 ? 0.491   -1.969  10.857  1.00 10.02 ? 20  VAL A CB  1 
ATOM   167 C CG1 . VAL A 1 20 ? 1.138   -3.333  11.057  1.00 11.51 ? 20  VAL A CG1 1 
ATOM   168 C CG2 . VAL A 1 20 ? 1.486   -0.852  11.072  1.00 11.83 ? 20  VAL A CG2 1 
ATOM   169 N N   . GLU A 1 21 ? -2.176  -0.696  9.947   1.00 8.47  ? 21  GLU A N   1 
ATOM   170 C CA  . GLU A 1 21 ? -3.097  0.413   9.994   1.00 9.78  ? 21  GLU A CA  1 
ATOM   171 C C   . GLU A 1 21 ? -2.319  1.677   10.345  1.00 9.17  ? 21  GLU A C   1 
ATOM   172 O O   . GLU A 1 21 ? -1.474  1.684   11.246  1.00 9.31  ? 21  GLU A O   1 
ATOM   173 C CB  . GLU A 1 21 ? -4.164  0.148   11.074  1.00 11.37 ? 21  GLU A CB  1 
ATOM   174 C CG  A GLU A 1 21 ? -5.459  -0.574  10.728  0.40 13.77 ? 21  GLU A CG  1 
ATOM   175 C CG  B GLU A 1 21 ? -5.329  1.147   11.003  0.60 12.38 ? 21  GLU A CG  1 
ATOM   176 C CD  A GLU A 1 21 ? -6.497  -0.674  11.831  0.40 16.76 ? 21  GLU A CD  1 
ATOM   177 C CD  B GLU A 1 21 ? -6.344  1.023   12.128  0.60 17.13 ? 21  GLU A CD  1 
ATOM   178 O OE1 A GLU A 1 21 ? -6.339  -0.049  12.897  0.50 20.68 ? 21  GLU A OE1 1 
ATOM   179 O OE1 B GLU A 1 21 ? -6.235  0.064   12.907  0.50 20.63 ? 21  GLU A OE1 1 
ATOM   180 O OE2 A GLU A 1 21 ? -7.504  -1.389  11.598  0.35 17.16 ? 21  GLU A OE2 1 
ATOM   181 O OE2 B GLU A 1 21 ? -7.251  1.883   12.225  0.65 19.20 ? 21  GLU A OE2 1 
ATOM   182 N N   . ASN A 1 22 ? -2.636  2.752   9.643   1.00 7.82  ? 22  ASN A N   1 
ATOM   183 C CA  . ASN A 1 22 ? -2.027  4.062   9.804   1.00 8.86  ? 22  ASN A CA  1 
ATOM   184 C C   . ASN A 1 22 ? -0.692  4.276   9.144   1.00 8.53  ? 22  ASN A C   1 
ATOM   185 O O   . ASN A 1 22 ? -0.259  5.407   9.042   1.00 9.40  ? 22  ASN A O   1 
ATOM   186 C CB  . ASN A 1 22 ? -2.030  4.534   11.236  1.00 10.20 ? 22  ASN A CB  1 
ATOM   187 C CG  A ASN A 1 22 ? -3.276  5.269   11.553  0.50 12.87 ? 22  ASN A CG  1 
ATOM   188 C CG  B ASN A 1 22 ? -3.424  4.771   11.730  0.50 13.00 ? 22  ASN A CG  1 
ATOM   189 O OD1 A ASN A 1 22 ? -4.228  4.736   12.125  0.40 15.73 ? 22  ASN A OD1 1 
ATOM   190 O OD1 B ASN A 1 22 ? -4.294  5.246   10.980  0.60 14.46 ? 22  ASN A OD1 1 
ATOM   191 N ND2 A ASN A 1 22 ? -3.322  6.510   11.080  0.45 13.96 ? 22  ASN A ND2 1 
ATOM   192 N ND2 B ASN A 1 22 ? -3.676  4.387   12.975  0.55 15.52 ? 22  ASN A ND2 1 
ATOM   193 N N   . ASP A 1 23 ? -0.077  3.234   8.616   1.00 7.40  ? 23  ASP A N   1 
ATOM   194 C CA  . ASP A 1 23 ? 1.112   3.444   7.801   1.00 6.99  ? 23  ASP A CA  1 
ATOM   195 C C   . ASP A 1 23 ? 0.715   4.166   6.522   1.00 6.66  ? 23  ASP A C   1 
ATOM   196 O O   . ASP A 1 23 ? -0.372  3.961   6.000   1.00 7.11  ? 23  ASP A O   1 
ATOM   197 C CB  . ASP A 1 23 ? 1.754   2.115   7.399   1.00 7.04  ? 23  ASP A CB  1 
ATOM   198 C CG  . ASP A 1 23 ? 2.487   1.430   8.496   1.00 8.87  ? 23  ASP A CG  1 
ATOM   199 O OD1 . ASP A 1 23 ? 2.746   2.048   9.561   1.00 9.66  ? 23  ASP A OD1 1 
ATOM   200 O OD2 . ASP A 1 23 ? 2.853   0.234   8.298   1.00 8.52  ? 23  ASP A OD2 1 
ATOM   201 N N   . LYS A 1 24 ? 1.603   4.994   6.005   1.00 5.82  ? 24  LYS A N   1 
ATOM   202 C CA  . LYS A 1 24 ? 1.394   5.679   4.746   1.00 5.68  ? 24  LYS A CA  1 
ATOM   203 C C   . LYS A 1 24 ? 2.061   4.943   3.585   1.00 5.45  ? 24  LYS A C   1 
ATOM   204 O O   . LYS A 1 24 ? 3.144   4.378   3.733   1.00 5.89  ? 24  LYS A O   1 
ATOM   205 C CB  . LYS A 1 24 ? 1.923   7.103   4.828   1.00 5.88  ? 24  LYS A CB  1 
ATOM   206 C CG  . LYS A 1 24 ? 1.106   7.977   5.753   1.00 7.46  ? 24  LYS A CG  1 
ATOM   207 C CD  . LYS A 1 24 ? 1.693   9.395   5.764   1.00 9.20  ? 24  LYS A CD  1 
ATOM   208 C CE  . LYS A 1 24 ? 0.876   10.352  6.628   1.00 11.11 ? 24  LYS A CE  1 
ATOM   209 N NZ  . LYS A 1 24 ? 1.496   11.729  6.657   1.00 14.07 ? 24  LYS A NZ  1 
ATOM   210 N N   . ILE A 1 25 ? 1.365   4.895   2.462   1.00 5.29  ? 25  ILE A N   1 
ATOM   211 C CA  . ILE A 1 25 ? 1.855   4.273   1.239   1.00 6.23  ? 25  ILE A CA  1 
ATOM   212 C C   . ILE A 1 25 ? 1.916   5.426   0.244   1.00 6.21  ? 25  ILE A C   1 
ATOM   213 O O   . ILE A 1 25 ? 0.919   6.111   0.018   1.00 7.02  ? 25  ILE A O   1 
ATOM   214 C CB  . ILE A 1 25 ? 0.904   3.184   0.738   1.00 6.59  ? 25  ILE A CB  1 
ATOM   215 C CG1 . ILE A 1 25 ? 0.840   2.022   1.705   1.00 8.31  ? 25  ILE A CG1 1 
ATOM   216 C CG2 . ILE A 1 25 ? 1.425   2.673   -0.605  1.00 7.77  ? 25  ILE A CG2 1 
ATOM   217 C CD1 A ILE A 1 25 ? -0.283  1.091   1.588   0.35 8.00  ? 25  ILE A CD1 1 
ATOM   218 C CD1 B ILE A 1 25 ? -0.142  2.117   2.871   0.65 8.46  ? 25  ILE A CD1 1 
ATOM   219 N N   . ILE A 1 26 ? 3.077   5.639   -0.349  1.00 6.10  ? 26  ILE A N   1 
ATOM   220 C CA  . ILE A 1 26 ? 3.331   6.795   -1.190  1.00 6.25  ? 26  ILE A CA  1 
ATOM   221 C C   . ILE A 1 26 ? 3.599   6.402   -2.636  1.00 6.05  ? 26  ILE A C   1 
ATOM   222 O O   . ILE A 1 26 ? 3.841   5.229   -2.959  1.00 5.99  ? 26  ILE A O   1 
ATOM   223 C CB  . ILE A 1 26 ? 4.497   7.654   -0.619  1.00 6.92  ? 26  ILE A CB  1 
ATOM   224 C CG1 . ILE A 1 26 ? 5.842   6.978   -0.822  1.00 7.53  ? 26  ILE A CG1 1 
ATOM   225 C CG2 . ILE A 1 26 ? 4.264   7.960   0.859   1.00 8.23  ? 26  ILE A CG2 1 
ATOM   226 C CD1 . ILE A 1 26 ? 7.014   7.903   -0.469  1.00 9.98  ? 26  ILE A CD1 1 
ATOM   227 N N   . ASN A 1 27 ? 3.553   7.383   -3.524  1.00 6.44  ? 27  ASN A N   1 
ATOM   228 C CA  . ASN A 1 27 ? 3.812   7.179   -4.950  1.00 7.13  ? 27  ASN A CA  1 
ATOM   229 C C   . ASN A 1 27 ? 2.978   6.037   -5.497  1.00 6.93  ? 27  ASN A C   1 
ATOM   230 O O   . ASN A 1 27 ? 3.469   5.143   -6.193  1.00 7.30  ? 27  ASN A O   1 
ATOM   231 C CB  . ASN A 1 27 ? 5.285   6.945   -5.232  1.00 8.82  ? 27  ASN A CB  1 
ATOM   232 C CG  A ASN A 1 27 ? 5.672   7.206   -6.721  0.50 10.53 ? 27  ASN A CG  1 
ATOM   233 C CG  B ASN A 1 27 ? 6.153   8.130   -4.801  0.50 10.17 ? 27  ASN A CG  1 
ATOM   234 O OD1 A ASN A 1 27 ? 4.949   7.882   -7.470  0.50 13.05 ? 27  ASN A OD1 1 
ATOM   235 O OD1 B ASN A 1 27 ? 5.744   9.279   -4.938  0.50 14.14 ? 27  ASN A OD1 1 
ATOM   236 N ND2 A ASN A 1 27 ? 6.692   6.493   -7.188  0.50 12.70 ? 27  ASN A ND2 1 
ATOM   237 N ND2 B ASN A 1 27 ? 7.273   7.846   -4.140  0.50 11.89 ? 27  ASN A ND2 1 
ATOM   238 N N   . ILE A 1 28 ? 1.688   6.101   -5.233  1.00 5.87  ? 28  ILE A N   1 
ATOM   239 C CA  . ILE A 1 28 ? 0.798   5.055   -5.690  1.00 6.09  ? 28  ILE A CA  1 
ATOM   240 C C   . ILE A 1 28 ? 0.632   5.107   -7.200  1.00 5.73  ? 28  ILE A C   1 
ATOM   241 O O   . ILE A 1 28 ? 0.472   6.172   -7.792  1.00 6.24  ? 28  ILE A O   1 
ATOM   242 C CB  . ILE A 1 28 ? -0.545  5.170   -4.980  1.00 5.99  ? 28  ILE A CB  1 
ATOM   243 C CG1 . ILE A 1 28 ? -0.328  4.813   -3.513  1.00 7.65  ? 28  ILE A CG1 1 
ATOM   244 C CG2 . ILE A 1 28 ? -1.616  4.273   -5.613  1.00 6.79  ? 28  ILE A CG2 1 
ATOM   245 C CD1 . ILE A 1 28 ? -1.452  5.170   -2.592  1.00 8.28  ? 28  ILE A CD1 1 
ATOM   246 N N   . GLU A 1 29 ? 0.695   3.928   -7.800  1.00 5.64  ? 29  GLU A N   1 
ATOM   247 C CA  . GLU A 1 29 ? 0.534   3.738   -9.224  1.00 6.17  ? 29  GLU A CA  1 
ATOM   248 C C   . GLU A 1 29 ? -0.636  2.792   -9.417  1.00 5.91  ? 29  GLU A C   1 
ATOM   249 O O   . GLU A 1 29 ? -0.670  1.697   -8.855  1.00 5.57  ? 29  GLU A O   1 
ATOM   250 C CB  . GLU A 1 29 ? 1.846   3.225   -9.839  1.00 7.45  ? 29  GLU A CB  1 
ATOM   251 C CG  . GLU A 1 29 ? 2.905   4.333   -9.737  1.00 11.89 ? 29  GLU A CG  1 
ATOM   252 C CD  A GLU A 1 29 ? 2.907   5.328   -10.855 0.50 14.15 ? 29  GLU A CD  1 
ATOM   253 C CD  B GLU A 1 29 ? 4.279   4.056   -10.350 0.50 14.47 ? 29  GLU A CD  1 
ATOM   254 O OE1 A GLU A 1 29 ? 2.228   5.083   -11.869 0.30 15.48 ? 29  GLU A OE1 1 
ATOM   255 O OE1 B GLU A 1 29 ? 4.721   2.902   -10.250 0.70 16.62 ? 29  GLU A OE1 1 
ATOM   256 O OE2 A GLU A 1 29 ? 3.436   6.436   -10.638 0.45 17.38 ? 29  GLU A OE2 1 
ATOM   257 O OE2 B GLU A 1 29 ? 4.972   4.984   -10.818 0.55 17.45 ? 29  GLU A OE2 1 
ATOM   258 N N   . PHE A 1 30 ? -1.622  3.239   -10.190 1.00 5.32  ? 30  PHE A N   1 
ATOM   259 C CA  . PHE A 1 30 ? -2.884  2.532   -10.337 1.00 5.48  ? 30  PHE A CA  1 
ATOM   260 C C   . PHE A 1 30 ? -2.746  1.486   -11.433 1.00 6.20  ? 30  PHE A C   1 
ATOM   261 O O   . PHE A 1 30 ? -3.379  1.565   -12.483 1.00 7.84  ? 30  PHE A O   1 
ATOM   262 C CB  . PHE A 1 30 ? -3.995  3.542   -10.632 1.00 6.41  ? 30  PHE A CB  1 
ATOM   263 C CG  . PHE A 1 30 ? -4.229  4.505   -9.492  1.00 6.56  ? 30  PHE A CG  1 
ATOM   264 C CD1 . PHE A 1 30 ? -5.025  4.170   -8.421  1.00 8.13  ? 30  PHE A CD1 1 
ATOM   265 C CD2 . PHE A 1 30 ? -3.613  5.725   -9.485  1.00 7.74  ? 30  PHE A CD2 1 
ATOM   266 C CE1 . PHE A 1 30 ? -5.222  5.056   -7.388  1.00 9.21  ? 30  PHE A CE1 1 
ATOM   267 C CE2 . PHE A 1 30 ? -3.810  6.632   -8.432  1.00 8.99  ? 30  PHE A CE2 1 
ATOM   268 C CZ  . PHE A 1 30 ? -4.611  6.275   -7.388  1.00 9.14  ? 30  PHE A CZ  1 
ATOM   269 N N   . VAL A 1 31 ? -1.976  0.449   -11.154 1.00 6.19  ? 31  VAL A N   1 
ATOM   270 C CA  . VAL A 1 31 ? -1.650  -0.546  -12.174 1.00 6.86  ? 31  VAL A CA  1 
ATOM   271 C C   . VAL A 1 31 ? -2.786  -1.496  -12.487 1.00 7.89  ? 31  VAL A C   1 
ATOM   272 O O   . VAL A 1 31 ? -2.786  -2.085  -13.552 1.00 8.33  ? 31  VAL A O   1 
ATOM   273 C CB  . VAL A 1 31 ? -0.393  -1.374  -11.799 1.00 7.64  ? 31  VAL A CB  1 
ATOM   274 C CG1 . VAL A 1 31 ? 0.841   -0.485  -11.757 1.00 8.23  ? 31  VAL A CG1 1 
ATOM   275 C CG2 . VAL A 1 31 ? -0.582  -2.104  -10.485 1.00 7.68  ? 31  VAL A CG2 1 
ATOM   276 N N   . ASP A 1 32 ? -3.755  -1.621  -11.592 1.00 8.42  ? 32  ASP A N   1 
ATOM   277 C CA  . ASP A 1 32 ? -4.897  -2.506  -11.763 1.00 9.71  ? 32  ASP A CA  1 
ATOM   278 C C   . ASP A 1 32 ? -6.046  -1.904  -10.958 1.00 10.56 ? 32  ASP A C   1 
ATOM   279 O O   . ASP A 1 32 ? -5.827  -0.995  -10.172 1.00 11.17 ? 32  ASP A O   1 
ATOM   280 C CB  . ASP A 1 32 ? -4.511  -3.905  -11.274 1.00 11.06 ? 32  ASP A CB  1 
ATOM   281 C CG  A ASP A 1 32 ? -5.453  -4.980  -11.795 0.40 12.67 ? 32  ASP A CG  1 
ATOM   282 C CG  B ASP A 1 32 ? -5.633  -4.891  -11.381 0.60 12.57 ? 32  ASP A CG  1 
ATOM   283 O OD1 A ASP A 1 32 ? -5.081  -6.172  -11.754 0.40 14.68 ? 32  ASP A OD1 1 
ATOM   284 O OD1 B ASP A 1 32 ? -5.892  -5.364  -12.518 0.60 14.77 ? 32  ASP A OD1 1 
ATOM   285 O OD2 A ASP A 1 32 ? -6.546  -4.722  -12.342 0.35 13.86 ? 32  ASP A OD2 1 
ATOM   286 O OD2 B ASP A 1 32 ? -6.291  -5.246  -10.365 0.65 14.52 ? 32  ASP A OD2 1 
ATOM   287 N N   . ASP A 1 33 ? -7.275  -2.404  -11.157 1.00 11.97 ? 33  ASP A N   1 
ATOM   288 C CA  . ASP A 1 33 ? -8.440  -1.914  -10.427 1.00 14.00 ? 33  ASP A CA  1 
ATOM   289 C C   . ASP A 1 33 ? -8.379  -2.297  -8.955  1.00 13.02 ? 33  ASP A C   1 
ATOM   290 O O   . ASP A 1 33 ? -8.758  -1.524  -8.088  1.00 15.46 ? 33  ASP A O   1 
ATOM   291 C CB  . ASP A 1 33 ? -9.743  -2.524  -10.974 1.00 15.44 ? 33  ASP A CB  1 
ATOM   292 C CG  . ASP A 1 33 ? -10.108 -2.032  -12.340 1.00 19.76 ? 33  ASP A CG  1 
ATOM   293 O OD1 . ASP A 1 33 ? -9.666  -0.950  -12.756 1.00 23.13 ? 33  ASP A OD1 1 
ATOM   294 O OD2 . ASP A 1 33 ? -10.888 -2.683  -13.061 1.00 23.90 ? 33  ASP A OD2 1 
ATOM   295 N N   . ASP A 1 34 ? -7.930  -3.516  -8.675  1.00 10.91 ? 34  ASP A N   1 
ATOM   296 C CA  . ASP A 1 34 ? -7.971  -4.088  -7.329  1.00 11.19 ? 34  ASP A CA  1 
ATOM   297 C C   . ASP A 1 34 ? -6.632  -4.132  -6.611  1.00 9.76  ? 34  ASP A C   1 
ATOM   298 O O   . ASP A 1 34 ? -6.578  -4.351  -5.394  1.00 10.12 ? 34  ASP A O   1 
ATOM   299 C CB  . ASP A 1 34 ? -8.552  -5.509  -7.410  1.00 12.76 ? 34  ASP A CB  1 
ATOM   300 C CG  . ASP A 1 34 ? -9.927  -5.510  -8.011  1.00 15.87 ? 34  ASP A CG  1 
ATOM   301 O OD1 . ASP A 1 34 ? -10.756 -4.731  -7.504  1.00 15.30 ? 34  ASP A OD1 1 
ATOM   302 O OD2 . ASP A 1 34 ? -10.256 -6.194  -9.010  1.00 20.03 ? 34  ASP A OD2 1 
ATOM   303 N N   . TRP A 1 35 ? -5.563  -3.976  -7.369  1.00 8.22  ? 35  TRP A N   1 
ATOM   304 C CA  . TRP A 1 35 ? -4.223  -4.037  -6.832  1.00 7.23  ? 35  TRP A CA  1 
ATOM   305 C C   . TRP A 1 35 ? -3.474  -2.815  -7.323  1.00 6.08  ? 35  TRP A C   1 
ATOM   306 O O   . TRP A 1 35 ? -3.477  -2.537  -8.526  1.00 6.76  ? 35  TRP A O   1 
ATOM   307 C CB  . TRP A 1 35 ? -3.519  -5.294  -7.324  1.00 8.14  ? 35  TRP A CB  1 
ATOM   308 C CG  . TRP A 1 35 ? -4.058  -6.541  -6.718  1.00 9.57  ? 35  TRP A CG  1 
ATOM   309 C CD1 . TRP A 1 35 ? -5.108  -7.286  -7.159  1.00 11.05 ? 35  TRP A CD1 1 
ATOM   310 C CD2 . TRP A 1 35 ? -3.602  -7.153  -5.515  1.00 10.08 ? 35  TRP A CD2 1 
ATOM   311 N NE1 . TRP A 1 35 ? -5.317  -8.346  -6.308  1.00 11.63 ? 35  TRP A NE1 1 
ATOM   312 C CE2 . TRP A 1 35 ? -4.396  -8.297  -5.294  1.00 10.12 ? 35  TRP A CE2 1 
ATOM   313 C CE3 . TRP A 1 35 ? -2.563  -6.890  -4.634  1.00 9.40  ? 35  TRP A CE3 1 
ATOM   314 C CZ2 . TRP A 1 35 ? -4.193  -9.148  -4.198  1.00 11.25 ? 35  TRP A CZ2 1 
ATOM   315 C CZ3 . TRP A 1 35 ? -2.360  -7.746  -3.570  1.00 10.40 ? 35  TRP A CZ3 1 
ATOM   316 C CH2 . TRP A 1 35 ? -3.164  -8.855  -3.364  1.00 10.87 ? 35  TRP A CH2 1 
ATOM   317 N N   . TRP A 1 36 ? -2.837  -2.102  -6.398  1.00 5.77  ? 36  TRP A N   1 
ATOM   318 C CA  . TRP A 1 36 ? -2.060  -0.934  -6.709  1.00 5.47  ? 36  TRP A CA  1 
ATOM   319 C C   . TRP A 1 36 ? -0.624  -1.203  -6.314  1.00 5.53  ? 36  TRP A C   1 
ATOM   320 O O   . TRP A 1 36 ? -0.337  -2.091  -5.524  1.00 5.80  ? 36  TRP A O   1 
ATOM   321 C CB  . TRP A 1 36 ? -2.567  0.308   -5.994  1.00 6.34  ? 36  TRP A CB  1 
ATOM   322 C CG  . TRP A 1 36 ? -3.971  0.705   -6.377  1.00 6.33  ? 36  TRP A CG  1 
ATOM   323 C CD1 . TRP A 1 36 ? -4.646  0.323   -7.496  1.00 7.25  ? 36  TRP A CD1 1 
ATOM   324 C CD2 . TRP A 1 36 ? -4.857  1.569   -5.653  1.00 7.27  ? 36  TRP A CD2 1 
ATOM   325 N NE1 . TRP A 1 36 ? -5.895  0.902   -7.520  1.00 7.40  ? 36  TRP A NE1 1 
ATOM   326 C CE2 . TRP A 1 36 ? -6.053  1.665   -6.399  1.00 8.12  ? 36  TRP A CE2 1 
ATOM   327 C CE3 . TRP A 1 36 ? -4.770  2.258   -4.454  1.00 8.93  ? 36  TRP A CE3 1 
ATOM   328 C CZ2 . TRP A 1 36 ? -7.130  2.429   -5.989  1.00 9.92  ? 36  TRP A CZ2 1 
ATOM   329 C CZ3 . TRP A 1 36 ? -5.856  3.037   -4.060  1.00 9.93  ? 36  TRP A CZ3 1 
ATOM   330 C CH2 . TRP A 1 36 ? -7.012  3.100   -4.820  1.00 10.03 ? 36  TRP A CH2 1 
ATOM   331 N N   . LEU A 1 37 ? 0.274   -0.429  -6.890  1.00 5.02  ? 37  LEU A N   1 
ATOM   332 C CA  . LEU A 1 37 ? 1.673   -0.467  -6.547  1.00 5.22  ? 37  LEU A CA  1 
ATOM   333 C C   . LEU A 1 37 ? 1.999   0.779   -5.711  1.00 5.56  ? 37  LEU A C   1 
ATOM   334 O O   . LEU A 1 37 ? 1.536   1.871   -6.043  1.00 6.54  ? 37  LEU A O   1 
ATOM   335 C CB  . LEU A 1 37 ? 2.490   -0.424  -7.807  1.00 6.36  ? 37  LEU A CB  1 
ATOM   336 C CG  A LEU A 1 37 ? 3.999   -0.478  -7.817  0.55 6.26  ? 37  LEU A CG  1 
ATOM   337 C CG  B LEU A 1 37 ? 3.046   -1.652  -8.543  0.45 7.37  ? 37  LEU A CG  1 
ATOM   338 C CD1 A LEU A 1 37 ? 4.621   -1.597  -7.048  0.55 6.65  ? 37  LEU A CD1 1 
ATOM   339 C CD1 B LEU A 1 37 ? 4.054   -1.247  -9.607  0.45 7.87  ? 37  LEU A CD1 1 
ATOM   340 C CD2 A LEU A 1 37 ? 4.540   -0.345  -9.229  0.55 6.98  ? 37  LEU A CD2 1 
ATOM   341 C CD2 B LEU A 1 37 ? 3.664   -2.668  -7.622  0.45 8.00  ? 37  LEU A CD2 1 
ATOM   342 N N   . GLY A 1 38 ? 2.801   0.629   -4.674  1.00 5.03  ? 38  GLY A N   1 
ATOM   343 C CA  . GLY A 1 38 ? 3.208   1.784   -3.912  1.00 5.89  ? 38  GLY A CA  1 
ATOM   344 C C   . GLY A 1 38 ? 4.469   1.520   -3.123  1.00 5.33  ? 38  GLY A C   1 
ATOM   345 O O   . GLY A 1 38 ? 5.035   0.425   -3.180  1.00 5.70  ? 38  GLY A O   1 
ATOM   346 N N   . GLU A 1 39 ? 4.874   2.532   -2.380  1.00 5.92  ? 39  GLU A N   1 
ATOM   347 C CA  . GLU A 1 39 ? 6.087   2.517   -1.590  1.00 5.49  ? 39  GLU A CA  1 
ATOM   348 C C   . GLU A 1 39 ? 5.752   2.859   -0.148  1.00 4.99  ? 39  GLU A C   1 
ATOM   349 O O   . GLU A 1 39 ? 5.030   3.814   0.119   1.00 6.30  ? 39  GLU A O   1 
ATOM   350 C CB  . GLU A 1 39 ? 7.054   3.545   -2.154  1.00 6.07  ? 39  GLU A CB  1 
ATOM   351 C CG  . GLU A 1 39 ? 8.292   3.770   -1.307  1.00 7.22  ? 39  GLU A CG  1 
ATOM   352 C CD  . GLU A 1 39 ? 9.191   4.894   -1.803  1.00 9.03  ? 39  GLU A CD  1 
ATOM   353 O OE1 . GLU A 1 39 ? 9.019   5.304   -2.974  1.00 11.05 ? 39  GLU A OE1 1 
ATOM   354 O OE2 . GLU A 1 39 ? 10.100  5.311   -1.035  1.00 10.03 ? 39  GLU A OE2 1 
ATOM   355 N N   . LEU A 1 40 ? 6.261   2.114   0.814   1.00 5.51  ? 40  LEU A N   1 
ATOM   356 C CA  . LEU A 1 40 ? 6.002   2.511   2.190   1.00 5.91  ? 40  LEU A CA  1 
ATOM   357 C C   . LEU A 1 40 ? 6.771   3.754   2.581   1.00 6.06  ? 40  LEU A C   1 
ATOM   358 O O   . LEU A 1 40 ? 7.991   3.823   2.407   1.00 5.70  ? 40  LEU A O   1 
ATOM   359 C CB  . LEU A 1 40 ? 6.345   1.416   3.175   1.00 7.52  ? 40  LEU A CB  1 
ATOM   360 C CG  . LEU A 1 40 ? 5.556   0.122   3.060   1.00 9.49  ? 40  LEU A CG  1 
ATOM   361 C CD1 . LEU A 1 40 ? 5.892   -0.819  4.219   1.00 11.52 ? 40  LEU A CD1 1 
ATOM   362 C CD2 . LEU A 1 40 ? 4.087   0.349   2.967   1.00 12.86 ? 40  LEU A CD2 1 
ATOM   363 N N   . GLU A 1 41 ? 6.082   4.707   3.193   1.00 5.61  ? 41  GLU A N   1 
ATOM   364 C CA  . GLU A 1 41 ? 6.767   5.853   3.746   1.00 6.22  ? 41  GLU A CA  1 
ATOM   365 C C   . GLU A 1 41 ? 7.820   5.410   4.767   1.00 5.62  ? 41  GLU A C   1 
ATOM   366 O O   . GLU A 1 41 ? 8.904   6.003   4.872   1.00 6.64  ? 41  GLU A O   1 
ATOM   367 C CB  . GLU A 1 41 ? 5.743   6.758   4.454   1.00 6.53  ? 41  GLU A CB  1 
ATOM   368 C CG  . GLU A 1 41 ? 6.375   7.949   5.147   1.00 7.80  ? 41  GLU A CG  1 
ATOM   369 C CD  A GLU A 1 41 ? 6.795   7.714   6.581   0.50 10.11 ? 41  GLU A CD  1 
ATOM   370 C CD  B GLU A 1 41 ? 5.535   8.600   6.260   0.50 9.36  ? 41  GLU A CD  1 
ATOM   371 O OE1 A GLU A 1 41 ? 6.406   6.693   7.152   0.45 10.08 ? 41  GLU A OE1 1 
ATOM   372 O OE1 B GLU A 1 41 ? 4.604   7.974   6.805   0.55 9.57  ? 41  GLU A OE1 1 
ATOM   373 O OE2 A GLU A 1 41 ? 7.638   8.474   7.103   0.50 13.21 ? 41  GLU A OE2 1 
ATOM   374 O OE2 B GLU A 1 41 ? 5.794   9.790   6.558   0.50 11.77 ? 41  GLU A OE2 1 
ATOM   375 N N   . LYS A 1 42 ? 7.510   4.398   5.561   1.00 5.59  ? 42  LYS A N   1 
ATOM   376 C CA  . LYS A 1 42 ? 8.388   4.128   6.700   1.00 5.98  ? 42  LYS A CA  1 
ATOM   377 C C   . LYS A 1 42 ? 9.707   3.479   6.372   1.00 5.56  ? 42  LYS A C   1 
ATOM   378 O O   . LYS A 1 42 ? 10.650  3.567   7.166   1.00 5.73  ? 42  LYS A O   1 
ATOM   379 C CB  . LYS A 1 42 ? 7.651   3.335   7.778   1.00 7.35  ? 42  LYS A CB  1 
ATOM   380 C CG  . LYS A 1 42 ? 7.386   1.906   7.413   1.00 9.03  ? 42  LYS A CG  1 
ATOM   381 C CD  . LYS A 1 42 ? 6.412   1.266   8.420   1.00 10.20 ? 42  LYS A CD  1 
ATOM   382 C CE  . LYS A 1 42 ? 6.191   -0.193  8.166   1.00 12.04 ? 42  LYS A CE  1 
ATOM   383 N NZ  . LYS A 1 42 ? 5.266   -0.738  9.188   1.00 11.51 ? 42  LYS A NZ  1 
ATOM   384 N N   . ASP A 1 43 ? 9.824   2.808   5.226   1.00 6.04  ? 43  ASP A N   1 
ATOM   385 C CA  . ASP A 1 43 ? 11.042  2.067   4.928   1.00 7.14  ? 43  ASP A CA  1 
ATOM   386 C C   . ASP A 1 43 ? 11.463  2.027   3.474   1.00 7.35  ? 43  ASP A C   1 
ATOM   387 O O   . ASP A 1 43 ? 12.460  1.397   3.171   1.00 7.90  ? 43  ASP A O   1 
ATOM   388 C CB  . ASP A 1 43 ? 10.970  0.641   5.505   1.00 8.31  ? 43  ASP A CB  1 
ATOM   389 C CG  . ASP A 1 43 ? 9.922   -0.240  4.877   1.00 9.40  ? 43  ASP A CG  1 
ATOM   390 O OD1 . ASP A 1 43 ? 9.349   0.099   3.807   1.00 8.28  ? 43  ASP A OD1 1 
ATOM   391 O OD2 . ASP A 1 43 ? 9.615   -1.330  5.424   1.00 12.14 ? 43  ASP A OD2 1 
ATOM   392 N N   . GLY A 1 44 ? 10.710  2.637   2.565   1.00 6.63  ? 44  GLY A N   1 
ATOM   393 C CA  . GLY A 1 44 ? 11.113  2.616   1.169   1.00 7.10  ? 44  GLY A CA  1 
ATOM   394 C C   . GLY A 1 44 ? 10.832  1.328   0.431   1.00 6.85  ? 44  GLY A C   1 
ATOM   395 O O   . GLY A 1 44 ? 11.168  1.239   -0.741  1.00 7.54  ? 44  GLY A O   1 
ATOM   396 N N   . SER A 1 45 ? 10.220  0.330   1.063   1.00 6.17  ? 45  SER A N   1 
ATOM   397 C CA  . SER A 1 45 ? 9.894   -0.928  0.365   1.00 6.15  ? 45  SER A CA  1 
ATOM   398 C C   . SER A 1 45 ? 8.778   -0.652  -0.639  1.00 6.44  ? 45  SER A C   1 
ATOM   399 O O   . SER A 1 45 ? 7.980   0.241   -0.449  1.00 6.00  ? 45  SER A O   1 
ATOM   400 C CB  . SER A 1 45 ? 9.504   -2.040  1.333   1.00 7.86  ? 45  SER A CB  1 
ATOM   401 O OG  . SER A 1 45 ? 8.385   -1.740  2.108   1.00 8.57  ? 45  SER A OG  1 
ATOM   402 N N   . LYS A 1 46 ? 8.749   -1.418  -1.728  1.00 6.49  ? 46  LYS A N   1 
ATOM   403 C CA  . LYS A 1 46 ? 7.778   -1.208  -2.787  1.00 6.62  ? 46  LYS A CA  1 
ATOM   404 C C   . LYS A 1 46 ? 7.119   -2.513  -3.119  1.00 6.73  ? 46  LYS A C   1 
ATOM   405 O O   . LYS A 1 46 ? 7.728   -3.581  -3.002  1.00 8.18  ? 46  LYS A O   1 
ATOM   406 C CB  . LYS A 1 46 ? 8.452   -0.674  -4.050  1.00 7.69  ? 46  LYS A CB  1 
ATOM   407 C CG  . LYS A 1 46 ? 9.110   0.664   -3.846  1.00 8.76  ? 46  LYS A CG  1 
ATOM   408 C CD  . LYS A 1 46 ? 9.554   1.312   -5.137  1.00 10.99 ? 46  LYS A CD  1 
ATOM   409 C CE  . LYS A 1 46 ? 10.364  2.566   -4.845  1.00 12.44 ? 46  LYS A CE  1 
ATOM   410 N NZ  . LYS A 1 46 ? 10.466  3.519   -6.002  1.00 15.24 ? 46  LYS A NZ  1 
ATOM   411 N N   . GLY A 1 47 ? 5.870   -2.456  -3.556  1.00 5.80  ? 47  GLY A N   1 
ATOM   412 C CA  . GLY A 1 47 ? 5.166   -3.661  -3.930  1.00 6.52  ? 47  GLY A CA  1 
ATOM   413 C C   . GLY A 1 47 ? 3.692   -3.435  -4.139  1.00 6.03  ? 47  GLY A C   1 
ATOM   414 O O   . GLY A 1 47 ? 3.183   -2.315  -4.012  1.00 6.30  ? 47  GLY A O   1 
ATOM   415 N N   . LEU A 1 48 ? 3.006   -4.523  -4.438  1.00 5.80  ? 48  LEU A N   1 
ATOM   416 C CA  . LEU A 1 48 ? 1.587   -4.519  -4.681  1.00 6.55  ? 48  LEU A CA  1 
ATOM   417 C C   . LEU A 1 48 ? 0.799   -4.656  -3.394  1.00 6.66  ? 48  LEU A C   1 
ATOM   418 O O   . LEU A 1 48 ? 1.255   -5.278  -2.419  1.00 7.31  ? 48  LEU A O   1 
ATOM   419 C CB  . LEU A 1 48 ? 1.230   -5.696  -5.585  1.00 7.28  ? 48  LEU A CB  1 
ATOM   420 C CG  . LEU A 1 48 ? 1.704   -5.619  -7.024  1.00 8.48  ? 48  LEU A CG  1 
ATOM   421 C CD1 . LEU A 1 48 ? 1.531   -6.962  -7.675  1.00 12.44 ? 48  LEU A CD1 1 
ATOM   422 C CD2 . LEU A 1 48 ? 0.921   -4.550  -7.778  1.00 11.12 ? 48  LEU A CD2 1 
ATOM   423 N N   . PHE A 1 49 ? -0.415  -4.121  -3.402  1.00 6.38  ? 49  PHE A N   1 
ATOM   424 C CA  . PHE A 1 49 ? -1.284  -4.242  -2.256  1.00 6.72  ? 49  PHE A CA  1 
ATOM   425 C C   . PHE A 1 49 ? -2.711  -4.090  -2.734  1.00 7.43  ? 49  PHE A C   1 
ATOM   426 O O   . PHE A 1 49 ? -2.946  -3.447  -3.773  1.00 6.71  ? 49  PHE A O   1 
ATOM   427 C CB  . PHE A 1 49 ? -0.950  -3.205  -1.181  1.00 7.78  ? 49  PHE A CB  1 
ATOM   428 C CG  . PHE A 1 49 ? -1.130  -1.785  -1.624  1.00 7.66  ? 49  PHE A CG  1 
ATOM   429 C CD1 . PHE A 1 49 ? -0.161  -1.115  -2.350  1.00 7.79  ? 49  PHE A CD1 1 
ATOM   430 C CD2 . PHE A 1 49 ? -2.311  -1.125  -1.374  1.00 7.61  ? 49  PHE A CD2 1 
ATOM   431 C CE1 . PHE A 1 49 ? -0.371  0.184   -2.775  1.00 7.15  ? 49  PHE A CE1 1 
ATOM   432 C CE2 . PHE A 1 49 ? -2.511  0.160   -1.801  1.00 8.02  ? 49  PHE A CE2 1 
ATOM   433 C CZ  . PHE A 1 49 ? -1.551  0.821   -2.502  1.00 8.19  ? 49  PHE A CZ  1 
ATOM   434 N N   . PRO A 1 50 ? -3.672  -4.677  -2.018  1.00 7.71  ? 50  PRO A N   1 
ATOM   435 C CA  . PRO A 1 50 ? -5.068  -4.571  -2.442  1.00 8.12  ? 50  PRO A CA  1 
ATOM   436 C C   . PRO A 1 50 ? -5.570  -3.181  -2.128  1.00 8.70  ? 50  PRO A C   1 
ATOM   437 O O   . PRO A 1 50 ? -5.405  -2.648  -1.038  1.00 8.35  ? 50  PRO A O   1 
ATOM   438 C CB  . PRO A 1 50 ? -5.777  -5.652  -1.604  1.00 9.53  ? 50  PRO A CB  1 
ATOM   439 C CG  . PRO A 1 50 ? -4.702  -6.457  -0.980  1.00 10.13 ? 50  PRO A CG  1 
ATOM   440 C CD  . PRO A 1 50 ? -3.536  -5.524  -0.817  1.00 8.96  ? 50  PRO A CD  1 
ATOM   441 N N   . SER A 1 51 ? -6.180  -2.548  -3.124  1.00 8.66  ? 51  SER A N   1 
ATOM   442 C CA  . SER A 1 51 ? -6.550  -1.146  -3.004  1.00 8.95  ? 51  SER A CA  1 
ATOM   443 C C   . SER A 1 51 ? -7.515  -0.847  -1.862  1.00 8.50  ? 51  SER A C   1 
ATOM   444 O O   . SER A 1 51 ? -7.478  0.243   -1.283  1.00 8.47  ? 51  SER A O   1 
ATOM   445 C CB  . SER A 1 51 ? -7.139  -0.674  -4.321  1.00 9.51  ? 51  SER A CB  1 
ATOM   446 O OG  . SER A 1 51 ? -8.367  -1.313  -4.544  1.00 12.44 ? 51  SER A OG  1 
ATOM   447 N N   . ASN A 1 52 ? -8.374  -1.796  -1.503  1.00 8.47  ? 52  ASN A N   1 
ATOM   448 C CA  . ASN A 1 52 ? -9.343  -1.532  -0.455  1.00 9.25  ? 52  ASN A CA  1 
ATOM   449 C C   . ASN A 1 52 ? -8.719  -1.453  0.952   1.00 9.34  ? 52  ASN A C   1 
ATOM   450 O O   . ASN A 1 52 ? -9.392  -1.126  1.918   1.00 10.23 ? 52  ASN A O   1 
ATOM   451 C CB  . ASN A 1 52 ? -10.512 -2.563  -0.510  1.00 9.63  ? 52  ASN A CB  1 
ATOM   452 C CG  A ASN A 1 52 ? -11.547 -2.223  -1.568  0.40 11.25 ? 52  ASN A CG  1 
ATOM   453 C CG  B ASN A 1 52 ? -11.267 -2.573  -1.907  0.60 10.51 ? 52  ASN A CG  1 
ATOM   454 O OD1 A ASN A 1 52 ? -11.985 -3.074  -2.307  0.40 14.03 ? 52  ASN A OD1 1 
ATOM   455 O OD1 B ASN A 1 52 ? -12.341 -2.024  -2.022  0.60 12.92 ? 52  ASN A OD1 1 
ATOM   456 N ND2 A ASN A 1 52 ? -11.982 -0.964  -1.587  0.25 11.02 ? 52  ASN A ND2 1 
ATOM   457 N ND2 B ASN A 1 52 ? -10.674 -3.193  -2.938  0.75 10.04 ? 52  ASN A ND2 1 
ATOM   458 N N   . TYR A 1 53 ? -7.427  -1.734  1.101   1.00 7.90  ? 53  TYR A N   1 
ATOM   459 C CA  . TYR A 1 53 ? -6.791  -1.615  2.410   1.00 8.24  ? 53  TYR A CA  1 
ATOM   460 C C   . TYR A 1 53 ? -6.358  -0.188  2.749   1.00 7.92  ? 53  TYR A C   1 
ATOM   461 O O   . TYR A 1 53 ? -5.907  0.038   3.863   1.00 8.24  ? 53  TYR A O   1 
ATOM   462 C CB  . TYR A 1 53 ? -5.593  -2.567  2.563   1.00 7.92  ? 53  TYR A CB  1 
ATOM   463 C CG  . TYR A 1 53 ? -6.001  -3.976  2.853   1.00 7.65  ? 53  TYR A CG  1 
ATOM   464 C CD1 . TYR A 1 53 ? -6.605  -4.769  1.883   1.00 8.77  ? 53  TYR A CD1 1 
ATOM   465 C CD2 . TYR A 1 53 ? -5.799  -4.524  4.091   1.00 7.71  ? 53  TYR A CD2 1 
ATOM   466 C CE1 . TYR A 1 53 ? -6.998  -6.060  2.158   1.00 8.37  ? 53  TYR A CE1 1 
ATOM   467 C CE2 . TYR A 1 53 ? -6.186  -5.813  4.373   1.00 8.31  ? 53  TYR A CE2 1 
ATOM   468 C CZ  . TYR A 1 53 ? -6.790  -6.576  3.401   1.00 7.79  ? 53  TYR A CZ  1 
ATOM   469 O OH  . TYR A 1 53 ? -7.187  -7.864  3.711   1.00 10.79 ? 53  TYR A OH  1 
ATOM   470 N N   . VAL A 1 54 ? -6.455  0.748   1.812   1.00 7.85  ? 54  VAL A N   1 
ATOM   471 C CA  . VAL A 1 54 ? -5.992  2.117   2.044   1.00 7.63  ? 54  VAL A CA  1 
ATOM   472 C C   . VAL A 1 54 ? -7.045  3.139   1.661   1.00 7.24  ? 54  VAL A C   1 
ATOM   473 O O   . VAL A 1 54 ? -7.982  2.851   0.918   1.00 9.57  ? 54  VAL A O   1 
ATOM   474 C CB  . VAL A 1 54 ? -4.677  2.438   1.253   1.00 7.95  ? 54  VAL A CB  1 
ATOM   475 C CG1 . VAL A 1 54 ? -3.626  1.351   1.447   1.00 8.53  ? 54  VAL A CG1 1 
ATOM   476 C CG2 . VAL A 1 54 ? -4.962  2.623   -0.209  1.00 8.27  ? 54  VAL A CG2 1 
ATOM   477 N N   . SER A 1 55 ? -6.866  4.349   2.158   1.00 7.37  ? 55  SER A N   1 
ATOM   478 C CA  . SER A 1 55 ? -7.683  5.494   1.813   1.00 8.49  ? 55  SER A CA  1 
ATOM   479 C C   . SER A 1 55 ? -6.761  6.645   1.402   1.00 8.23  ? 55  SER A C   1 
ATOM   480 O O   . SER A 1 55 ? -5.843  6.944   2.138   1.00 7.67  ? 55  SER A O   1 
ATOM   481 C CB  . SER A 1 55 ? -8.508  5.884   3.022   1.00 10.31 ? 55  SER A CB  1 
ATOM   482 O OG  . SER A 1 55 ? -9.168  7.094   2.780   1.00 14.25 ? 55  SER A OG  1 
ATOM   483 N N   . LEU A 1 56 ? -6.958  7.267   0.241   1.00 8.32  ? 56  LEU A N   1 
ATOM   484 C CA  . LEU A 1 56 ? -6.040  8.333   -0.196  1.00 9.16  ? 56  LEU A CA  1 
ATOM   485 C C   . LEU A 1 56 ? -6.000  9.471   0.820   1.00 10.69 ? 56  LEU A C   1 
ATOM   486 O O   . LEU A 1 56 ? -7.005  9.826   1.439   1.00 11.01 ? 56  LEU A O   1 
ATOM   487 C CB  . LEU A 1 56 ? -6.392  8.869   -1.575  1.00 9.96  ? 56  LEU A CB  1 
ATOM   488 C CG  . LEU A 1 56 ? -6.423  7.838   -2.690  1.00 10.22 ? 56  LEU A CG  1 
ATOM   489 C CD1 . LEU A 1 56 ? -6.538  8.565   -4.026  1.00 12.53 ? 56  LEU A CD1 1 
ATOM   490 C CD2 . LEU A 1 56 ? -5.215  6.954   -2.720  1.00 11.19 ? 56  LEU A CD2 1 
ATOM   491 N N   . GLY A 1 57 ? -4.807  10.020  1.012   1.00 12.28 ? 57  GLY A N   1 
ATOM   492 C CA  . GLY A 1 57 ? -4.619  11.147  1.918   1.00 14.81 ? 57  GLY A CA  1 
ATOM   493 C C   . GLY A 1 57 ? -4.724  10.770  3.378   1.00 16.96 ? 57  GLY A C   1 
ATOM   494 O O   . GLY A 1 57 ? -4.653  9.579   3.737   1.00 16.27 ? 57  GLY A O   1 
ATOM   495 N N   . ASN A 1 58 ? -4.878  11.799  4.221   1.00 20.05 ? 58  ASN A N   1 
ATOM   496 C CA  . ASN A 1 58 ? -4.934  11.645  5.673   1.00 22.79 ? 58  ASN A CA  1 
ATOM   497 C C   . ASN A 1 58 ? -6.328  11.250  6.137   1.00 23.86 ? 58  ASN A C   1 
ATOM   498 O O   . ASN A 1 58 ? -7.334  11.751  5.617   1.00 25.59 ? 58  ASN A O   1 
ATOM   499 C CB  . ASN A 1 58 ? -4.440  12.932  6.384   1.00 23.74 ? 58  ASN A CB  1 
ATOM   500 C CG  A ASN A 1 58 ? -5.073  14.185  5.846   0.50 24.88 ? 58  ASN A CG  1 
ATOM   501 C CG  B ASN A 1 58 ? -3.192  12.699  7.217   0.50 24.94 ? 58  ASN A CG  1 
ATOM   502 O OD1 A ASN A 1 58 ? -6.056  14.160  5.117   0.50 26.58 ? 58  ASN A OD1 1 
ATOM   503 O OD1 B ASN A 1 58 ? -2.968  11.625  7.766   0.50 26.81 ? 58  ASN A OD1 1 
ATOM   504 N ND2 A ASN A 1 58 ? -4.456  15.317  6.177   0.40 26.33 ? 58  ASN A ND2 1 
ATOM   505 N ND2 B ASN A 1 58 ? -2.361  13.731  7.309   0.60 27.02 ? 58  ASN A ND2 1 
HETATM 506 S S   . SO4 B 2 .  ? 9.580   12.414  9.066   1.00 14.21 ? 400 SO4 A S   1 
HETATM 507 O O1  A SO4 B 2 .  ? 9.979   11.804  10.320  0.50 15.61 ? 400 SO4 A O1  1 
HETATM 508 O O1  B SO4 B 2 .  ? 9.761   13.363  10.159  0.50 17.72 ? 400 SO4 A O1  1 
HETATM 509 O O2  A SO4 B 2 .  ? 9.379   13.856  9.223   0.50 13.91 ? 400 SO4 A O2  1 
HETATM 510 O O2  B SO4 B 2 .  ? 8.263   12.527  8.456   0.50 14.84 ? 400 SO4 A O2  1 
HETATM 511 O O3  . SO4 B 2 .  ? 10.654  12.373  8.070   1.00 17.49 ? 400 SO4 A O3  1 
HETATM 512 O O4  A SO4 B 2 .  ? 8.298   11.923  8.568   0.60 14.80 ? 400 SO4 A O4  1 
HETATM 513 O O4  B SO4 B 2 .  ? 9.637   11.097  9.703   0.40 15.28 ? 400 SO4 A O4  1 
HETATM 514 S S   . SO4 C 2 .  ? -12.179 5.521   1.286   0.70 23.01 ? 401 SO4 A S   1 
HETATM 515 O O1  . SO4 C 2 .  ? -12.403 4.675   2.449   0.70 24.17 ? 401 SO4 A O1  1 
HETATM 516 O O2  . SO4 C 2 .  ? -11.744 6.847   1.716   0.70 23.82 ? 401 SO4 A O2  1 
HETATM 517 O O3  . SO4 C 2 .  ? -11.141 4.914   0.471   0.70 21.12 ? 401 SO4 A O3  1 
HETATM 518 O O4  . SO4 C 2 .  ? -13.419 5.629   0.499   0.70 22.59 ? 401 SO4 A O4  1 
HETATM 519 O O   . HOH D 3 .  ? 10.611  5.440   9.113   1.00 9.29  ? 402 HOH A O   1 
HETATM 520 O O   . HOH D 3 .  ? 4.755   3.411   5.884   1.00 7.19  ? 403 HOH A O   1 
HETATM 521 O O   . HOH D 3 .  ? 4.050   5.517   7.612   1.00 10.48 ? 404 HOH A O   1 
HETATM 522 O O   . HOH D 3 .  ? 9.881   5.846   1.605   1.00 9.56  ? 405 HOH A O   1 
HETATM 523 O O   . HOH D 3 .  ? 11.088  -3.041  -2.183  1.00 11.11 ? 406 HOH A O   1 
HETATM 524 O O   . HOH D 3 .  ? 0.876   -6.331  8.775   1.00 13.72 ? 407 HOH A O   1 
HETATM 525 O O   . HOH D 3 .  ? 6.692   -4.067  2.571   1.00 12.02 ? 408 HOH A O   1 
HETATM 526 O O   . HOH D 3 .  ? 1.644   8.704   -7.170  1.00 11.34 ? 409 HOH A O   1 
HETATM 527 O O   . HOH D 3 .  ? 7.974   4.750   -5.449  1.00 13.65 ? 410 HOH A O   1 
HETATM 528 O O   . HOH D 3 .  ? 12.726  14.066  8.710   1.00 12.39 ? 411 HOH A O   1 
HETATM 529 O O   . HOH D 3 .  ? 10.023  -11.869 0.049   1.00 12.88 ? 412 HOH A O   1 
HETATM 530 O O   . HOH D 3 .  ? -6.159  -7.064  8.348   1.00 11.84 ? 413 HOH A O   1 
HETATM 531 O O   . HOH D 3 .  ? 2.364   -17.621 0.397   1.00 16.20 ? 414 HOH A O   1 
HETATM 532 O O   . HOH D 3 .  ? -9.455  6.507   -0.968  1.00 13.20 ? 415 HOH A O   1 
HETATM 533 O O   . HOH D 3 .  ? 0.376   -13.904 4.491   1.00 13.32 ? 416 HOH A O   1 
HETATM 534 O O   . HOH D 3 .  ? -9.224  2.396   -1.836  1.00 14.61 ? 417 HOH A O   1 
HETATM 535 O O   . HOH D 3 .  ? 5.677   3.366   -6.100  1.00 13.48 ? 418 HOH A O   1 
HETATM 536 O O   . HOH D 3 .  ? 6.836   -9.701  0.299   1.00 15.14 ? 419 HOH A O   1 
HETATM 537 O O   . HOH D 3 .  ? 0.545   -10.960 -5.608  1.00 14.36 ? 420 HOH A O   1 
HETATM 538 O O   . HOH D 3 .  ? -3.638  -9.412  5.635   1.00 16.14 ? 421 HOH A O   1 
HETATM 539 O O   . HOH D 3 .  ? 9.960   7.974   8.453   1.00 14.37 ? 422 HOH A O   1 
HETATM 540 O O   . HOH D 3 .  ? -1.890  -0.937  -15.816 1.00 14.30 ? 423 HOH A O   1 
HETATM 541 O O   . HOH D 3 .  ? -1.815  12.528  -2.291  1.00 15.53 ? 424 HOH A O   1 
HETATM 542 O O   . HOH D 3 .  ? 1.130   2.891   11.660  1.00 19.98 ? 425 HOH A O   1 
HETATM 543 O O   A HOH D 3 .  ? -8.623  -4.540  -3.131  0.40 9.36  ? 426 HOH A O   1 
HETATM 544 O O   B HOH D 3 .  ? -9.455  -4.938  -2.121  0.60 7.21  ? 426 HOH A O   1 
HETATM 545 O O   . HOH D 3 .  ? 5.892   -15.116 -4.001  1.00 16.32 ? 427 HOH A O   1 
HETATM 546 O O   . HOH D 3 .  ? 10.492  8.475   1.280   1.00 17.34 ? 428 HOH A O   1 
HETATM 547 O O   . HOH D 3 .  ? -13.294 -4.570  -8.441  1.00 16.61 ? 429 HOH A O   1 
HETATM 548 O O   A HOH D 3 .  ? 10.541  -16.928 -3.124  0.55 13.31 ? 430 HOH A O   1 
HETATM 549 O O   B HOH D 3 .  ? 11.413  -16.486 -3.561  0.45 12.18 ? 430 HOH A O   1 
HETATM 550 O O   . HOH D 3 .  ? -5.954  -3.624  11.187  1.00 15.97 ? 431 HOH A O   1 
HETATM 551 O O   . HOH D 3 .  ? -13.192 -1.458  -4.744  1.00 19.13 ? 432 HOH A O   1 
HETATM 552 O O   . HOH D 3 .  ? -15.827 5.471   1.347   1.00 16.53 ? 433 HOH A O   1 
HETATM 553 O O   . HOH D 3 .  ? -13.349 -0.927  0.521   1.00 16.32 ? 434 HOH A O   1 
HETATM 554 O O   . HOH D 3 .  ? -2.004  -12.487 -2.601  1.00 16.61 ? 435 HOH A O   1 
HETATM 555 O O   . HOH D 3 .  ? -2.354  9.451   7.715   1.00 18.57 ? 436 HOH A O   1 
HETATM 556 O O   . HOH D 3 .  ? -10.308 0.600   -3.696  1.00 21.26 ? 437 HOH A O   1 
HETATM 557 O O   . HOH D 3 .  ? -9.719  9.689   0.798   1.00 18.74 ? 438 HOH A O   1 
HETATM 558 O O   . HOH D 3 .  ? -7.866  -6.644  -4.380  1.00 15.87 ? 439 HOH A O   1 
HETATM 559 O O   . HOH D 3 .  ? 7.009   -1.202  11.508  1.00 16.43 ? 440 HOH A O   1 
HETATM 560 O O   . HOH D 3 .  ? 8.239   10.892  6.072   1.00 16.60 ? 441 HOH A O   1 
HETATM 561 O O   . HOH D 3 .  ? -9.915  4.869   -3.152  1.00 19.77 ? 442 HOH A O   1 
HETATM 562 O O   . HOH D 3 .  ? 4.778   -3.651  8.747   1.00 17.10 ? 443 HOH A O   1 
HETATM 563 O O   . HOH D 3 .  ? -1.199  0.266   13.581  1.00 20.69 ? 444 HOH A O   1 
HETATM 564 O O   . HOH D 3 .  ? -2.967  -7.245  -10.733 1.00 19.77 ? 445 HOH A O   1 
HETATM 565 O O   . HOH D 3 .  ? 10.684  13.243  12.428  1.00 19.30 ? 446 HOH A O   1 
HETATM 566 O O   . HOH D 3 .  ? 4.445   1.068   11.589  1.00 18.79 ? 447 HOH A O   1 
HETATM 567 O O   . HOH D 3 .  ? 7.558   5.553   -10.974 1.00 26.32 ? 448 HOH A O   1 
HETATM 568 O O   . HOH D 3 .  ? -1.449  -15.207 -2.832  1.00 21.64 ? 449 HOH A O   1 
HETATM 569 O O   . HOH D 3 .  ? -2.989  14.243  -0.010  1.00 24.89 ? 450 HOH A O   1 
HETATM 570 O O   . HOH D 3 .  ? -11.610 0.311   2.121   1.00 25.21 ? 451 HOH A O   1 
HETATM 571 O O   . HOH D 3 .  ? -11.053 -2.628  -5.863  1.00 25.85 ? 452 HOH A O   1 
HETATM 572 O O   . HOH D 3 .  ? 9.007   4.049   -8.936  1.00 18.55 ? 453 HOH A O   1 
HETATM 573 O O   . HOH D 3 .  ? 9.951   8.499   5.583   1.00 18.40 ? 454 HOH A O   1 
HETATM 574 O O   . HOH D 3 .  ? 4.232   4.418   10.153  1.00 23.30 ? 455 HOH A O   1 
HETATM 575 O O   . HOH D 3 .  ? -7.356  8.868   4.165   1.00 24.47 ? 456 HOH A O   1 
HETATM 576 O O   . HOH D 3 .  ? 6.762   2.411   -8.569  1.00 22.46 ? 457 HOH A O   1 
HETATM 577 O O   . HOH D 3 .  ? -0.462  15.439  6.536   1.00 20.00 ? 458 HOH A O   1 
HETATM 578 O O   . HOH D 3 .  ? 9.493   15.933  11.129  1.00 24.88 ? 459 HOH A O   1 
HETATM 579 O O   . HOH D 3 .  ? 12.705  5.625   -2.092  1.00 20.82 ? 460 HOH A O   1 
HETATM 580 O O   . HOH D 3 .  ? 8.356   10.216  -4.362  1.00 24.80 ? 461 HOH A O   1 
HETATM 581 O O   . HOH D 3 .  ? -3.493  -11.519 -0.658  1.00 23.33 ? 462 HOH A O   1 
HETATM 582 O O   . HOH D 3 .  ? -2.559  -2.415  13.611  1.00 22.97 ? 463 HOH A O   1 
HETATM 583 O O   . HOH D 3 .  ? -7.354  7.749   6.762   1.00 30.39 ? 464 HOH A O   1 
HETATM 584 O O   . HOH D 3 .  ? 10.018  7.729   -3.531  1.00 20.01 ? 465 HOH A O   1 
HETATM 585 O O   . HOH D 3 .  ? 0.923   -10.421 -8.763  1.00 22.63 ? 466 HOH A O   1 
HETATM 586 O O   . HOH D 3 .  ? 11.306  11.199  5.763   1.00 22.11 ? 467 HOH A O   1 
HETATM 587 O O   . HOH D 3 .  ? -10.614 2.811   -6.528  1.00 21.14 ? 468 HOH A O   1 
HETATM 588 O O   . HOH D 3 .  ? 8.719   -2.383  7.478   1.00 29.01 ? 469 HOH A O   1 
HETATM 589 O O   . HOH D 3 .  ? 3.105   -18.162 -2.298  1.00 35.61 ? 470 HOH A O   1 
HETATM 590 O O   . HOH D 3 .  ? -12.463 1.583   7.005   1.00 28.43 ? 471 HOH A O   1 
HETATM 591 O O   . HOH D 3 .  ? -3.980  -4.254  -14.848 1.00 25.95 ? 472 HOH A O   1 
HETATM 592 O O   . HOH D 3 .  ? -11.124 2.405   0.137   1.00 27.21 ? 473 HOH A O   1 
HETATM 593 O O   . HOH D 3 .  ? -0.593  8.140   9.320   1.00 20.73 ? 474 HOH A O   1 
HETATM 594 O O   . HOH D 3 .  ? -0.123  -6.718  11.480  1.00 23.46 ? 475 HOH A O   1 
HETATM 595 O O   . HOH D 3 .  ? 1.529   1.002   20.636  1.00 21.08 ? 476 HOH A O   1 
HETATM 596 O O   . HOH D 3 .  ? 7.991   -6.224  -4.004  1.00 27.58 ? 477 HOH A O   1 
HETATM 597 O O   . HOH D 3 .  ? 6.561   -3.551  6.387   1.00 25.80 ? 478 HOH A O   1 
HETATM 598 O O   . HOH D 3 .  ? -8.220  12.965  3.291   1.00 35.48 ? 479 HOH A O   1 
HETATM 599 O O   . HOH D 3 .  ? 3.379   -6.070  9.981   1.00 25.29 ? 480 HOH A O   1 
HETATM 600 O O   . HOH D 3 .  ? -9.413  1.629   10.045  1.00 33.37 ? 481 HOH A O   1 
HETATM 601 O O   . HOH D 3 .  ? 3.895   -0.438  13.968  1.00 28.04 ? 482 HOH A O   1 
HETATM 602 O O   . HOH D 3 .  ? -1.663  -11.652 -7.347  1.00 27.02 ? 483 HOH A O   1 
HETATM 603 O O   . HOH D 3 .  ? -13.177 4.267   -2.017  0.70 34.39 ? 484 HOH A O   1 
HETATM 604 O O   . HOH D 3 .  ? -3.266  -7.744  11.806  1.00 31.06 ? 485 HOH A O   1 
HETATM 605 O O   . HOH D 3 .  ? -6.730  5.208   6.728   1.00 28.57 ? 486 HOH A O   1 
HETATM 606 O O   . HOH D 3 .  ? 3.169   8.704   9.096   1.00 25.95 ? 487 HOH A O   1 
HETATM 607 O O   . HOH D 3 .  ? -6.159  4.579   9.304   1.00 27.86 ? 488 HOH A O   1 
HETATM 608 O O   . HOH D 3 .  ? -0.268  -14.124 -6.764  1.00 29.38 ? 489 HOH A O   1 
HETATM 609 O O   . HOH D 3 .  ? 3.975   11.566  7.774   1.00 23.73 ? 490 HOH A O   1 
HETATM 610 O O   . HOH D 3 .  ? 2.709   -12.398 -6.899  1.00 24.97 ? 491 HOH A O   1 
HETATM 611 O O   . HOH D 3 .  ? 0.042   1.824   17.593  1.00 31.06 ? 492 HOH A O   1 
HETATM 612 O O   . HOH D 3 .  ? 5.605   12.762  9.913   1.00 36.05 ? 493 HOH A O   1 
HETATM 613 O O   . HOH D 3 .  ? -1.347  3.220   15.365  1.00 38.78 ? 494 HOH A O   1 
HETATM 614 O O   . HOH D 3 .  ? -4.161  0.630   -17.080 1.00 40.33 ? 495 HOH A O   1 
HETATM 615 O O   . HOH D 3 .  ? -2.748  -11.376 2.728   1.00 31.03 ? 496 HOH A O   1 
HETATM 616 O O   . HOH D 3 .  ? 7.838   9.232   9.815   1.00 45.35 ? 497 HOH A O   1 
HETATM 617 O O   . HOH D 3 .  ? -2.798  2.232   -15.265 1.00 31.16 ? 498 HOH A O   1 
HETATM 618 O O   . HOH D 3 .  ? -11.972 2.123   3.567   1.00 35.49 ? 499 HOH A O   1 
HETATM 619 O O   . HOH D 3 .  ? -3.867  12.102  -0.759  1.00 32.87 ? 500 HOH A O   1 
HETATM 620 O O   . HOH D 3 .  ? 6.652   6.464   9.726   1.00 40.80 ? 501 HOH A O   1 
HETATM 621 O O   . HOH D 3 .  ? 12.855  6.191   -6.032  1.00 19.22 ? 502 HOH A O   1 
HETATM 622 O O   . HOH D 3 .  ? 1.018   -3.874  14.655  1.00 36.78 ? 503 HOH A O   1 
HETATM 623 O O   . HOH D 3 .  ? -1.067  5.704   14.952  1.00 54.22 ? 504 HOH A O   1 
HETATM 624 O O   . HOH D 3 .  ? -3.430  -12.602 -5.730  1.00 41.10 ? 505 HOH A O   1 
HETATM 625 O O   . HOH D 3 .  ? -6.146  14.185  2.431   1.00 31.16 ? 506 HOH A O   1 
HETATM 626 O O   . HOH D 3 .  ? 8.740   10.356  -7.084  1.00 44.76 ? 507 HOH A O   1 
HETATM 627 O O   . HOH D 3 .  ? -12.920 1.374   -2.545  1.00 41.97 ? 508 HOH A O   1 
HETATM 628 O O   . HOH D 3 .  ? 11.710  -12.698 -5.506  1.00 38.91 ? 509 HOH A O   1 
HETATM 629 O O   . HOH D 3 .  ? -0.431  12.833  8.365   1.00 36.44 ? 510 HOH A O   1 
HETATM 630 O O   . HOH D 3 .  ? -3.986  15.225  2.501   1.00 46.32 ? 511 HOH A O   1 
HETATM 631 O O   . HOH D 3 .  ? 0.820   -1.364  15.418  1.00 41.31 ? 512 HOH A O   1 
HETATM 632 O O   . HOH D 3 .  ? -12.625 4.581   8.891   1.00 43.25 ? 513 HOH A O   1 
HETATM 633 O O   . HOH D 3 .  ? 4.419   10.487  -7.341  1.00 33.41 ? 514 HOH A O   1 
HETATM 634 O O   . HOH D 3 .  ? 1.096   6.541   14.245  1.00 52.80 ? 515 HOH A O   1 
HETATM 635 O O   . HOH D 3 .  ? -3.935  -8.636  8.832   1.00 37.66 ? 516 HOH A O   1 
HETATM 636 O O   . HOH D 3 .  ? 11.751  -10.005 -4.498  1.00 42.81 ? 517 HOH A O   1 
HETATM 637 O O   . HOH D 3 .  ? -13.188 5.117   4.768   1.00 40.16 ? 518 HOH A O   1 
HETATM 638 O O   . HOH D 3 .  ? 1.955   5.942   11.704  1.00 44.88 ? 519 HOH A O   1 
HETATM 639 O O   . HOH D 3 .  ? -5.428  0.183   -13.858 1.00 27.78 ? 520 HOH A O   1 
HETATM 640 O O   . HOH D 3 .  ? 10.877  8.346   -6.606  1.00 44.68 ? 521 HOH A O   1 
HETATM 641 O O   . HOH D 3 .  ? -13.227 4.344   12.027  1.00 49.93 ? 522 HOH A O   1 
HETATM 642 O O   . HOH D 3 .  ? 11.113  -7.959  -2.644  1.00 52.90 ? 523 HOH A O   1 
HETATM 643 O O   . HOH D 3 .  ? -5.456  -13.933 -5.160  1.00 39.44 ? 524 HOH A O   1 
HETATM 644 O O   . HOH D 3 .  ? 8.175   9.927   -10.499 1.00 30.53 ? 525 HOH A O   1 
HETATM 645 O O   . HOH D 3 .  ? -2.315  -13.206 4.324   1.00 37.89 ? 526 HOH A O   1 
HETATM 646 O O   . HOH D 3 .  ? 4.210   4.937   -13.357 1.00 38.82 ? 527 HOH A O   1 
HETATM 647 O O   . HOH D 3 .  ? -10.434 10.650  4.394   1.00 37.63 ? 528 HOH A O   1 
HETATM 648 O O   . HOH D 3 .  ? 2.027   7.251   -13.115 1.00 34.17 ? 529 HOH A O   1 
HETATM 649 O O   . HOH D 3 .  ? 6.333   12.468  -9.790  1.00 37.92 ? 530 HOH A O   1 
# 
loop_
_atom_site_anisotrop.id 
_atom_site_anisotrop.type_symbol 
_atom_site_anisotrop.pdbx_label_atom_id 
_atom_site_anisotrop.pdbx_label_alt_id 
_atom_site_anisotrop.pdbx_label_comp_id 
_atom_site_anisotrop.pdbx_label_asym_id 
_atom_site_anisotrop.pdbx_label_seq_id 
_atom_site_anisotrop.pdbx_PDB_ins_code 
_atom_site_anisotrop.U[1][1] 
_atom_site_anisotrop.U[2][2] 
_atom_site_anisotrop.U[3][3] 
_atom_site_anisotrop.U[1][2] 
_atom_site_anisotrop.U[1][3] 
_atom_site_anisotrop.U[2][3] 
_atom_site_anisotrop.pdbx_auth_seq_id 
_atom_site_anisotrop.pdbx_auth_comp_id 
_atom_site_anisotrop.pdbx_auth_asym_id 
_atom_site_anisotrop.pdbx_auth_atom_id 
1   N N   . PRO A 1  ? 0.1037 0.0985 0.0863 -0.0056 0.0013  -0.0068 1   PRO A N   
2   C CA  . PRO A 1  ? 0.0883 0.0839 0.0848 -0.0017 -0.0020 0.0026  1   PRO A CA  
3   C C   . PRO A 1  ? 0.0859 0.0760 0.0857 -0.0027 -0.0053 0.0018  1   PRO A C   
4   O O   . PRO A 1  ? 0.0979 0.0920 0.0900 0.0028  -0.0034 -0.0073 1   PRO A O   
5   C CB  . PRO A 1  ? 0.0944 0.0959 0.0947 0.0038  -0.0021 0.0061  1   PRO A CB  
6   C CG  . PRO A 1  ? 0.1144 0.1203 0.1068 -0.0024 0.0018  -0.0003 1   PRO A CG  
7   C CD  . PRO A 1  ? 0.1087 0.1112 0.1043 -0.0040 0.0000  -0.0028 1   PRO A CD  
8   N N   . TRP A 2  ? 0.0759 0.0626 0.0682 -0.0034 0.0003  0.0025  2   TRP A N   
9   C CA  . TRP A 2  ? 0.0692 0.0640 0.0770 -0.0004 0.0011  0.0037  2   TRP A CA  
10  C C   . TRP A 2  ? 0.0735 0.0781 0.0798 -0.0039 -0.0017 0.0002  2   TRP A C   
11  O O   . TRP A 2  ? 0.0823 0.0773 0.1048 -0.0086 0.0035  0.0130  2   TRP A O   
12  C CB  . TRP A 2  ? 0.0834 0.0752 0.0832 -0.0009 -0.0021 -0.0007 2   TRP A CB  
13  C CG  . TRP A 2  ? 0.0747 0.0767 0.0881 0.0007  -0.0003 0.0013  2   TRP A CG  
14  C CD1 . TRP A 2  ? 0.0859 0.0836 0.0911 0.0000  -0.0017 0.0050  2   TRP A CD1 
15  C CD2 . TRP A 2  ? 0.0766 0.0851 0.0869 -0.0065 -0.0143 -0.0081 2   TRP A CD2 
16  N NE1 . TRP A 2  ? 0.0901 0.0749 0.1142 -0.0111 -0.0147 -0.0047 2   TRP A NE1 
17  C CE2 . TRP A 2  ? 0.0747 0.0893 0.0957 0.0033  -0.0046 -0.0143 2   TRP A CE2 
18  C CE3 . TRP A 2  ? 0.1110 0.1048 0.1104 -0.0107 -0.0034 -0.0076 2   TRP A CE3 
19  C CZ2 . TRP A 2  ? 0.1161 0.1139 0.1210 0.0026  0.0071  -0.0165 2   TRP A CZ2 
20  C CZ3 . TRP A 2  ? 0.1212 0.1296 0.1265 -0.0116 0.0120  -0.0079 2   TRP A CZ3 
21  C CH2 . TRP A 2  ? 0.1251 0.1242 0.1244 0.0036  0.0144  -0.0181 2   TRP A CH2 
22  N N   . ALA A 3  ? 0.0669 0.0738 0.0763 -0.0034 0.0073  0.0020  3   ALA A N   
23  C CA  . ALA A 3  ? 0.0679 0.0716 0.0741 -0.0069 0.0056  0.0022  3   ALA A CA  
24  C C   . ALA A 3  ? 0.0725 0.0708 0.0841 -0.0037 -0.0048 -0.0004 3   ALA A C   
25  O O   . ALA A 3  ? 0.0707 0.0767 0.0760 0.0111  0.0042  -0.0066 3   ALA A O   
26  C CB  . ALA A 3  ? 0.0790 0.0845 0.0859 -0.0040 0.0000  -0.0049 3   ALA A CB  
27  N N   . THR A 4  ? 0.0823 0.0763 0.0941 -0.0008 0.0041  0.0054  4   THR A N   
28  C CA  . THR A 4  ? 0.0903 0.0940 0.0974 -0.0001 -0.0030 0.0025  4   THR A CA  
29  C C   . THR A 4  ? 0.0805 0.0874 0.0806 -0.0037 0.0016  0.0004  4   THR A C   
30  O O   . THR A 4  ? 0.1007 0.0908 0.1052 -0.0128 -0.0130 0.0054  4   THR A O   
31  C CB  . THR A 4  ? 0.0943 0.1032 0.1049 -0.0054 0.0080  0.0002  4   THR A CB  
32  O OG1 . THR A 4  ? 0.1520 0.1130 0.1345 -0.0061 0.0007  -0.0090 4   THR A OG1 
33  C CG2 . THR A 4  ? 0.1336 0.1211 0.1223 -0.0016 0.0017  -0.0123 4   THR A CG2 
34  N N   . ALA A 5  ? 0.0759 0.0794 0.0855 -0.0068 -0.0064 -0.0070 5   ALA A N   
35  C CA  . ALA A 5  ? 0.0807 0.0841 0.0821 -0.0036 -0.0036 -0.0021 5   ALA A CA  
36  C C   . ALA A 5  ? 0.0894 0.0858 0.0886 -0.0085 -0.0010 0.0001  5   ALA A C   
37  O O   . ALA A 5  ? 0.0862 0.1065 0.0973 -0.0095 0.0079  0.0000  5   ALA A O   
38  C CB  . ALA A 5  ? 0.0758 0.0786 0.0866 -0.0063 -0.0021 0.0059  5   ALA A CB  
39  N N   . GLU A 6  ? 0.0878 0.0942 0.0799 -0.0065 -0.0018 0.0040  6   GLU A N   
40  C CA  . GLU A 6  ? 0.1154 0.1178 0.1223 -0.0055 0.0055  0.0014  6   GLU A CA  
41  C C   . GLU A 6  ? 0.1059 0.1067 0.1151 -0.0047 0.0015  -0.0018 6   GLU A C   
42  O O   . GLU A 6  ? 0.1093 0.0955 0.1300 0.0003  0.0175  -0.0116 6   GLU A O   
43  C CB  . GLU A 6  ? 0.1331 0.1521 0.1417 -0.0002 0.0043  0.0015  6   GLU A CB  
44  C CG  A GLU A 6  ? 0.1799 0.1760 0.1845 -0.0033 0.0064  0.0109  6   GLU A CG  
45  C CG  B GLU A 6  ? 0.1648 0.1712 0.1800 -0.0022 0.0036  0.0125  6   GLU A CG  
46  C CD  A GLU A 6  ? 0.2084 0.2214 0.2265 0.0068  0.0028  0.0019  6   GLU A CD  
47  C CD  B GLU A 6  ? 0.2001 0.2042 0.2003 0.0114  0.0056  0.0023  6   GLU A CD  
48  O OE1 A GLU A 6  ? 0.2281 0.2511 0.2514 -0.0035 0.0143  0.0058  6   GLU A OE1 
49  O OE1 B GLU A 6  ? 0.2282 0.2219 0.2252 0.0070  0.0105  0.0104  6   GLU A OE1 
50  O OE2 A GLU A 6  ? 0.2552 0.2432 0.2543 0.0075  0.0046  0.0136  6   GLU A OE2 
51  O OE2 B GLU A 6  ? 0.2449 0.2241 0.2441 -0.0053 0.0076  0.0015  6   GLU A OE2 
52  N N   . TYR A 7  ? 0.0936 0.0913 0.1055 -0.0096 0.0045  0.0005  7   TYR A N   
53  C CA  . TYR A 7  ? 0.1022 0.1037 0.1036 -0.0040 0.0061  0.0050  7   TYR A CA  
54  C C   . TYR A 7  ? 0.1081 0.1109 0.1131 0.0001  0.0091  0.0041  7   TYR A C   
55  O O   . TYR A 7  ? 0.1027 0.0978 0.1049 -0.0019 0.0189  0.0141  7   TYR A O   
56  C CB  . TYR A 7  ? 0.1125 0.1055 0.1226 -0.0107 0.0092  0.0070  7   TYR A CB  
57  C CG  . TYR A 7  ? 0.1213 0.1008 0.1360 -0.0123 -0.0003 0.0022  7   TYR A CG  
58  C CD1 . TYR A 7  ? 0.1155 0.1196 0.1399 -0.0123 0.0049  -0.0069 7   TYR A CD1 
59  C CD2 . TYR A 7  ? 0.1444 0.1627 0.1646 -0.0159 -0.0056 -0.0026 7   TYR A CD2 
60  C CE1 . TYR A 7  ? 0.1422 0.1549 0.1743 -0.0088 0.0027  -0.0050 7   TYR A CE1 
61  C CE2 . TYR A 7  ? 0.1527 0.1703 0.1761 -0.0091 -0.0087 -0.0049 7   TYR A CE2 
62  C CZ  . TYR A 7  ? 0.1547 0.1506 0.1749 -0.0060 -0.0054 -0.0108 7   TYR A CZ  
63  O OH  . TYR A 7  ? 0.1744 0.2324 0.2439 0.0074  -0.0107 -0.0099 7   TYR A OH  
64  N N   . ASP A 8  ? 0.1163 0.1090 0.1070 0.0020  0.0128  0.0085  8   ASP A N   
65  C CA  . ASP A 8  ? 0.1129 0.1059 0.1021 0.0004  0.0006  0.0005  8   ASP A CA  
66  C C   . ASP A 8  ? 0.0978 0.0941 0.0976 -0.0021 0.0007  0.0031  8   ASP A C   
67  O O   . ASP A 8  ? 0.1016 0.1182 0.0974 -0.0143 0.0087  -0.0073 8   ASP A O   
68  C CB  . ASP A 8  ? 0.1342 0.1146 0.1196 0.0030  0.0019  0.0085  8   ASP A CB  
69  C CG  . ASP A 8  ? 0.1794 0.1454 0.1425 -0.0037 0.0060  0.0012  8   ASP A CG  
70  O OD1 . ASP A 8  ? 0.2011 0.1376 0.1277 -0.0135 0.0127  0.0123  8   ASP A OD1 
71  O OD2 . ASP A 8  ? 0.2228 0.1855 0.1736 -0.0143 -0.0099 0.0107  8   ASP A OD2 
72  N N   . TYR A 9  ? 0.0961 0.0889 0.0941 0.0024  0.0000  0.0019  9   TYR A N   
73  C CA  . TYR A 9  ? 0.0839 0.0878 0.0935 -0.0005 0.0020  -0.0014 9   TYR A CA  
74  C C   . TYR A 9  ? 0.0853 0.0855 0.0824 -0.0034 -0.0050 0.0009  9   TYR A C   
75  O O   . TYR A 9  ? 0.0770 0.0770 0.1078 0.0025  0.0014  -0.0003 9   TYR A O   
76  C CB  . TYR A 9  ? 0.0831 0.0874 0.0915 0.0077  -0.0010 -0.0010 9   TYR A CB  
77  C CG  . TYR A 9  ? 0.1041 0.0873 0.0985 0.0053  -0.0032 -0.0005 9   TYR A CG  
78  C CD1 . TYR A 9  ? 0.0996 0.1111 0.1105 0.0038  -0.0032 0.0017  9   TYR A CD1 
79  C CD2 . TYR A 9  ? 0.1027 0.1053 0.1143 0.0011  -0.0035 0.0067  9   TYR A CD2 
80  C CE1 . TYR A 9  ? 0.1080 0.1242 0.1165 0.0005  -0.0025 0.0000  9   TYR A CE1 
81  C CE2 . TYR A 9  ? 0.1078 0.1207 0.1050 0.0117  0.0041  0.0066  9   TYR A CE2 
82  C CZ  . TYR A 9  ? 0.1213 0.1135 0.1041 0.0092  0.0101  0.0008  9   TYR A CZ  
83  O OH  . TYR A 9  ? 0.1406 0.1287 0.1284 0.0071  -0.0051 -0.0154 9   TYR A OH  
84  N N   . ASP A 10 ? 0.0881 0.0860 0.0872 0.0030  -0.0037 0.0078  10  ASP A N   
85  C CA  . ASP A 10 ? 0.0950 0.0832 0.0960 0.0023  -0.0061 0.0020  10  ASP A CA  
86  C C   . ASP A 10 ? 0.0934 0.0842 0.0992 0.0037  -0.0039 0.0032  10  ASP A C   
87  O O   . ASP A 10 ? 0.0868 0.0893 0.1084 0.0073  -0.0069 -0.0045 10  ASP A O   
88  C CB  . ASP A 10 ? 0.1031 0.0979 0.1096 0.0046  0.0036  0.0079  10  ASP A CB  
89  C CG  . ASP A 10 ? 0.1455 0.1387 0.1315 0.0022  0.0010  0.0153  10  ASP A CG  
90  O OD1 . ASP A 10 ? 0.1527 0.1565 0.1132 0.0177  -0.0084 0.0051  10  ASP A OD1 
91  O OD2 . ASP A 10 ? 0.2139 0.1992 0.1964 -0.0154 0.0267  0.0302  10  ASP A OD2 
92  N N   . ALA A 11 ? 0.0907 0.0779 0.0872 0.0075  -0.0016 0.0013  11  ALA A N   
93  C CA  . ALA A 11 ? 0.0933 0.0907 0.0877 0.0046  -0.0044 0.0022  11  ALA A CA  
94  C C   . ALA A 11 ? 0.0887 0.0990 0.0929 0.0018  -0.0017 0.0023  11  ALA A C   
95  O O   . ALA A 11 ? 0.1078 0.0888 0.1055 0.0038  0.0067  0.0073  11  ALA A O   
96  C CB  . ALA A 11 ? 0.0934 0.0871 0.0756 0.0072  0.0093  -0.0003 11  ALA A CB  
97  N N   . ALA A 12 ? 0.1136 0.0892 0.1030 -0.0020 0.0043  -0.0076 12  ALA A N   
98  C CA  . ALA A 12 ? 0.1186 0.1024 0.1104 -0.0039 0.0040  -0.0028 12  ALA A CA  
99  C C   . ALA A 12 ? 0.1193 0.1051 0.1121 -0.0017 0.0049  -0.0008 12  ALA A C   
100 O O   . ALA A 12 ? 0.1285 0.1097 0.1246 -0.0009 0.0054  -0.0042 12  ALA A O   
101 C CB  . ALA A 12 ? 0.1282 0.1390 0.1362 -0.0043 0.0065  -0.0091 12  ALA A CB  
102 N N   . GLU A 13 ? 0.1105 0.0929 0.0946 0.0006  0.0076  -0.0056 13  GLU A N   
103 C CA  . GLU A 13 ? 0.1002 0.0954 0.0878 0.0059  0.0006  -0.0053 13  GLU A CA  
104 C C   . GLU A 13 ? 0.0945 0.0953 0.0840 0.0063  0.0000  -0.0036 13  GLU A C   
105 O O   . GLU A 13 ? 0.0969 0.0872 0.0823 0.0089  -0.0076 -0.0031 13  GLU A O   
106 C CB  . GLU A 13 ? 0.1281 0.1079 0.1016 0.0083  -0.0042 -0.0005 13  GLU A CB  
107 C CG  . GLU A 13 ? 0.1306 0.1348 0.1270 0.0039  -0.0079 -0.0037 13  GLU A CG  
108 C CD  . GLU A 13 ? 0.1690 0.1594 0.1654 0.0023  -0.0072 -0.0039 13  GLU A CD  
109 O OE1 . GLU A 13 ? 0.1846 0.1687 0.1696 0.0105  -0.0171 -0.0203 13  GLU A OE1 
110 O OE2 . GLU A 13 ? 0.1787 0.1711 0.1863 0.0035  -0.0065 -0.0007 13  GLU A OE2 
111 N N   . ASP A 14 ? 0.1032 0.1010 0.0856 0.0191  0.0060  0.0025  14  ASP A N   
112 C CA  . ASP A 14 ? 0.1171 0.1114 0.1041 0.0119  0.0039  0.0014  14  ASP A CA  
113 C C   . ASP A 14 ? 0.1181 0.1122 0.1118 0.0117  -0.0026 0.0077  14  ASP A C   
114 O O   . ASP A 14 ? 0.1509 0.1345 0.1357 0.0037  -0.0185 0.0332  14  ASP A O   
115 C CB  . ASP A 14 ? 0.1215 0.1307 0.1055 0.0168  0.0097  0.0002  14  ASP A CB  
116 C CG  . ASP A 14 ? 0.1411 0.1241 0.1232 0.0120  -0.0024 -0.0101 14  ASP A CG  
117 O OD1 . ASP A 14 ? 0.1247 0.0981 0.1182 0.0200  -0.0006 -0.0035 14  ASP A OD1 
118 O OD2 . ASP A 14 ? 0.2278 0.1695 0.1834 0.0372  0.0029  -0.0264 14  ASP A OD2 
119 N N   . ASN A 15 ? 0.1145 0.1110 0.1084 0.0146  0.0004  0.0096  15  ASN A N   
120 C CA  . ASN A 15 ? 0.1187 0.1082 0.1079 0.0112  0.0037  0.0029  15  ASN A CA  
121 C C   . ASN A 15 ? 0.1129 0.1060 0.1044 0.0088  0.0046  0.0068  15  ASN A C   
122 O O   . ASN A 15 ? 0.1289 0.0953 0.0970 0.0098  0.0007  0.0110  15  ASN A O   
123 C CB  . ASN A 15 ? 0.1408 0.1306 0.1157 0.0138  0.0062  0.0032  15  ASN A CB  
124 C CG  . ASN A 15 ? 0.1577 0.1536 0.1402 0.0116  -0.0133 -0.0052 15  ASN A CG  
125 O OD1 . ASN A 15 ? 0.1648 0.1693 0.1441 0.0067  -0.0163 0.0023  15  ASN A OD1 
126 N ND2 . ASN A 15 ? 0.2354 0.2549 0.1667 -0.0147 -0.0168 -0.0161 15  ASN A ND2 
127 N N   . GLU A 16 ? 0.1079 0.0873 0.0925 0.0109  0.0010  0.0063  16  GLU A N   
128 C CA  . GLU A 16 ? 0.1016 0.0839 0.0894 0.0099  0.0007  0.0045  16  GLU A CA  
129 C C   . GLU A 16 ? 0.0898 0.0897 0.0857 0.0040  -0.0020 0.0016  16  GLU A C   
130 O O   . GLU A 16 ? 0.1067 0.1090 0.1026 0.0169  -0.0061 -0.0074 16  GLU A O   
131 C CB  . GLU A 16 ? 0.0952 0.0888 0.0911 0.0142  0.0008  0.0078  16  GLU A CB  
132 C CG  . GLU A 16 ? 0.1092 0.0910 0.1028 0.0063  -0.0027 -0.0044 16  GLU A CG  
133 C CD  . GLU A 16 ? 0.1163 0.1050 0.1068 -0.0003 -0.0107 -0.0063 16  GLU A CD  
134 O OE1 . GLU A 16 ? 0.1136 0.1188 0.1038 -0.0080 -0.0099 0.0081  16  GLU A OE1 
135 O OE2 . GLU A 16 ? 0.1293 0.1180 0.1242 -0.0215 -0.0099 -0.0074 16  GLU A OE2 
136 N N   . LEU A 17 ? 0.0855 0.0802 0.0837 0.0062  -0.0060 0.0025  17  LEU A N   
137 C CA  . LEU A 17 ? 0.0782 0.0781 0.0818 0.0001  -0.0023 0.0007  17  LEU A CA  
138 C C   . LEU A 17 ? 0.0761 0.0734 0.0816 -0.0001 0.0003  -0.0032 17  LEU A C   
139 O O   . LEU A 17 ? 0.0908 0.0818 0.0905 -0.0106 -0.0028 0.0088  17  LEU A O   
140 C CB  . LEU A 17 ? 0.0906 0.0909 0.1025 -0.0002 -0.0048 -0.0050 17  LEU A CB  
141 C CG  . LEU A 17 ? 0.1086 0.1059 0.1067 0.0050  -0.0034 -0.0008 17  LEU A CG  
142 C CD1 . LEU A 17 ? 0.1343 0.1083 0.1131 0.0043  0.0019  -0.0045 17  LEU A CD1 
143 C CD2 . LEU A 17 ? 0.1039 0.1052 0.1036 -0.0078 0.0038  -0.0007 17  LEU A CD2 
144 N N   . THR A 18 ? 0.0751 0.0788 0.0847 -0.0003 -0.0054 0.0012  18  THR A N   
145 C CA  . THR A 18 ? 0.0889 0.0831 0.0887 0.0047  0.0040  -0.0065 18  THR A CA  
146 C C   . THR A 18 ? 0.0926 0.0835 0.0863 -0.0027 0.0011  -0.0014 18  THR A C   
147 O O   . THR A 18 ? 0.1025 0.0899 0.1117 -0.0060 0.0091  -0.0087 18  THR A O   
148 C CB  . THR A 18 ? 0.1054 0.0926 0.0940 0.0095  -0.0022 -0.0019 18  THR A CB  
149 O OG1 . THR A 18 ? 0.1174 0.0908 0.0946 0.0142  -0.0091 0.0060  18  THR A OG1 
150 C CG2 . THR A 18 ? 0.1010 0.0980 0.1098 0.0061  -0.0006 0.0010  18  THR A CG2 
151 N N   . PHE A 19 ? 0.0755 0.0739 0.0884 -0.0080 -0.0034 -0.0009 19  PHE A N   
152 C CA  . PHE A 19 ? 0.0793 0.0775 0.0846 -0.0027 -0.0063 0.0007  19  PHE A CA  
153 C C   . PHE A 19 ? 0.0914 0.0877 0.0912 0.0001  -0.0037 -0.0005 19  PHE A C   
154 O O   . PHE A 19 ? 0.1005 0.0813 0.0933 -0.0006 0.0033  0.0017  19  PHE A O   
155 C CB  . PHE A 19 ? 0.0801 0.0798 0.0835 -0.0067 0.0020  0.0032  19  PHE A CB  
156 C CG  . PHE A 19 ? 0.0809 0.0721 0.0803 0.0019  0.0009  -0.0061 19  PHE A CG  
157 C CD1 . PHE A 19 ? 0.0793 0.0868 0.0888 0.0006  -0.0015 0.0099  19  PHE A CD1 
158 C CD2 . PHE A 19 ? 0.0752 0.1185 0.0894 0.0103  0.0023  -0.0092 19  PHE A CD2 
159 C CE1 . PHE A 19 ? 0.0900 0.0851 0.0807 0.0000  0.0010  -0.0050 19  PHE A CE1 
160 C CE2 . PHE A 19 ? 0.1042 0.1384 0.0967 -0.0047 -0.0023 -0.0139 19  PHE A CE2 
161 C CZ  . PHE A 19 ? 0.0972 0.1110 0.0826 0.0116  -0.0018 -0.0011 19  PHE A CZ  
162 N N   . VAL A 20 ? 0.0956 0.0823 0.0955 0.0029  -0.0002 -0.0017 20  VAL A N   
163 C CA  . VAL A 20 ? 0.1225 0.1091 0.0995 -0.0019 0.0036  0.0004  20  VAL A CA  
164 C C   . VAL A 20 ? 0.1232 0.1027 0.1018 -0.0043 0.0078  -0.0002 20  VAL A C   
165 O O   . VAL A 20 ? 0.1232 0.0933 0.0899 -0.0100 0.0000  -0.0033 20  VAL A O   
166 C CB  . VAL A 20 ? 0.1331 0.1298 0.1176 0.0078  -0.0039 0.0025  20  VAL A CB  
167 C CG1 . VAL A 20 ? 0.1547 0.1386 0.1438 0.0066  -0.0004 0.0133  20  VAL A CG1 
168 C CG2 . VAL A 20 ? 0.1573 0.1474 0.1447 0.0030  -0.0021 0.0088  20  VAL A CG2 
169 N N   . GLU A 21 ? 0.1190 0.1050 0.0979 -0.0106 0.0062  -0.0001 21  GLU A N   
170 C CA  . GLU A 21 ? 0.1269 0.1266 0.1181 -0.0038 0.0033  0.0023  21  GLU A CA  
171 C C   . GLU A 21 ? 0.1131 0.1256 0.1097 -0.0007 -0.0006 0.0018  21  GLU A C   
172 O O   . GLU A 21 ? 0.1276 0.1112 0.1148 -0.0016 -0.0102 -0.0017 21  GLU A O   
173 C CB  . GLU A 21 ? 0.1481 0.1444 0.1392 -0.0060 0.0107  0.0015  21  GLU A CB  
174 C CG  A GLU A 21 ? 0.1749 0.1742 0.1738 -0.0049 -0.0022 -0.0008 21  GLU A CG  
175 C CG  B GLU A 21 ? 0.1550 0.1553 0.1601 -0.0025 0.0052  0.0007  21  GLU A CG  
176 C CD  A GLU A 21 ? 0.2044 0.2179 0.2141 -0.0044 0.0133  0.0074  21  GLU A CD  
177 C CD  B GLU A 21 ? 0.2131 0.2281 0.2094 -0.0025 0.0219  -0.0004 21  GLU A CD  
178 O OE1 A GLU A 21 ? 0.2657 0.2680 0.2517 -0.0001 0.0045  -0.0095 21  GLU A OE1 
179 O OE1 B GLU A 21 ? 0.2635 0.2615 0.2587 0.0071  0.0117  0.0128  21  GLU A OE1 
180 O OE2 A GLU A 21 ? 0.2150 0.2205 0.2163 -0.0064 0.0017  0.0008  21  GLU A OE2 
181 O OE2 B GLU A 21 ? 0.2335 0.2511 0.2448 0.0075  0.0122  -0.0038 21  GLU A OE2 
182 N N   . ASN A 22 ? 0.0994 0.1047 0.0929 0.0032  0.0005  -0.0030 22  ASN A N   
183 C CA  . ASN A 22 ? 0.1144 0.1122 0.1099 -0.0001 0.0020  0.0002  22  ASN A CA  
184 C C   . ASN A 22 ? 0.1093 0.1050 0.1094 -0.0039 0.0039  0.0002  22  ASN A C   
185 O O   . ASN A 22 ? 0.1280 0.1040 0.1250 -0.0149 0.0153  -0.0026 22  ASN A O   
186 C CB  . ASN A 22 ? 0.1320 0.1304 0.1250 -0.0046 0.0013  -0.0019 22  ASN A CB  
187 C CG  A ASN A 22 ? 0.1630 0.1632 0.1627 0.0080  0.0008  -0.0011 22  ASN A CG  
188 C CG  B ASN A 22 ? 0.1550 0.1728 0.1661 0.0026  0.0117  0.0007  22  ASN A CG  
189 O OD1 A ASN A 22 ? 0.1916 0.2074 0.1984 -0.0088 0.0050  0.0116  22  ASN A OD1 
190 O OD1 B ASN A 22 ? 0.1667 0.2128 0.1700 -0.0016 -0.0029 -0.0072 22  ASN A OD1 
191 N ND2 A ASN A 22 ? 0.1858 0.1678 0.1768 0.0080  0.0072  0.0034  22  ASN A ND2 
192 N ND2 B ASN A 22 ? 0.1973 0.2108 0.1813 0.0038  0.0002  0.0125  22  ASN A ND2 
193 N N   . ASP A 23 ? 0.0962 0.0935 0.0912 -0.0007 0.0019  0.0040  23  ASP A N   
194 C CA  . ASP A 23 ? 0.0873 0.0918 0.0865 -0.0020 0.0001  -0.0021 23  ASP A CA  
195 C C   . ASP A 23 ? 0.0796 0.0838 0.0894 -0.0032 -0.0057 -0.0002 23  ASP A C   
196 O O   . ASP A 23 ? 0.0706 0.1013 0.0983 -0.0089 -0.0115 0.0074  23  ASP A O   
197 C CB  . ASP A 23 ? 0.0889 0.0827 0.0956 -0.0016 -0.0040 0.0009  23  ASP A CB  
198 C CG  . ASP A 23 ? 0.1129 0.1086 0.1155 0.0030  0.0014  -0.0005 23  ASP A CG  
199 O OD1 . ASP A 23 ? 0.1308 0.1196 0.1166 0.0063  -0.0113 0.0081  23  ASP A OD1 
200 O OD2 . ASP A 23 ? 0.1156 0.0972 0.1106 -0.0052 -0.0022 0.0007  23  ASP A OD2 
201 N N   . LYS A 24 ? 0.0711 0.0762 0.0737 -0.0074 -0.0122 0.0029  24  LYS A N   
202 C CA  . LYS A 24 ? 0.0689 0.0762 0.0707 -0.0015 -0.0052 0.0020  24  LYS A CA  
203 C C   . LYS A 24 ? 0.0683 0.0632 0.0754 -0.0025 -0.0065 0.0014  24  LYS A C   
204 O O   . LYS A 24 ? 0.0641 0.0768 0.0829 0.0001  -0.0036 -0.0109 24  LYS A O   
205 C CB  . LYS A 24 ? 0.0774 0.0777 0.0681 -0.0031 -0.0043 -0.0014 24  LYS A CB  
206 C CG  . LYS A 24 ? 0.0988 0.0929 0.0915 0.0014  0.0012  -0.0072 24  LYS A CG  
207 C CD  . LYS A 24 ? 0.1261 0.1085 0.1147 -0.0029 0.0062  -0.0075 24  LYS A CD  
208 C CE  . LYS A 24 ? 0.1509 0.1249 0.1462 0.0101  0.0154  -0.0071 24  LYS A CE  
209 N NZ  . LYS A 24 ? 0.1930 0.1573 0.1841 -0.0253 0.0068  -0.0001 24  LYS A NZ  
210 N N   . ILE A 25 ? 0.0646 0.0718 0.0643 0.0017  -0.0044 -0.0048 25  ILE A N   
211 C CA  . ILE A 25 ? 0.0783 0.0774 0.0811 0.0011  -0.0021 -0.0004 25  ILE A CA  
212 C C   . ILE A 25 ? 0.0843 0.0715 0.0800 0.0073  -0.0078 -0.0033 25  ILE A C   
213 O O   . ILE A 25 ? 0.0880 0.0844 0.0942 0.0105  -0.0082 -0.0078 25  ILE A O   
214 C CB  . ILE A 25 ? 0.0754 0.0855 0.0891 0.0006  -0.0018 0.0006  25  ILE A CB  
215 C CG1 . ILE A 25 ? 0.1097 0.1043 0.1017 -0.0010 -0.0024 -0.0028 25  ILE A CG1 
216 C CG2 . ILE A 25 ? 0.1030 0.0924 0.0995 0.0015  0.0020  -0.0059 25  ILE A CG2 
217 C CD1 A ILE A 25 ? 0.1032 0.0921 0.1087 0.0007  -0.0001 -0.0050 25  ILE A CD1 
218 C CD1 B ILE A 25 ? 0.1052 0.1048 0.1114 -0.0029 -0.0065 -0.0037 25  ILE A CD1 
219 N N   . ILE A 26 ? 0.0803 0.0703 0.0810 0.0051  -0.0081 0.0007  26  ILE A N   
220 C CA  . ILE A 26 ? 0.0845 0.0674 0.0854 0.0078  -0.0040 -0.0010 26  ILE A CA  
221 C C   . ILE A 26 ? 0.0807 0.0636 0.0854 0.0029  -0.0045 0.0029  26  ILE A C   
222 O O   . ILE A 26 ? 0.0796 0.0632 0.0847 0.0135  -0.0120 -0.0099 26  ILE A O   
223 C CB  . ILE A 26 ? 0.0950 0.0737 0.0941 0.0023  -0.0020 0.0028  26  ILE A CB  
224 C CG1 . ILE A 26 ? 0.0890 0.0931 0.1037 -0.0033 -0.0108 -0.0100 26  ILE A CG1 
225 C CG2 . ILE A 26 ? 0.1093 0.0950 0.1085 0.0059  -0.0004 -0.0057 26  ILE A CG2 
226 C CD1 . ILE A 26 ? 0.1167 0.1255 0.1368 -0.0117 -0.0120 -0.0091 26  ILE A CD1 
227 N N   . ASN A 27 ? 0.0964 0.0696 0.0788 -0.0029 -0.0041 0.0055  27  ASN A N   
228 C CA  . ASN A 27 ? 0.0939 0.0874 0.0895 0.0005  0.0003  0.0013  27  ASN A CA  
229 C C   . ASN A 27 ? 0.0909 0.0830 0.0892 0.0018  -0.0037 -0.0026 27  ASN A C   
230 O O   . ASN A 27 ? 0.0912 0.0915 0.0945 -0.0006 0.0000  -0.0081 27  ASN A O   
231 C CB  . ASN A 27 ? 0.1053 0.1113 0.1185 -0.0035 0.0001  -0.0015 27  ASN A CB  
232 C CG  A ASN A 27 ? 0.1326 0.1366 0.1307 -0.0011 -0.0010 0.0076  27  ASN A CG  
233 C CG  B ASN A 27 ? 0.1206 0.1380 0.1276 -0.0090 0.0063  -0.0029 27  ASN A CG  
234 O OD1 A ASN A 27 ? 0.1531 0.1723 0.1705 0.0127  0.0025  0.0166  27  ASN A OD1 
235 O OD1 B ASN A 27 ? 0.1756 0.1712 0.1904 -0.0038 -0.0052 0.0092  27  ASN A OD1 
236 N ND2 A ASN A 27 ? 0.1619 0.1671 0.1533 0.0068  0.0089  0.0115  27  ASN A ND2 
237 N ND2 B ASN A 27 ? 0.1356 0.1604 0.1557 -0.0015 0.0056  0.0000  27  ASN A ND2 
238 N N   . ILE A 28 ? 0.0798 0.0682 0.0750 -0.0010 0.0000  -0.0066 28  ILE A N   
239 C CA  . ILE A 28 ? 0.0858 0.0723 0.0731 0.0021  -0.0052 -0.0012 28  ILE A CA  
240 C C   . ILE A 28 ? 0.0804 0.0659 0.0711 -0.0049 -0.0078 0.0000  28  ILE A C   
241 O O   . ILE A 28 ? 0.0828 0.0732 0.0809 0.0067  -0.0106 -0.0035 28  ILE A O   
242 C CB  . ILE A 28 ? 0.0827 0.0703 0.0744 -0.0048 -0.0020 0.0018  28  ILE A CB  
243 C CG1 . ILE A 28 ? 0.0991 0.0995 0.0919 -0.0010 -0.0052 -0.0039 28  ILE A CG1 
244 C CG2 . ILE A 28 ? 0.0894 0.0872 0.0812 0.0011  0.0001  0.0007  28  ILE A CG2 
245 C CD1 . ILE A 28 ? 0.1060 0.1098 0.0987 0.0000  -0.0013 -0.0078 28  ILE A CD1 
246 N N   . GLU A 29 ? 0.0830 0.0665 0.0646 0.0077  -0.0082 0.0009  29  GLU A N   
247 C CA  . GLU A 29 ? 0.0871 0.0764 0.0709 0.0000  -0.0024 -0.0007 29  GLU A CA  
248 C C   . GLU A 29 ? 0.0791 0.0735 0.0719 0.0061  0.0006  -0.0022 29  GLU A C   
249 O O   . GLU A 29 ? 0.0792 0.0720 0.0604 0.0112  -0.0043 0.0047  29  GLU A O   
250 C CB  . GLU A 29 ? 0.0993 0.0964 0.0871 0.0080  -0.0003 -0.0077 29  GLU A CB  
251 C CG  . GLU A 29 ? 0.1438 0.1540 0.1536 -0.0168 -0.0104 -0.0179 29  GLU A CG  
252 C CD  A GLU A 29 ? 0.1797 0.1761 0.1817 -0.0042 0.0016  -0.0026 29  GLU A CD  
253 C CD  B GLU A 29 ? 0.1771 0.1924 0.1803 -0.0067 0.0009  -0.0072 29  GLU A CD  
254 O OE1 A GLU A 29 ? 0.1952 0.2019 0.1909 -0.0019 -0.0054 0.0034  29  GLU A OE1 
255 O OE1 B GLU A 29 ? 0.1894 0.2190 0.2230 -0.0006 -0.0130 -0.0058 29  GLU A OE1 
256 O OE2 A GLU A 29 ? 0.2218 0.2098 0.2286 -0.0164 -0.0008 -0.0106 29  GLU A OE2 
257 O OE2 B GLU A 29 ? 0.2092 0.2249 0.2289 -0.0095 0.0075  0.0028  29  GLU A OE2 
258 N N   . PHE A 30 ? 0.0774 0.0658 0.0589 0.0049  0.0009  0.0011  30  PHE A N   
259 C CA  . PHE A 30 ? 0.0730 0.0691 0.0660 0.0039  0.0012  -0.0018 30  PHE A CA  
260 C C   . PHE A 30 ? 0.0849 0.0815 0.0692 0.0018  -0.0023 -0.0019 30  PHE A C   
261 O O   . PHE A 30 ? 0.1065 0.1055 0.0858 0.0077  -0.0182 -0.0124 30  PHE A O   
262 C CB  . PHE A 30 ? 0.0819 0.0824 0.0793 0.0067  0.0013  -0.0025 30  PHE A CB  
263 C CG  . PHE A 30 ? 0.0845 0.0899 0.0746 0.0062  -0.0034 -0.0009 30  PHE A CG  
264 C CD1 . PHE A 30 ? 0.1036 0.1032 0.1020 0.0059  0.0094  0.0032  30  PHE A CD1 
265 C CD2 . PHE A 30 ? 0.1056 0.0975 0.0910 -0.0021 0.0040  0.0035  30  PHE A CD2 
266 C CE1 . PHE A 30 ? 0.1147 0.1143 0.1208 -0.0006 0.0123  0.0028  30  PHE A CE1 
267 C CE2 . PHE A 30 ? 0.1293 0.1067 0.1053 0.0113  0.0014  0.0002  30  PHE A CE2 
268 C CZ  . PHE A 30 ? 0.1123 0.1163 0.1184 0.0083  0.0004  -0.0023 30  PHE A CZ  
269 N N   . VAL A 31 ? 0.0848 0.0812 0.0692 0.0028  -0.0038 0.0023  31  VAL A N   
270 C CA  . VAL A 31 ? 0.0908 0.0876 0.0819 0.0004  0.0028  -0.0012 31  VAL A CA  
271 C C   . VAL A 31 ? 0.1078 0.0990 0.0931 0.0008  -0.0068 -0.0080 31  VAL A C   
272 O O   . VAL A 31 ? 0.1216 0.1098 0.0848 -0.0054 -0.0087 -0.0132 31  VAL A O   
273 C CB  . VAL A 31 ? 0.0975 0.0988 0.0937 0.0023  0.0010  -0.0065 31  VAL A CB  
274 C CG1 . VAL A 31 ? 0.1082 0.0947 0.1097 0.0020  0.0025  -0.0059 31  VAL A CG1 
275 C CG2 . VAL A 31 ? 0.0962 0.0890 0.1066 0.0008  -0.0066 0.0039  31  VAL A CG2 
276 N N   . ASP A 32 ? 0.1082 0.1085 0.1031 -0.0078 -0.0095 -0.0064 32  ASP A N   
277 C CA  . ASP A 32 ? 0.1255 0.1251 0.1180 -0.0061 -0.0119 -0.0017 32  ASP A CA  
278 C C   . ASP A 32 ? 0.1322 0.1300 0.1389 -0.0013 -0.0114 -0.0004 32  ASP A C   
279 O O   . ASP A 32 ? 0.1210 0.1486 0.1547 0.0036  -0.0059 -0.0133 32  ASP A O   
280 C CB  . ASP A 32 ? 0.1474 0.1341 0.1386 -0.0019 -0.0103 -0.0041 32  ASP A CB  
281 C CG  A ASP A 32 ? 0.1592 0.1569 0.1653 -0.0080 -0.0056 -0.0008 32  ASP A CG  
282 C CG  B ASP A 32 ? 0.1606 0.1573 0.1597 -0.0042 -0.0038 -0.0039 32  ASP A CG  
283 O OD1 A ASP A 32 ? 0.1845 0.1712 0.2018 0.0080  -0.0021 -0.0080 32  ASP A OD1 
284 O OD1 B ASP A 32 ? 0.1979 0.1878 0.1751 -0.0126 -0.0088 -0.0194 32  ASP A OD1 
285 O OD2 A ASP A 32 ? 0.1669 0.1696 0.1901 0.0050  -0.0068 -0.0027 32  ASP A OD2 
286 O OD2 B ASP A 32 ? 0.1911 0.1790 0.1815 -0.0045 0.0059  -0.0039 32  ASP A OD2 
287 N N   . ASP A 33 ? 0.1466 0.1533 0.1545 -0.0113 -0.0039 0.0010  33  ASP A N   
288 C CA  . ASP A 33 ? 0.1715 0.1760 0.1844 -0.0039 -0.0011 0.0009  33  ASP A CA  
289 C C   . ASP A 33 ? 0.1595 0.1634 0.1716 -0.0081 -0.0016 -0.0073 33  ASP A C   
290 O O   . ASP A 33 ? 0.1852 0.2024 0.1996 -0.0040 0.0182  -0.0173 33  ASP A O   
291 C CB  . ASP A 33 ? 0.1850 0.1971 0.2044 -0.0088 0.0003  -0.0026 33  ASP A CB  
292 C CG  . ASP A 33 ? 0.2485 0.2578 0.2444 0.0007  -0.0063 0.0060  33  ASP A CG  
293 O OD1 . ASP A 33 ? 0.2916 0.2835 0.3038 -0.0022 -0.0115 0.0162  33  ASP A OD1 
294 O OD2 . ASP A 33 ? 0.3057 0.3088 0.2935 -0.0135 -0.0258 -0.0073 33  ASP A OD2 
295 N N   . ASP A 34 ? 0.1227 0.1431 0.1487 -0.0065 -0.0012 -0.0037 34  ASP A N   
296 C CA  . ASP A 34 ? 0.1342 0.1479 0.1428 -0.0066 0.0008  -0.0057 34  ASP A CA  
297 C C   . ASP A 34 ? 0.1239 0.1256 0.1211 -0.0096 0.0007  -0.0007 34  ASP A C   
298 O O   . ASP A 34 ? 0.1141 0.1515 0.1187 -0.0213 0.0040  0.0089  34  ASP A O   
299 C CB  . ASP A 34 ? 0.1532 0.1648 0.1669 -0.0084 0.0039  0.0005  34  ASP A CB  
300 C CG  . ASP A 34 ? 0.1889 0.2088 0.2052 -0.0022 -0.0099 -0.0027 34  ASP A CG  
301 O OD1 . ASP A 34 ? 0.1875 0.2224 0.1714 -0.0126 0.0040  -0.0007 34  ASP A OD1 
302 O OD2 . ASP A 34 ? 0.2557 0.2628 0.2423 -0.0223 -0.0097 -0.0221 34  ASP A OD2 
303 N N   . TRP A 35 ? 0.1065 0.1072 0.0985 -0.0029 -0.0041 -0.0024 35  TRP A N   
304 C CA  . TRP A 35 ? 0.0936 0.0878 0.0931 -0.0060 -0.0029 0.0016  35  TRP A CA  
305 C C   . TRP A 35 ? 0.0796 0.0765 0.0749 -0.0025 -0.0066 0.0019  35  TRP A C   
306 O O   . TRP A 35 ? 0.0810 0.0931 0.0826 -0.0082 -0.0053 0.0053  35  TRP A O   
307 C CB  . TRP A 35 ? 0.1069 0.0990 0.1033 0.0015  -0.0014 0.0068  35  TRP A CB  
308 C CG  . TRP A 35 ? 0.1196 0.1129 0.1310 -0.0069 0.0024  0.0048  35  TRP A CG  
309 C CD1 . TRP A 35 ? 0.1428 0.1343 0.1424 -0.0051 -0.0052 0.0006  35  TRP A CD1 
310 C CD2 . TRP A 35 ? 0.1341 0.1193 0.1293 -0.0003 0.0014  -0.0087 35  TRP A CD2 
311 N NE1 . TRP A 35 ? 0.1539 0.1217 0.1661 0.0013  -0.0058 0.0126  35  TRP A NE1 
312 C CE2 . TRP A 35 ? 0.1302 0.1153 0.1389 0.0091  0.0043  0.0079  35  TRP A CE2 
313 C CE3 . TRP A 35 ? 0.1209 0.1139 0.1221 0.0039  0.0095  -0.0085 35  TRP A CE3 
314 C CZ2 . TRP A 35 ? 0.1525 0.1227 0.1520 -0.0048 0.0037  0.0082  35  TRP A CZ2 
315 C CZ3 . TRP A 35 ? 0.1349 0.1357 0.1245 0.0040  0.0034  -0.0059 35  TRP A CZ3 
316 C CH2 . TRP A 35 ? 0.1523 0.1243 0.1362 0.0124  0.0065  0.0064  35  TRP A CH2 
317 N N   . TRP A 36 ? 0.0782 0.0696 0.0713 -0.0011 -0.0097 0.0023  36  TRP A N   
318 C CA  . TRP A 36 ? 0.0713 0.0679 0.0685 0.0028  -0.0037 0.0010  36  TRP A CA  
319 C C   . TRP A 36 ? 0.0674 0.0686 0.0741 -0.0010 -0.0071 0.0007  36  TRP A C   
320 O O   . TRP A 36 ? 0.0673 0.0759 0.0772 0.0053  0.0044  0.0095  36  TRP A O   
321 C CB  . TRP A 36 ? 0.0762 0.0794 0.0850 -0.0034 -0.0016 -0.0017 36  TRP A CB  
322 C CG  . TRP A 36 ? 0.0709 0.0834 0.0859 -0.0016 -0.0010 0.0034  36  TRP A CG  
323 C CD1 . TRP A 36 ? 0.0936 0.0851 0.0967 0.0027  -0.0075 0.0034  36  TRP A CD1 
324 C CD2 . TRP A 36 ? 0.0861 0.0899 0.1002 -0.0080 0.0007  -0.0001 36  TRP A CD2 
325 N NE1 . TRP A 36 ? 0.0760 0.0970 0.1081 -0.0080 -0.0173 0.0170  36  TRP A NE1 
326 C CE2 . TRP A 36 ? 0.0931 0.1030 0.1124 0.0046  0.0060  0.0153  36  TRP A CE2 
327 C CE3 . TRP A 36 ? 0.1126 0.1130 0.1134 0.0088  -0.0033 -0.0015 36  TRP A CE3 
328 C CZ2 . TRP A 36 ? 0.1075 0.1270 0.1422 0.0122  0.0070  0.0178  36  TRP A CZ2 
329 C CZ3 . TRP A 36 ? 0.1366 0.1247 0.1158 0.0139  0.0050  -0.0041 36  TRP A CZ3 
330 C CH2 . TRP A 36 ? 0.1197 0.1252 0.1361 0.0194  0.0126  0.0171  36  TRP A CH2 
331 N N   . LEU A 37 ? 0.0680 0.0607 0.0618 0.0031  -0.0111 0.0081  37  LEU A N   
332 C CA  . LEU A 37 ? 0.0694 0.0630 0.0658 0.0020  -0.0067 -0.0068 37  LEU A CA  
333 C C   . LEU A 37 ? 0.0784 0.0600 0.0729 0.0031  -0.0108 -0.0025 37  LEU A C   
334 O O   . LEU A 37 ? 0.0927 0.0614 0.0943 0.0084  -0.0190 -0.0068 37  LEU A O   
335 C CB  . LEU A 37 ? 0.0833 0.0794 0.0786 0.0023  -0.0037 0.0007  37  LEU A CB  
336 C CG  A LEU A 37 ? 0.0811 0.0813 0.0751 0.0000  -0.0044 -0.0017 37  LEU A CG  
337 C CG  B LEU A 37 ? 0.0974 0.0946 0.0880 0.0001  -0.0019 -0.0007 37  LEU A CG  
338 C CD1 A LEU A 37 ? 0.0890 0.0930 0.0705 0.0073  0.0131  0.0073  37  LEU A CD1 
339 C CD1 B LEU A 37 ? 0.1011 0.1007 0.0970 0.0046  0.0041  0.0020  37  LEU A CD1 
340 C CD2 A LEU A 37 ? 0.0783 0.1022 0.0845 -0.0048 0.0043  0.0008  37  LEU A CD2 
341 C CD2 B LEU A 37 ? 0.0990 0.0948 0.1099 0.0078  0.0016  0.0037  37  LEU A CD2 
342 N N   . GLY A 38 ? 0.0685 0.0541 0.0684 0.0036  -0.0066 -0.0022 38  GLY A N   
343 C CA  . GLY A 38 ? 0.0766 0.0722 0.0750 0.0051  -0.0093 -0.0085 38  GLY A CA  
344 C C   . GLY A 38 ? 0.0728 0.0635 0.0660 0.0095  -0.0080 0.0012  38  GLY A C   
345 O O   . GLY A 38 ? 0.0760 0.0726 0.0677 0.0136  -0.0110 -0.0025 38  GLY A O   
346 N N   . GLU A 39 ? 0.0810 0.0677 0.0761 0.0167  -0.0195 -0.0040 39  GLU A N   
347 C CA  . GLU A 39 ? 0.0639 0.0715 0.0730 0.0033  -0.0033 -0.0041 39  GLU A CA  
348 C C   . GLU A 39 ? 0.0573 0.0678 0.0645 0.0022  -0.0106 -0.0063 39  GLU A C   
349 O O   . GLU A 39 ? 0.0861 0.0774 0.0759 0.0078  -0.0119 -0.0092 39  GLU A O   
350 C CB  . GLU A 39 ? 0.0817 0.0734 0.0754 0.0026  -0.0042 -0.0011 39  GLU A CB  
351 C CG  . GLU A 39 ? 0.0848 0.1024 0.0869 -0.0026 -0.0036 -0.0036 39  GLU A CG  
352 C CD  . GLU A 39 ? 0.1099 0.1239 0.1089 -0.0139 -0.0050 0.0040  39  GLU A CD  
353 O OE1 . GLU A 39 ? 0.1493 0.1505 0.1198 -0.0269 0.0043  0.0030  39  GLU A OE1 
354 O OE2 . GLU A 39 ? 0.1175 0.1402 0.1233 -0.0266 0.0011  0.0040  39  GLU A OE2 
355 N N   . LEU A 40 ? 0.0664 0.0730 0.0698 0.0089  -0.0006 -0.0082 40  LEU A N   
356 C CA  . LEU A 40 ? 0.0743 0.0808 0.0694 0.0025  0.0015  -0.0060 40  LEU A CA  
357 C C   . LEU A 40 ? 0.0738 0.0862 0.0700 0.0012  -0.0006 -0.0002 40  LEU A C   
358 O O   . LEU A 40 ? 0.0586 0.0911 0.0667 0.0014  -0.0008 -0.0100 40  LEU A O   
359 C CB  . LEU A 40 ? 0.0972 0.1021 0.0860 0.0004  0.0036  -0.0013 40  LEU A CB  
360 C CG  . LEU A 40 ? 0.1438 0.1135 0.1030 -0.0110 0.0081  -0.0076 40  LEU A CG  
361 C CD1 . LEU A 40 ? 0.1550 0.1271 0.1555 0.0044  -0.0007 0.0104  40  LEU A CD1 
362 C CD2 . LEU A 40 ? 0.1717 0.1602 0.1568 -0.0051 -0.0060 0.0078  40  LEU A CD2 
363 N N   . GLU A 41 ? 0.0699 0.0788 0.0642 -0.0033 -0.0015 -0.0028 41  GLU A N   
364 C CA  . GLU A 41 ? 0.0759 0.0833 0.0771 -0.0008 -0.0050 -0.0068 41  GLU A CA  
365 C C   . GLU A 41 ? 0.0688 0.0725 0.0720 -0.0024 -0.0008 -0.0028 41  GLU A C   
366 O O   . GLU A 41 ? 0.0687 0.0903 0.0931 -0.0043 -0.0049 -0.0107 41  GLU A O   
367 C CB  . GLU A 41 ? 0.0752 0.0925 0.0804 0.0042  -0.0091 -0.0057 41  GLU A CB  
368 C CG  . GLU A 41 ? 0.0922 0.0899 0.1139 0.0009  -0.0022 -0.0041 41  GLU A CG  
369 C CD  A GLU A 41 ? 0.1306 0.1231 0.1304 0.0042  -0.0061 0.0018  41  GLU A CD  
370 C CD  B GLU A 41 ? 0.1164 0.1138 0.1251 0.0005  0.0018  -0.0066 41  GLU A CD  
371 O OE1 A GLU A 41 ? 0.1304 0.1209 0.1314 -0.0117 -0.0035 -0.0014 41  GLU A OE1 
372 O OE1 B GLU A 41 ? 0.1291 0.1337 0.1007 -0.0062 -0.0050 -0.0097 41  GLU A OE1 
373 O OE2 A GLU A 41 ? 0.1627 0.1671 0.1720 -0.0116 -0.0214 0.0016  41  GLU A OE2 
374 O OE2 B GLU A 41 ? 0.1542 0.1329 0.1600 -0.0081 0.0051  -0.0201 41  GLU A OE2 
375 N N   . LYS A 42 ? 0.0655 0.0807 0.0659 -0.0053 -0.0130 0.0016  42  LYS A N   
376 C CA  . LYS A 42 ? 0.0795 0.0859 0.0618 0.0042  -0.0079 -0.0027 42  LYS A CA  
377 C C   . LYS A 42 ? 0.0724 0.0728 0.0659 0.0006  -0.0127 -0.0029 42  LYS A C   
378 O O   . LYS A 42 ? 0.0787 0.0759 0.0630 -0.0016 -0.0208 -0.0039 42  LYS A O   
379 C CB  . LYS A 42 ? 0.0845 0.1117 0.0828 0.0063  -0.0043 0.0019  42  LYS A CB  
380 C CG  . LYS A 42 ? 0.1100 0.1230 0.1099 0.0021  -0.0088 0.0090  42  LYS A CG  
381 C CD  . LYS A 42 ? 0.1186 0.1387 0.1302 -0.0051 -0.0067 0.0075  42  LYS A CD  
382 C CE  . LYS A 42 ? 0.1581 0.1519 0.1473 0.0018  -0.0004 0.0038  42  LYS A CE  
383 N NZ  . LYS A 42 ? 0.1483 0.1392 0.1496 -0.0039 -0.0038 0.0088  42  LYS A NZ  
384 N N   . ASP A 43 ? 0.0717 0.0848 0.0727 0.0047  -0.0151 -0.0087 43  ASP A N   
385 C CA  . ASP A 43 ? 0.0874 0.0967 0.0869 0.0034  -0.0082 -0.0050 43  ASP A CA  
386 C C   . ASP A 43 ? 0.0882 0.0998 0.0913 0.0060  -0.0101 -0.0081 43  ASP A C   
387 O O   . ASP A 43 ? 0.0861 0.1272 0.0866 0.0073  -0.0058 -0.0214 43  ASP A O   
388 C CB  . ASP A 43 ? 0.1090 0.1047 0.1018 0.0119  -0.0140 0.0011  43  ASP A CB  
389 C CG  . ASP A 43 ? 0.1390 0.1062 0.1117 0.0053  -0.0134 0.0030  43  ASP A CG  
390 O OD1 . ASP A 43 ? 0.1187 0.1070 0.0886 0.0098  -0.0161 -0.0071 43  ASP A OD1 
391 O OD2 . ASP A 43 ? 0.1988 0.1176 0.1449 -0.0071 -0.0306 -0.0019 43  ASP A OD2 
392 N N   . GLY A 44 ? 0.0809 0.0865 0.0843 -0.0016 -0.0015 -0.0016 44  GLY A N   
393 C CA  . GLY A 44 ? 0.0881 0.0914 0.0901 -0.0003 0.0002  -0.0035 44  GLY A CA  
394 C C   . GLY A 44 ? 0.0819 0.0957 0.0823 -0.0022 -0.0060 -0.0024 44  GLY A C   
395 O O   . GLY A 44 ? 0.0912 0.1091 0.0859 -0.0100 0.0051  -0.0122 44  GLY A O   
396 N N   . SER A 45 ? 0.0823 0.0800 0.0722 -0.0010 -0.0108 -0.0062 45  SER A N   
397 C CA  . SER A 45 ? 0.0752 0.0784 0.0801 0.0047  -0.0053 -0.0066 45  SER A CA  
398 C C   . SER A 45 ? 0.0817 0.0832 0.0796 0.0079  -0.0072 -0.0058 45  SER A C   
399 O O   . SER A 45 ? 0.0857 0.0789 0.0634 0.0128  -0.0108 -0.0069 45  SER A O   
400 C CB  . SER A 45 ? 0.1080 0.0945 0.0961 0.0001  -0.0143 -0.0017 45  SER A CB  
401 O OG  . SER A 45 ? 0.1294 0.0959 0.1003 -0.0155 -0.0151 0.0136  45  SER A OG  
402 N N   . LYS A 46 ? 0.0840 0.0806 0.0817 0.0166  -0.0112 -0.0073 46  LYS A N   
403 C CA  . LYS A 46 ? 0.0818 0.0846 0.0849 0.0065  -0.0071 -0.0091 46  LYS A CA  
404 C C   . LYS A 46 ? 0.0928 0.0811 0.0816 0.0074  -0.0099 -0.0083 46  LYS A C   
405 O O   . LYS A 46 ? 0.1009 0.1008 0.1088 0.0129  -0.0170 -0.0170 46  LYS A O   
406 C CB  . LYS A 46 ? 0.0990 0.0974 0.0955 0.0075  -0.0007 -0.0007 46  LYS A CB  
407 C CG  . LYS A 46 ? 0.1135 0.1135 0.1058 0.0020  -0.0023 -0.0103 46  LYS A CG  
408 C CD  . LYS A 46 ? 0.1361 0.1443 0.1369 -0.0088 0.0007  0.0033  46  LYS A CD  
409 C CE  . LYS A 46 ? 0.1496 0.1602 0.1627 -0.0089 0.0080  -0.0083 46  LYS A CE  
410 N NZ  . LYS A 46 ? 0.2056 0.1865 0.1868 -0.0058 0.0024  -0.0048 46  LYS A NZ  
411 N N   . GLY A 47 ? 0.0810 0.0690 0.0700 0.0114  -0.0062 -0.0042 47  GLY A N   
412 C CA  . GLY A 47 ? 0.0880 0.0793 0.0801 0.0037  -0.0078 -0.0030 47  GLY A CA  
413 C C   . GLY A 47 ? 0.0817 0.0732 0.0739 0.0040  -0.0022 -0.0003 47  GLY A C   
414 O O   . GLY A 47 ? 0.0894 0.0743 0.0754 0.0036  -0.0005 -0.0086 47  GLY A O   
415 N N   . LEU A 48 ? 0.0797 0.0652 0.0753 0.0071  0.0001  -0.0038 48  LEU A N   
416 C CA  . LEU A 48 ? 0.0852 0.0792 0.0842 0.0026  -0.0014 0.0009  48  LEU A CA  
417 C C   . LEU A 48 ? 0.0894 0.0845 0.0790 0.0083  -0.0013 0.0056  48  LEU A C   
418 O O   . LEU A 48 ? 0.1050 0.0891 0.0835 0.0109  -0.0087 0.0095  48  LEU A O   
419 C CB  . LEU A 48 ? 0.0903 0.0876 0.0986 -0.0011 -0.0029 -0.0050 48  LEU A CB  
420 C CG  . LEU A 48 ? 0.1127 0.1008 0.1085 -0.0007 -0.0023 -0.0034 48  LEU A CG  
421 C CD1 . LEU A 48 ? 0.1698 0.1494 0.1534 0.0076  -0.0090 -0.0189 48  LEU A CD1 
422 C CD2 . LEU A 48 ? 0.1559 0.1359 0.1303 0.0183  0.0015  0.0038  48  LEU A CD2 
423 N N   . PHE A 49 ? 0.0831 0.0832 0.0760 0.0007  -0.0047 0.0097  49  PHE A N   
424 C CA  . PHE A 49 ? 0.0874 0.0880 0.0798 0.0028  -0.0001 -0.0013 49  PHE A CA  
425 C C   . PHE A 49 ? 0.0958 0.0952 0.0911 0.0003  -0.0032 0.0030  49  PHE A C   
426 O O   . PHE A 49 ? 0.0940 0.0874 0.0734 -0.0043 -0.0074 0.0022  49  PHE A O   
427 C CB  . PHE A 49 ? 0.0967 0.1130 0.0858 0.0078  -0.0042 -0.0054 49  PHE A CB  
428 C CG  . PHE A 49 ? 0.1096 0.0969 0.0844 0.0024  -0.0050 -0.0155 49  PHE A CG  
429 C CD1 . PHE A 49 ? 0.0952 0.1000 0.1007 -0.0006 -0.0113 -0.0099 49  PHE A CD1 
430 C CD2 . PHE A 49 ? 0.0822 0.1103 0.0965 -0.0127 0.0009  -0.0034 49  PHE A CD2 
431 C CE1 . PHE A 49 ? 0.0892 0.1039 0.0783 -0.0045 0.0062  -0.0054 49  PHE A CE1 
432 C CE2 . PHE A 49 ? 0.1040 0.1064 0.0944 0.0057  0.0018  -0.0088 49  PHE A CE2 
433 C CZ  . PHE A 49 ? 0.1059 0.1055 0.0998 0.0022  -0.0009 -0.0059 49  PHE A CZ  
434 N N   . PRO A 50 ? 0.0972 0.1083 0.0872 0.0038  -0.0011 0.0052  50  PRO A N   
435 C CA  . PRO A 50 ? 0.0954 0.1149 0.0979 -0.0033 0.0033  0.0039  50  PRO A CA  
436 C C   . PRO A 50 ? 0.1056 0.1191 0.1057 -0.0032 -0.0008 0.0043  50  PRO A C   
437 O O   . PRO A 50 ? 0.1005 0.1134 0.1031 0.0002  0.0024  0.0101  50  PRO A O   
438 C CB  . PRO A 50 ? 0.1149 0.1237 0.1233 -0.0035 0.0071  0.0033  50  PRO A CB  
439 C CG  . PRO A 50 ? 0.1313 0.1311 0.1224 0.0007  0.0080  0.0086  50  PRO A CG  
440 C CD  . PRO A 50 ? 0.1253 0.1148 0.1001 0.0071  -0.0005 0.0042  50  PRO A CD  
441 N N   . SER A 51 ? 0.1097 0.1088 0.1103 0.0012  -0.0033 0.0086  51  SER A N   
442 C CA  . SER A 51 ? 0.1091 0.1127 0.1182 -0.0038 -0.0038 0.0062  51  SER A CA  
443 C C   . SER A 51 ? 0.1017 0.1010 0.1200 -0.0016 -0.0023 0.0014  51  SER A C   
444 O O   . SER A 51 ? 0.0941 0.1030 0.1244 -0.0030 0.0039  -0.0052 51  SER A O   
445 C CB  . SER A 51 ? 0.1322 0.1120 0.1170 0.0019  -0.0057 0.0066  51  SER A CB  
446 O OG  . SER A 51 ? 0.1731 0.1540 0.1454 -0.0119 -0.0234 0.0163  51  SER A OG  
447 N N   . ASN A 52 ? 0.1046 0.0948 0.1222 -0.0114 -0.0077 -0.0035 52  ASN A N   
448 C CA  . ASN A 52 ? 0.1107 0.1154 0.1252 -0.0100 -0.0087 -0.0008 52  ASN A CA  
449 C C   . ASN A 52 ? 0.1116 0.1243 0.1188 -0.0034 0.0001  0.0010  52  ASN A C   
450 O O   . ASN A 52 ? 0.0929 0.1547 0.1410 0.0065  0.0032  -0.0028 52  ASN A O   
451 C CB  . ASN A 52 ? 0.1098 0.1199 0.1362 -0.0111 -0.0044 0.0052  52  ASN A CB  
452 C CG  A ASN A 52 ? 0.1336 0.1461 0.1476 -0.0010 -0.0063 0.0118  52  ASN A CG  
453 C CG  B ASN A 52 ? 0.1368 0.1329 0.1295 -0.0113 -0.0023 -0.0100 52  ASN A CG  
454 O OD1 A ASN A 52 ? 0.1791 0.1770 0.1769 -0.0027 -0.0019 -0.0134 52  ASN A OD1 
455 O OD1 B ASN A 52 ? 0.1584 0.1559 0.1765 0.0024  -0.0008 -0.0012 52  ASN A OD1 
456 N ND2 A ASN A 52 ? 0.1335 0.1425 0.1427 -0.0054 -0.0119 -0.0036 52  ASN A ND2 
457 N ND2 B ASN A 52 ? 0.1219 0.1250 0.1342 -0.0181 -0.0170 -0.0077 52  ASN A ND2 
458 N N   . TYR A 53 ? 0.0887 0.1063 0.1052 -0.0081 0.0034  0.0033  53  TYR A N   
459 C CA  . TYR A 53 ? 0.0996 0.1069 0.1064 -0.0056 0.0053  0.0007  53  TYR A CA  
460 C C   . TYR A 53 ? 0.0953 0.1046 0.1011 0.0006  -0.0001 0.0025  53  TYR A C   
461 O O   . TYR A 53 ? 0.0974 0.1137 0.1016 -0.0174 -0.0014 -0.0084 53  TYR A O   
462 C CB  . TYR A 53 ? 0.0962 0.1111 0.0937 -0.0043 -0.0035 0.0043  53  TYR A CB  
463 C CG  . TYR A 53 ? 0.0873 0.1009 0.1025 0.0013  0.0027  -0.0128 53  TYR A CG  
464 C CD1 . TYR A 53 ? 0.1198 0.1110 0.1023 -0.0026 -0.0148 0.0013  53  TYR A CD1 
465 C CD2 . TYR A 53 ? 0.0809 0.1110 0.1008 0.0036  0.0016  -0.0075 53  TYR A CD2 
466 C CE1 . TYR A 53 ? 0.0986 0.1037 0.1153 -0.0048 -0.0043 -0.0140 53  TYR A CE1 
467 C CE2 . TYR A 53 ? 0.1023 0.1181 0.0954 -0.0049 0.0021  0.0021  53  TYR A CE2 
468 C CZ  . TYR A 53 ? 0.0857 0.0978 0.1124 0.0031  0.0121  -0.0046 53  TYR A CZ  
469 O OH  . TYR A 53 ? 0.1300 0.1310 0.1488 -0.0190 0.0153  0.0090  53  TYR A OH  
470 N N   . VAL A 54 ? 0.0962 0.0999 0.1021 -0.0097 0.0008  0.0009  54  VAL A N   
471 C CA  . VAL A 54 ? 0.0915 0.0965 0.1018 -0.0052 0.0033  0.0005  54  VAL A CA  
472 C C   . VAL A 54 ? 0.0901 0.0935 0.0913 -0.0073 -0.0040 0.0026  54  VAL A C   
473 O O   . VAL A 54 ? 0.1036 0.1232 0.1366 -0.0055 -0.0160 -0.0026 54  VAL A O   
474 C CB  . VAL A 54 ? 0.0916 0.1019 0.1082 -0.0078 0.0041  0.0007  54  VAL A CB  
475 C CG1 . VAL A 54 ? 0.0963 0.1126 0.1151 -0.0045 0.0073  -0.0054 54  VAL A CG1 
476 C CG2 . VAL A 54 ? 0.0970 0.1043 0.1128 -0.0043 0.0021  -0.0025 54  VAL A CG2 
477 N N   . SER A 55 ? 0.0881 0.0922 0.0997 0.0005  0.0008  0.0010  55  SER A N   
478 C CA  . SER A 55 ? 0.1023 0.1074 0.1128 0.0007  -0.0017 0.0059  55  SER A CA  
479 C C   . SER A 55 ? 0.0945 0.1070 0.1112 0.0034  -0.0011 0.0018  55  SER A C   
480 O O   . SER A 55 ? 0.0868 0.0974 0.1071 -0.0082 0.0035  0.0042  55  SER A O   
481 C CB  . SER A 55 ? 0.1208 0.1364 0.1346 -0.0035 0.0112  0.0046  55  SER A CB  
482 O OG  . SER A 55 ? 0.1786 0.1731 0.1894 0.0075  0.0042  0.0098  55  SER A OG  
483 N N   . LEU A 56 ? 0.0908 0.1141 0.1109 0.0030  -0.0036 0.0017  56  LEU A N   
484 C CA  . LEU A 56 ? 0.1093 0.1198 0.1186 0.0041  -0.0017 0.0045  56  LEU A CA  
485 C C   . LEU A 56 ? 0.1281 0.1327 0.1453 0.0035  -0.0016 -0.0036 56  LEU A C   
486 O O   . LEU A 56 ? 0.1205 0.1328 0.1649 0.0180  -0.0093 -0.0054 56  LEU A O   
487 C CB  . LEU A 56 ? 0.1195 0.1301 0.1287 0.0063  -0.0010 0.0116  56  LEU A CB  
488 C CG  . LEU A 56 ? 0.1201 0.1301 0.1379 -0.0033 -0.0042 0.0072  56  LEU A CG  
489 C CD1 . LEU A 56 ? 0.1588 0.1588 0.1585 0.0114  -0.0050 0.0083  56  LEU A CD1 
490 C CD2 . LEU A 56 ? 0.1570 0.1362 0.1319 0.0167  -0.0047 -0.0030 56  LEU A CD2 
491 N N   . GLY A 57 ? 0.1467 0.1462 0.1737 0.0027  -0.0087 -0.0014 57  GLY A N   
492 C CA  . GLY A 57 ? 0.1884 0.1756 0.1988 0.0015  -0.0065 -0.0064 57  GLY A CA  
493 C C   . GLY A 57 ? 0.2090 0.2122 0.2231 0.0006  -0.0027 0.0017  57  GLY A C   
494 O O   . GLY A 57 ? 0.1993 0.2060 0.2130 -0.0045 -0.0077 0.0048  57  GLY A O   
495 N N   . ASN A 58 ? 0.2557 0.2479 0.2583 -0.0001 -0.0012 -0.0045 58  ASN A N   
496 C CA  . ASN A 58 ? 0.2908 0.2893 0.2855 0.0003  0.0022  -0.0016 58  ASN A CA  
497 C C   . ASN A 58 ? 0.3000 0.3015 0.3049 -0.0016 0.0021  -0.0015 58  ASN A C   
498 O O   . ASN A 58 ? 0.3207 0.3196 0.3319 0.0024  -0.0021 0.0096  58  ASN A O   
499 C CB  . ASN A 58 ? 0.3022 0.3009 0.2990 -0.0020 0.0028  -0.0039 58  ASN A CB  
500 C CG  A ASN A 58 ? 0.3171 0.3125 0.3155 0.0029  0.0029  0.0005  58  ASN A CG  
501 C CG  B ASN A 58 ? 0.3144 0.3215 0.3117 -0.0012 -0.0003 -0.0027 58  ASN A CG  
502 O OD1 A ASN A 58 ? 0.3351 0.3406 0.3342 -0.0019 -0.0037 -0.0024 58  ASN A OD1 
503 O OD1 B ASN A 58 ? 0.3408 0.3370 0.3407 0.0072  -0.0020 0.0016  58  ASN A OD1 
504 N ND2 A ASN A 58 ? 0.3333 0.3313 0.3357 -0.0069 -0.0016 -0.0035 58  ASN A ND2 
505 N ND2 B ASN A 58 ? 0.3431 0.3393 0.3441 -0.0075 0.0023  -0.0048 58  ASN A ND2 
506 S S   . SO4 B .  ? 0.2000 0.1610 0.1788 -0.0041 -0.0199 -0.0042 400 SO4 A S   
507 O O1  A SO4 B .  ? 0.2037 0.2028 0.1866 0.0054  -0.0216 0.0107  400 SO4 A O1  
508 O O1  B SO4 B .  ? 0.2365 0.2278 0.2089 -0.0049 -0.0029 -0.0247 400 SO4 A O1  
509 O O2  A SO4 B .  ? 0.1917 0.1597 0.1769 0.0141  -0.0310 0.0022  400 SO4 A O2  
510 O O2  B SO4 B .  ? 0.1899 0.1787 0.1949 0.0057  -0.0166 0.0011  400 SO4 A O2  
511 O O3  . SO4 B .  ? 0.2141 0.2284 0.2220 0.0034  -0.0060 -0.0050 400 SO4 A O3  
512 O O4  A SO4 B .  ? 0.1886 0.1776 0.1959 -0.0008 -0.0144 0.0024  400 SO4 A O4  
513 O O4  B SO4 B .  ? 0.2044 0.1786 0.1973 0.0069  -0.0065 0.0079  400 SO4 A O4  
514 S S   . SO4 C .  ? 0.3005 0.2818 0.2920 -0.0052 -0.0108 0.0035  401 SO4 A S   
515 O O1  . SO4 C .  ? 0.3132 0.3045 0.3003 -0.0101 -0.0008 0.0076  401 SO4 A O1  
516 O O2  . SO4 C .  ? 0.3032 0.2903 0.3115 0.0037  -0.0042 -0.0053 401 SO4 A O2  
517 O O3  . SO4 C .  ? 0.2694 0.2636 0.2695 -0.0106 -0.0099 0.0046  401 SO4 A O3  
518 O O4  . SO4 C .  ? 0.2847 0.2808 0.2928 0.0019  -0.0055 0.0036  401 SO4 A O4  
519 O O   . HOH D .  ? 0.1218 0.1234 0.1075 0.0149  -0.0465 -0.0165 402 HOH A O   
520 O O   . HOH D .  ? 0.0798 0.1025 0.0906 -0.0087 -0.0139 -0.0029 403 HOH A O   
521 O O   . HOH D .  ? 0.1143 0.1517 0.1321 -0.0289 -0.0164 -0.0067 404 HOH A O   
522 O O   . HOH D .  ? 0.1041 0.1345 0.1245 0.0086  -0.0157 0.0195  405 HOH A O   
523 O O   . HOH D .  ? 0.1217 0.1464 0.1538 0.0260  -0.0007 -0.0174 406 HOH A O   
524 O O   . HOH D .  ? 0.2005 0.1525 0.1682 0.0034  0.0032  0.0057  407 HOH A O   
525 O O   . HOH D .  ? 0.1275 0.1291 0.2000 -0.0155 -0.0038 0.0120  408 HOH A O   
526 O O   . HOH D .  ? 0.1397 0.1230 0.1681 -0.0053 -0.0109 0.0061  409 HOH A O   
527 O O   . HOH D .  ? 0.1669 0.1791 0.1727 0.0090  -0.0047 0.0156  410 HOH A O   
528 O O   . HOH D .  ? 0.1585 0.1577 0.1544 -0.0189 0.0026  0.0056  411 HOH A O   
529 O O   . HOH D .  ? 0.2240 0.1258 0.1393 0.0000  -0.0274 0.0176  412 HOH A O   
530 O O   . HOH D .  ? 0.1540 0.1483 0.1474 -0.0305 0.0127  -0.0082 413 HOH A O   
531 O O   . HOH D .  ? 0.2173 0.1919 0.2062 0.0113  -0.0220 0.0105  414 HOH A O   
532 O O   . HOH D .  ? 0.1457 0.1899 0.1659 -0.0141 -0.0128 0.0108  415 HOH A O   
533 O O   . HOH D .  ? 0.1627 0.1681 0.1751 0.0034  0.0018  0.0101  416 HOH A O   
534 O O   . HOH D .  ? 0.1989 0.1961 0.1598 0.0160  -0.0027 0.0098  417 HOH A O   
535 O O   . HOH D .  ? 0.1439 0.1770 0.1909 0.0153  -0.0017 -0.0133 418 HOH A O   
536 O O   . HOH D .  ? 0.2200 0.1902 0.1651 -0.0260 0.0114  0.0055  419 HOH A O   
537 O O   . HOH D .  ? 0.1829 0.2111 0.1513 -0.0122 0.0018  -0.0138 420 HOH A O   
538 O O   . HOH D .  ? 0.1872 0.1930 0.2325 -0.0117 0.0072  0.0170  421 HOH A O   
539 O O   . HOH D .  ? 0.1601 0.1607 0.2248 -0.0016 -0.0167 -0.0017 422 HOH A O   
540 O O   . HOH D .  ? 0.1859 0.1959 0.1617 -0.0205 0.0106  -0.0038 423 HOH A O   
541 O O   . HOH D .  ? 0.1945 0.1891 0.2062 0.0002  -0.0016 -0.0174 424 HOH A O   
542 O O   . HOH D .  ? 0.2542 0.2589 0.2458 0.0017  -0.0101 -0.0013 425 HOH A O   
543 O O   A HOH D .  ? 0.1160 0.1084 0.1313 -0.0062 -0.0073 -0.0043 426 HOH A O   
544 O O   B HOH D .  ? 0.1086 0.0971 0.0681 -0.0222 0.0066  -0.0140 426 HOH A O   
545 O O   . HOH D .  ? 0.2081 0.2218 0.1899 -0.0019 0.0188  -0.0609 427 HOH A O   
546 O O   . HOH D .  ? 0.2180 0.2105 0.2302 -0.0034 0.0016  -0.0002 428 HOH A O   
547 O O   . HOH D .  ? 0.2251 0.2024 0.2036 -0.0175 -0.0022 -0.0017 429 HOH A O   
548 O O   A HOH D .  ? 0.1857 0.1556 0.1641 -0.0060 -0.0064 0.0009  430 HOH A O   
549 O O   B HOH D .  ? 0.1440 0.1564 0.1621 0.0226  -0.0010 0.0186  430 HOH A O   
550 O O   . HOH D .  ? 0.2094 0.2224 0.1749 -0.0328 0.0031  -0.0076 431 HOH A O   
551 O O   . HOH D .  ? 0.2526 0.2486 0.2254 -0.0273 -0.0212 -0.0124 432 HOH A O   
552 O O   . HOH D .  ? 0.2069 0.1914 0.2297 -0.0192 -0.0379 0.0044  433 HOH A O   
553 O O   . HOH D .  ? 0.1897 0.2082 0.2219 0.0147  0.0009  -0.0115 434 HOH A O   
554 O O   . HOH D .  ? 0.2091 0.1877 0.2339 -0.0186 0.0164  -0.0155 435 HOH A O   
555 O O   . HOH D .  ? 0.2588 0.2286 0.2179 -0.0176 -0.0079 -0.0222 436 HOH A O   
556 O O   . HOH D .  ? 0.2555 0.2714 0.2808 -0.0115 -0.0125 -0.0175 437 HOH A O   
557 O O   . HOH D .  ? 0.2243 0.2544 0.2331 0.0188  -0.0108 0.0062  438 HOH A O   
558 O O   . HOH D .  ? 0.2209 0.1911 0.1910 -0.0065 -0.0050 0.0028  439 HOH A O   
559 O O   . HOH D .  ? 0.1928 0.2268 0.2045 -0.0097 -0.0097 0.0049  440 HOH A O   
560 O O   . HOH D .  ? 0.2348 0.1929 0.2026 0.0126  -0.0110 -0.0163 441 HOH A O   
561 O O   . HOH D .  ? 0.2554 0.2445 0.2512 0.0018  0.0126  0.0063  442 HOH A O   
562 O O   . HOH D .  ? 0.2428 0.1689 0.2378 0.0025  -0.0378 -0.0076 443 HOH A O   
563 O O   . HOH D .  ? 0.2768 0.2661 0.2432 0.0070  -0.0011 0.0202  444 HOH A O   
564 O O   . HOH D .  ? 0.2595 0.2463 0.2452 -0.0069 0.0161  0.0058  445 HOH A O   
565 O O   . HOH D .  ? 0.2567 0.2492 0.2275 0.0046  -0.0133 0.0129  446 HOH A O   
566 O O   . HOH D .  ? 0.2379 0.2357 0.2403 0.0003  -0.0296 -0.0048 447 HOH A O   
567 O O   . HOH D .  ? 0.3207 0.3298 0.3494 0.0033  0.0004  0.0084  448 HOH A O   
568 O O   . HOH D .  ? 0.2799 0.2466 0.2957 -0.0142 -0.0046 -0.0066 449 HOH A O   
569 O O   . HOH D .  ? 0.3047 0.3116 0.3293 -0.0016 -0.0052 -0.0023 450 HOH A O   
570 O O   . HOH D .  ? 0.3017 0.3249 0.3312 0.0191  0.0096  -0.0048 451 HOH A O   
571 O O   . HOH D .  ? 0.3281 0.3232 0.3308 0.0005  -0.0047 -0.0069 452 HOH A O   
572 O O   . HOH D .  ? 0.2238 0.2462 0.2347 -0.0016 0.0073  -0.0015 453 HOH A O   
573 O O   . HOH D .  ? 0.2123 0.2161 0.2705 0.0105  -0.0187 0.0068  454 HOH A O   
574 O O   . HOH D .  ? 0.2993 0.2991 0.2867 -0.0006 0.0030  0.0032  455 HOH A O   
575 O O   . HOH D .  ? 0.3111 0.3142 0.3043 -0.0117 -0.0037 -0.0080 456 HOH A O   
576 O O   . HOH D .  ? 0.2714 0.2874 0.2943 -0.0024 0.0216  -0.0221 457 HOH A O   
577 O O   . HOH D .  ? 0.2320 0.2831 0.2448 -0.0115 0.0116  -0.0206 458 HOH A O   
578 O O   . HOH D .  ? 0.3244 0.3267 0.2942 -0.0281 0.0226  -0.0121 459 HOH A O   
579 O O   . HOH D .  ? 0.2337 0.2661 0.2910 -0.0121 0.0099  -0.0055 460 HOH A O   
580 O O   . HOH D .  ? 0.3183 0.3197 0.3040 -0.0022 0.0015  -0.0151 461 HOH A O   
581 O O   . HOH D .  ? 0.2921 0.3023 0.2920 -0.0148 0.0116  0.0003  462 HOH A O   
582 O O   . HOH D .  ? 0.3158 0.2941 0.2625 -0.0189 0.0077  -0.0128 463 HOH A O   
583 O O   . HOH D .  ? 0.3745 0.3868 0.3933 0.0034  0.0067  0.0098  464 HOH A O   
584 O O   . HOH D .  ? 0.2589 0.2510 0.2500 -0.0245 0.0083  -0.0155 465 HOH A O   
585 O O   . HOH D .  ? 0.3115 0.3030 0.2453 0.0217  -0.0140 -0.0147 466 HOH A O   
586 O O   . HOH D .  ? 0.2753 0.2825 0.2820 -0.0069 -0.0010 0.0122  467 HOH A O   
587 O O   . HOH D .  ? 0.2459 0.2539 0.3033 0.0117  -0.0081 0.0012  468 HOH A O   
588 O O   . HOH D .  ? 0.3639 0.3701 0.3682 0.0056  0.0075  0.0129  469 HOH A O   
589 O O   . HOH D .  ? 0.4696 0.4362 0.4472 0.0077  -0.0130 0.0032  470 HOH A O   
590 O O   . HOH D .  ? 0.3635 0.3581 0.3586 0.0055  -0.0086 -0.0060 471 HOH A O   
591 O O   . HOH D .  ? 0.3342 0.3265 0.3251 -0.0140 -0.0037 -0.0278 472 HOH A O   
592 O O   . HOH D .  ? 0.3198 0.3557 0.3584 0.0052  0.0237  0.0208  473 HOH A O   
593 O O   . HOH D .  ? 0.2873 0.2387 0.2616 -0.0011 -0.0083 -0.0107 474 HOH A O   
594 O O   . HOH D .  ? 0.3043 0.2836 0.3032 0.0073  -0.0015 0.0130  475 HOH A O   
595 O O   . HOH D .  ? 0.2702 0.2655 0.2650 0.0065  -0.0038 0.0065  476 HOH A O   
596 O O   . HOH D .  ? 0.3630 0.3285 0.3563 0.0134  -0.0089 0.0076  477 HOH A O   
597 O O   . HOH D .  ? 0.3304 0.3183 0.3313 -0.0036 -0.0263 -0.0095 478 HOH A O   
598 O O   . HOH D .  ? 0.4493 0.4500 0.4486 0.0015  -0.0061 0.0013  479 HOH A O   
599 O O   . HOH D .  ? 0.3355 0.3218 0.3035 0.0135  -0.0150 -0.0040 480 HOH A O   
600 O O   . HOH D .  ? 0.4231 0.4243 0.4205 0.0041  0.0052  -0.0018 481 HOH A O   
601 O O   . HOH D .  ? 0.3556 0.3611 0.3487 0.0085  -0.0123 0.0052  482 HOH A O   
602 O O   . HOH D .  ? 0.3399 0.3453 0.3413 0.0129  -0.0068 -0.0059 483 HOH A O   
603 O O   . HOH D .  ? 0.4319 0.4370 0.4377 -0.0003 -0.0046 0.0008  484 HOH A O   
604 O O   . HOH D .  ? 0.3975 0.3885 0.3940 0.0059  -0.0042 0.0146  485 HOH A O   
605 O O   . HOH D .  ? 0.3621 0.3585 0.3646 0.0008  0.0054  0.0067  486 HOH A O   
606 O O   . HOH D .  ? 0.3343 0.3292 0.3223 0.0003  -0.0006 -0.0038 487 HOH A O   
607 O O   . HOH D .  ? 0.3462 0.3625 0.3497 -0.0085 0.0092  -0.0127 488 HOH A O   
608 O O   . HOH D .  ? 0.3730 0.3774 0.3660 0.0072  -0.0061 -0.0054 489 HOH A O   
609 O O   . HOH D .  ? 0.2910 0.2849 0.3255 -0.0147 0.0073  0.0060  490 HOH A O   
610 O O   . HOH D .  ? 0.3177 0.3288 0.3021 0.0116  -0.0118 0.0022  491 HOH A O   
611 O O   . HOH D .  ? 0.3976 0.3904 0.3919 -0.0023 -0.0025 -0.0030 492 HOH A O   
612 O O   . HOH D .  ? 0.4628 0.4522 0.4545 0.0011  0.0041  0.0068  493 HOH A O   
613 O O   . HOH D .  ? 0.4921 0.4913 0.4899 0.0018  -0.0008 -0.0017 494 HOH A O   
614 O O   . HOH D .  ? 0.5141 0.5084 0.5097 0.0068  -0.0008 -0.0002 495 HOH A O   
615 O O   . HOH D .  ? 0.3835 0.3866 0.4085 -0.0045 0.0051  0.0077  496 HOH A O   
616 O O   . HOH D .  ? 0.5770 0.5694 0.5765 0.0028  0.0022  0.0045  497 HOH A O   
617 O O   . HOH D .  ? 0.4033 0.3885 0.3921 0.0091  -0.0027 0.0073  498 HOH A O   
618 O O   . HOH D .  ? 0.4478 0.4480 0.4523 -0.0061 0.0050  -0.0005 499 HOH A O   
619 O O   . HOH D .  ? 0.4227 0.4126 0.4133 -0.0017 -0.0099 0.0076  500 HOH A O   
620 O O   . HOH D .  ? 0.5192 0.5161 0.5146 -0.0014 -0.0004 -0.0043 501 HOH A O   
621 O O   . HOH D .  ? 0.2553 0.2487 0.2262 -0.0289 0.0155  -0.0122 502 HOH A O   
622 O O   . HOH D .  ? 0.4744 0.4643 0.4588 0.0040  -0.0009 0.0000  503 HOH A O   
623 O O   . HOH D .  ? 0.6885 0.6857 0.6857 -0.0006 -0.0031 -0.0011 504 HOH A O   
624 O O   . HOH D .  ? 0.5229 0.5194 0.5192 0.0084  -0.0039 0.0002  505 HOH A O   
625 O O   . HOH D .  ? 0.4006 0.3869 0.3963 0.0011  -0.0046 0.0012  506 HOH A O   
626 O O   . HOH D .  ? 0.5662 0.5701 0.5642 -0.0024 0.0030  -0.0009 507 HOH A O   
627 O O   . HOH D .  ? 0.5262 0.5316 0.5367 -0.0023 0.0040  0.0036  508 HOH A O   
628 O O   . HOH D .  ? 0.4889 0.4969 0.4924 0.0006  0.0088  0.0066  509 HOH A O   
629 O O   . HOH D .  ? 0.4645 0.4525 0.4673 0.0015  -0.0005 -0.0093 510 HOH A O   
630 O O   . HOH D .  ? 0.5881 0.5858 0.5859 0.0015  -0.0014 -0.0013 511 HOH A O   
631 O O   . HOH D .  ? 0.5191 0.5278 0.5226 -0.0021 -0.0039 -0.0022 512 HOH A O   
632 O O   . HOH D .  ? 0.5441 0.5507 0.5483 -0.0039 0.0028  -0.0018 513 HOH A O   
633 O O   . HOH D .  ? 0.4212 0.4282 0.4198 -0.0002 0.0010  -0.0033 514 HOH A O   
634 O O   . HOH D .  ? 0.6641 0.6715 0.6705 -0.0021 0.0011  0.0012  515 HOH A O   
635 O O   . HOH D .  ? 0.4819 0.4669 0.4819 0.0010  0.0015  0.0029  516 HOH A O   
636 O O   . HOH D .  ? 0.5431 0.5435 0.5397 -0.0027 0.0007  0.0016  517 HOH A O   
637 O O   . HOH D .  ? 0.5147 0.5047 0.5062 0.0008  -0.0066 -0.0002 518 HOH A O   
638 O O   . HOH D .  ? 0.5693 0.5649 0.5709 -0.0037 -0.0041 -0.0029 519 HOH A O   
639 O O   . HOH D .  ? 0.3462 0.3572 0.3520 -0.0032 0.0014  -0.0011 520 HOH A O   
640 O O   . HOH D .  ? 0.5644 0.5674 0.5657 -0.0053 0.0029  -0.0029 521 HOH A O   
641 O O   . HOH D .  ? 0.6307 0.6311 0.6350 -0.0004 0.0013  0.0000  522 HOH A O   
642 O O   . HOH D .  ? 0.6692 0.6717 0.6689 0.0011  -0.0014 0.0016  523 HOH A O   
643 O O   . HOH D .  ? 0.4986 0.5070 0.4927 0.0041  0.0038  -0.0054 524 HOH A O   
644 O O   . HOH D .  ? 0.3904 0.3902 0.3790 0.0061  0.0001  -0.0035 525 HOH A O   
645 O O   . HOH D .  ? 0.4701 0.4877 0.4819 0.0030  -0.0010 -0.0008 526 HOH A O   
646 O O   . HOH D .  ? 0.4885 0.4975 0.4887 -0.0033 0.0045  0.0012  527 HOH A O   
647 O O   . HOH D .  ? 0.4809 0.4745 0.4741 0.0060  -0.0043 0.0013  528 HOH A O   
648 O O   . HOH D .  ? 0.4264 0.4403 0.4316 0.0001  0.0063  0.0005  529 HOH A O   
649 O O   . HOH D .  ? 0.4818 0.4751 0.4836 0.0025  0.0056  0.0045  530 HOH A O   
# 
loop_
_pdbx_poly_seq_scheme.asym_id 
_pdbx_poly_seq_scheme.entity_id 
_pdbx_poly_seq_scheme.seq_id 
_pdbx_poly_seq_scheme.mon_id 
_pdbx_poly_seq_scheme.ndb_seq_num 
_pdbx_poly_seq_scheme.pdb_seq_num 
_pdbx_poly_seq_scheme.auth_seq_num 
_pdbx_poly_seq_scheme.pdb_mon_id 
_pdbx_poly_seq_scheme.auth_mon_id 
_pdbx_poly_seq_scheme.pdb_strand_id 
_pdbx_poly_seq_scheme.pdb_ins_code 
_pdbx_poly_seq_scheme.hetero 
A 1 1  PRO 1  1  1  PRO PRO A . n 
A 1 2  TRP 2  2  2  TRP TRP A . n 
A 1 3  ALA 3  3  3  ALA ALA A . n 
A 1 4  THR 4  4  4  THR THR A . n 
A 1 5  ALA 5  5  5  ALA ALA A . n 
A 1 6  GLU 6  6  6  GLU GLU A . n 
A 1 7  TYR 7  7  7  TYR TYR A . n 
A 1 8  ASP 8  8  8  ASP ASP A . n 
A 1 9  TYR 9  9  9  TYR TYR A . n 
A 1 10 ASP 10 10 10 ASP ASP A . n 
A 1 11 ALA 11 11 11 ALA ALA A . n 
A 1 12 ALA 12 12 12 ALA ALA A . n 
A 1 13 GLU 13 13 13 GLU GLU A . n 
A 1 14 ASP 14 14 14 ASP ASP A . n 
A 1 15 ASN 15 15 15 ASN ASN A . n 
A 1 16 GLU 16 16 16 GLU GLU A . n 
A 1 17 LEU 17 17 17 LEU LEU A . n 
A 1 18 THR 18 18 18 THR THR A . n 
A 1 19 PHE 19 19 19 PHE PHE A . n 
A 1 20 VAL 20 20 20 VAL VAL A . n 
A 1 21 GLU 21 21 21 GLU GLU A . n 
A 1 22 ASN 22 22 22 ASN ASN A . n 
A 1 23 ASP 23 23 23 ASP ASP A . n 
A 1 24 LYS 24 24 24 LYS LYS A . n 
A 1 25 ILE 25 25 25 ILE ILE A . n 
A 1 26 ILE 26 26 26 ILE ILE A . n 
A 1 27 ASN 27 27 27 ASN ASN A . n 
A 1 28 ILE 28 28 28 ILE ILE A . n 
A 1 29 GLU 29 29 29 GLU GLU A . n 
A 1 30 PHE 30 30 30 PHE PHE A . n 
A 1 31 VAL 31 31 31 VAL VAL A . n 
A 1 32 ASP 32 32 32 ASP ASP A . n 
A 1 33 ASP 33 33 33 ASP ASP A . n 
A 1 34 ASP 34 34 34 ASP ASP A . n 
A 1 35 TRP 35 35 35 TRP TRP A . n 
A 1 36 TRP 36 36 36 TRP TRP A . n 
A 1 37 LEU 37 37 37 LEU LEU A . n 
A 1 38 GLY 38 38 38 GLY GLY A . n 
A 1 39 GLU 39 39 39 GLU GLU A . n 
A 1 40 LEU 40 40 40 LEU LEU A . n 
A 1 41 GLU 41 41 41 GLU GLU A . n 
A 1 42 LYS 42 42 42 LYS LYS A . n 
A 1 43 ASP 43 43 43 ASP ASP A . n 
A 1 44 GLY 44 44 44 GLY GLY A . n 
A 1 45 SER 45 45 45 SER SER A . n 
A 1 46 LYS 46 46 46 LYS LYS A . n 
A 1 47 GLY 47 47 47 GLY GLY A . n 
A 1 48 LEU 48 48 48 LEU LEU A . n 
A 1 49 PHE 49 49 49 PHE PHE A . n 
A 1 50 PRO 50 50 50 PRO PRO A . n 
A 1 51 SER 51 51 51 SER SER A . n 
A 1 52 ASN 52 52 52 ASN ASN A . n 
A 1 53 TYR 53 53 53 TYR TYR A . n 
A 1 54 VAL 54 54 54 VAL VAL A . n 
A 1 55 SER 55 55 55 SER SER A . n 
A 1 56 LEU 56 56 56 LEU LEU A . n 
A 1 57 GLY 57 57 57 GLY GLY A . n 
A 1 58 ASN 58 58 58 ASN ASN A . n 
# 
loop_
_pdbx_nonpoly_scheme.asym_id 
_pdbx_nonpoly_scheme.entity_id 
_pdbx_nonpoly_scheme.mon_id 
_pdbx_nonpoly_scheme.ndb_seq_num 
_pdbx_nonpoly_scheme.pdb_seq_num 
_pdbx_nonpoly_scheme.auth_seq_num 
_pdbx_nonpoly_scheme.pdb_mon_id 
_pdbx_nonpoly_scheme.auth_mon_id 
_pdbx_nonpoly_scheme.pdb_strand_id 
_pdbx_nonpoly_scheme.pdb_ins_code 
B 2 SO4 1   400 400 SO4 SUL A . 
C 2 SO4 1   401 401 SO4 SUL A . 
D 3 HOH 1   402 1   HOH HOH A . 
D 3 HOH 2   403 2   HOH HOH A . 
D 3 HOH 3   404 3   HOH HOH A . 
D 3 HOH 4   405 4   HOH HOH A . 
D 3 HOH 5   406 5   HOH HOH A . 
D 3 HOH 6   407 6   HOH HOH A . 
D 3 HOH 7   408 7   HOH HOH A . 
D 3 HOH 8   409 8   HOH HOH A . 
D 3 HOH 9   410 9   HOH HOH A . 
D 3 HOH 10  411 10  HOH HOH A . 
D 3 HOH 11  412 11  HOH HOH A . 
D 3 HOH 12  413 12  HOH HOH A . 
D 3 HOH 13  414 13  HOH HOH A . 
D 3 HOH 14  415 14  HOH HOH A . 
D 3 HOH 15  416 15  HOH HOH A . 
D 3 HOH 16  417 16  HOH HOH A . 
D 3 HOH 17  418 17  HOH HOH A . 
D 3 HOH 18  419 18  HOH HOH A . 
D 3 HOH 19  420 19  HOH HOH A . 
D 3 HOH 20  421 20  HOH HOH A . 
D 3 HOH 21  422 21  HOH HOH A . 
D 3 HOH 22  423 22  HOH HOH A . 
D 3 HOH 23  424 23  HOH HOH A . 
D 3 HOH 24  425 24  HOH HOH A . 
D 3 HOH 25  426 25  HOH HOH A . 
D 3 HOH 26  427 27  HOH HOH A . 
D 3 HOH 27  428 28  HOH HOH A . 
D 3 HOH 28  429 29  HOH HOH A . 
D 3 HOH 29  430 30  HOH HOH A . 
D 3 HOH 30  431 32  HOH HOH A . 
D 3 HOH 31  432 33  HOH HOH A . 
D 3 HOH 32  433 34  HOH HOH A . 
D 3 HOH 33  434 35  HOH HOH A . 
D 3 HOH 34  435 36  HOH HOH A . 
D 3 HOH 35  436 37  HOH HOH A . 
D 3 HOH 36  437 38  HOH HOH A . 
D 3 HOH 37  438 39  HOH HOH A . 
D 3 HOH 38  439 40  HOH HOH A . 
D 3 HOH 39  440 41  HOH HOH A . 
D 3 HOH 40  441 42  HOH HOH A . 
D 3 HOH 41  442 43  HOH HOH A . 
D 3 HOH 42  443 44  HOH HOH A . 
D 3 HOH 43  444 45  HOH HOH A . 
D 3 HOH 44  445 46  HOH HOH A . 
D 3 HOH 45  446 47  HOH HOH A . 
D 3 HOH 46  447 48  HOH HOH A . 
D 3 HOH 47  448 49  HOH HOH A . 
D 3 HOH 48  449 50  HOH HOH A . 
D 3 HOH 49  450 51  HOH HOH A . 
D 3 HOH 50  451 52  HOH HOH A . 
D 3 HOH 51  452 53  HOH HOH A . 
D 3 HOH 52  453 54  HOH HOH A . 
D 3 HOH 53  454 55  HOH HOH A . 
D 3 HOH 54  455 56  HOH HOH A . 
D 3 HOH 55  456 57  HOH HOH A . 
D 3 HOH 56  457 58  HOH HOH A . 
D 3 HOH 57  458 59  HOH HOH A . 
D 3 HOH 58  459 60  HOH HOH A . 
D 3 HOH 59  460 61  HOH HOH A . 
D 3 HOH 60  461 62  HOH HOH A . 
D 3 HOH 61  462 63  HOH HOH A . 
D 3 HOH 62  463 64  HOH HOH A . 
D 3 HOH 63  464 65  HOH HOH A . 
D 3 HOH 64  465 66  HOH HOH A . 
D 3 HOH 65  466 67  HOH HOH A . 
D 3 HOH 66  467 68  HOH HOH A . 
D 3 HOH 67  468 69  HOH HOH A . 
D 3 HOH 68  469 70  HOH HOH A . 
D 3 HOH 69  470 71  HOH HOH A . 
D 3 HOH 70  471 72  HOH HOH A . 
D 3 HOH 71  472 73  HOH HOH A . 
D 3 HOH 72  473 74  HOH HOH A . 
D 3 HOH 73  474 75  HOH HOH A . 
D 3 HOH 74  475 76  HOH HOH A . 
D 3 HOH 75  476 77  HOH HOH A . 
D 3 HOH 76  477 78  HOH HOH A . 
D 3 HOH 77  478 79  HOH HOH A . 
D 3 HOH 78  479 80  HOH HOH A . 
D 3 HOH 79  480 81  HOH HOH A . 
D 3 HOH 80  481 82  HOH HOH A . 
D 3 HOH 81  482 83  HOH HOH A . 
D 3 HOH 82  483 84  HOH HOH A . 
D 3 HOH 83  484 85  HOH HOH A . 
D 3 HOH 84  485 86  HOH HOH A . 
D 3 HOH 85  486 87  HOH HOH A . 
D 3 HOH 86  487 88  HOH HOH A . 
D 3 HOH 87  488 89  HOH HOH A . 
D 3 HOH 88  489 90  HOH HOH A . 
D 3 HOH 89  490 91  HOH HOH A . 
D 3 HOH 90  491 92  HOH HOH A . 
D 3 HOH 91  492 93  HOH HOH A . 
D 3 HOH 92  493 94  HOH HOH A . 
D 3 HOH 93  494 95  HOH HOH A . 
D 3 HOH 94  495 96  HOH HOH A . 
D 3 HOH 95  496 97  HOH HOH A . 
D 3 HOH 96  497 98  HOH HOH A . 
D 3 HOH 97  498 99  HOH HOH A . 
D 3 HOH 98  499 100 HOH HOH A . 
D 3 HOH 99  500 101 HOH HOH A . 
D 3 HOH 100 501 102 HOH HOH A . 
D 3 HOH 101 502 103 HOH HOH A . 
D 3 HOH 102 503 104 HOH HOH A . 
D 3 HOH 103 504 105 HOH HOH A . 
D 3 HOH 104 505 106 HOH HOH A . 
D 3 HOH 105 506 107 HOH HOH A . 
D 3 HOH 106 507 108 HOH HOH A . 
D 3 HOH 107 508 109 HOH HOH A . 
D 3 HOH 108 509 110 HOH HOH A . 
D 3 HOH 109 510 111 HOH HOH A . 
D 3 HOH 110 511 112 HOH HOH A . 
D 3 HOH 111 512 113 HOH HOH A . 
D 3 HOH 112 513 114 HOH HOH A . 
D 3 HOH 113 514 115 HOH HOH A . 
D 3 HOH 114 515 116 HOH HOH A . 
D 3 HOH 115 516 117 HOH HOH A . 
D 3 HOH 116 517 118 HOH HOH A . 
D 3 HOH 117 518 119 HOH HOH A . 
D 3 HOH 118 519 120 HOH HOH A . 
D 3 HOH 119 520 121 HOH HOH A . 
D 3 HOH 120 521 122 HOH HOH A . 
D 3 HOH 121 522 123 HOH HOH A . 
D 3 HOH 122 523 124 HOH HOH A . 
D 3 HOH 123 524 125 HOH HOH A . 
D 3 HOH 124 525 126 HOH HOH A . 
D 3 HOH 125 526 127 HOH HOH A . 
D 3 HOH 126 527 128 HOH HOH A . 
D 3 HOH 127 528 129 HOH HOH A . 
D 3 HOH 128 529 130 HOH HOH A . 
D 3 HOH 129 530 131 HOH HOH A . 
# 
_pdbx_struct_assembly.id                   1 
_pdbx_struct_assembly.details              author_defined_assembly 
_pdbx_struct_assembly.method_details       ? 
_pdbx_struct_assembly.oligomeric_details   monomeric 
_pdbx_struct_assembly.oligomeric_count     1 
# 
_pdbx_struct_assembly_gen.assembly_id       1 
_pdbx_struct_assembly_gen.oper_expression   1 
_pdbx_struct_assembly_gen.asym_id_list      A,B,C,D 
# 
_pdbx_struct_oper_list.id                   1 
_pdbx_struct_oper_list.type                 'identity operation' 
_pdbx_struct_oper_list.name                 1_555 
_pdbx_struct_oper_list.symmetry_operation   x,y,z 
_pdbx_struct_oper_list.matrix[1][1]         1.0000000000 
_pdbx_struct_oper_list.matrix[1][2]         0.0000000000 
_pdbx_struct_oper_list.matrix[1][3]         0.0000000000 
_pdbx_struct_oper_list.vector[1]            0.0000000000 
_pdbx_struct_oper_list.matrix[2][1]         0.0000000000 
_pdbx_struct_oper_list.matrix[2][2]         1.0000000000 
_pdbx_struct_oper_list.matrix[2][3]         0.0000000000 
_pdbx_struct_oper_list.vector[2]            0.0000000000 
_pdbx_struct_oper_list.matrix[3][1]         0.0000000000 
_pdbx_struct_oper_list.matrix[3][2]         0.0000000000 
_pdbx_struct_oper_list.matrix[3][3]         1.0000000000 
_pdbx_struct_oper_list.vector[3]            0.0000000000 
# 
loop_
_pdbx_audit_revision_history.ordinal 
_pdbx_audit_revision_history.data_content_type 
_pdbx_audit_revision_history.major_revision 
_pdbx_audit_revision_history.minor_revision 
_pdbx_audit_revision_history.revision_date 
1 'Structure model' 1 0 2002-03-01 
2 'Structure model' 1 1 2008-04-27 
3 'Structure model' 1 2 2011-07-13 
4 'Structure model' 1 3 2023-08-16 
# 
_pdbx_audit_revision_details.ordinal             1 
_pdbx_audit_revision_details.revision_ordinal    1 
_pdbx_audit_revision_details.data_content_type   'Structure model' 
_pdbx_audit_revision_details.provider            repository 
_pdbx_audit_revision_details.type                'Initial release' 
_pdbx_audit_revision_details.description         ? 
_pdbx_audit_revision_details.details             ? 
# 
loop_
_pdbx_audit_revision_group.ordinal 
_pdbx_audit_revision_group.revision_ordinal 
_pdbx_audit_revision_group.data_content_type 
_pdbx_audit_revision_group.group 
1 2 'Structure model' 'Version format compliance' 
2 3 'Structure model' 'Version format compliance' 
3 4 'Structure model' 'Data collection'           
4 4 'Structure model' 'Database references'       
5 4 'Structure model' 'Derived calculations'      
6 4 'Structure model' 'Refinement description'    
# 
loop_
_pdbx_audit_revision_category.ordinal 
_pdbx_audit_revision_category.revision_ordinal 
_pdbx_audit_revision_category.data_content_type 
_pdbx_audit_revision_category.category 
1 4 'Structure model' chem_comp_atom                
2 4 'Structure model' chem_comp_bond                
3 4 'Structure model' database_2                    
4 4 'Structure model' diffrn_source                 
5 4 'Structure model' pdbx_initial_refinement_model 
6 4 'Structure model' struct_site                   
# 
loop_
_pdbx_audit_revision_item.ordinal 
_pdbx_audit_revision_item.revision_ordinal 
_pdbx_audit_revision_item.data_content_type 
_pdbx_audit_revision_item.item 
1 4 'Structure model' '_database_2.pdbx_DOI'                 
2 4 'Structure model' '_database_2.pdbx_database_accession'  
3 4 'Structure model' '_diffrn_source.pdbx_synchrotron_site' 
4 4 'Structure model' '_struct_site.pdbx_auth_asym_id'       
5 4 'Structure model' '_struct_site.pdbx_auth_comp_id'       
6 4 'Structure model' '_struct_site.pdbx_auth_seq_id'        
# 
loop_
_software.name 
_software.classification 
_software.version 
_software.citation_id 
_software.pdbx_ordinal 
AMoRE     phasing          .   ? 1 
REFMAC    refinement       5.0 ? 2 
DENZO     'data reduction' .   ? 3 
SCALEPACK 'data scaling'   .   ? 4 
# 
_pdbx_validate_rmsd_angle.id                         1 
_pdbx_validate_rmsd_angle.PDB_model_num              1 
_pdbx_validate_rmsd_angle.auth_atom_id_1             CB 
_pdbx_validate_rmsd_angle.auth_asym_id_1             A 
_pdbx_validate_rmsd_angle.auth_comp_id_1             ASP 
_pdbx_validate_rmsd_angle.auth_seq_id_1              34 
_pdbx_validate_rmsd_angle.PDB_ins_code_1             ? 
_pdbx_validate_rmsd_angle.label_alt_id_1             ? 
_pdbx_validate_rmsd_angle.auth_atom_id_2             CG 
_pdbx_validate_rmsd_angle.auth_asym_id_2             A 
_pdbx_validate_rmsd_angle.auth_comp_id_2             ASP 
_pdbx_validate_rmsd_angle.auth_seq_id_2              34 
_pdbx_validate_rmsd_angle.PDB_ins_code_2             ? 
_pdbx_validate_rmsd_angle.label_alt_id_2             ? 
_pdbx_validate_rmsd_angle.auth_atom_id_3             OD2 
_pdbx_validate_rmsd_angle.auth_asym_id_3             A 
_pdbx_validate_rmsd_angle.auth_comp_id_3             ASP 
_pdbx_validate_rmsd_angle.auth_seq_id_3              34 
_pdbx_validate_rmsd_angle.PDB_ins_code_3             ? 
_pdbx_validate_rmsd_angle.label_alt_id_3             ? 
_pdbx_validate_rmsd_angle.angle_value                124.07 
_pdbx_validate_rmsd_angle.angle_target_value         118.30 
_pdbx_validate_rmsd_angle.angle_deviation            5.77 
_pdbx_validate_rmsd_angle.angle_standard_deviation   0.90 
_pdbx_validate_rmsd_angle.linker_flag                N 
# 
loop_
_pdbx_validate_torsion.id 
_pdbx_validate_torsion.PDB_model_num 
_pdbx_validate_torsion.auth_comp_id 
_pdbx_validate_torsion.auth_asym_id 
_pdbx_validate_torsion.auth_seq_id 
_pdbx_validate_torsion.PDB_ins_code 
_pdbx_validate_torsion.label_alt_id 
_pdbx_validate_torsion.phi 
_pdbx_validate_torsion.psi 
1 1 ASN A 22 ? ? 80.32   -8.65 
2 1 ASP A 43 ? ? -145.78 -0.87 
# 
loop_
_chem_comp_atom.comp_id 
_chem_comp_atom.atom_id 
_chem_comp_atom.type_symbol 
_chem_comp_atom.pdbx_aromatic_flag 
_chem_comp_atom.pdbx_stereo_config 
_chem_comp_atom.pdbx_ordinal 
ALA N    N N N 1   
ALA CA   C N S 2   
ALA C    C N N 3   
ALA O    O N N 4   
ALA CB   C N N 5   
ALA OXT  O N N 6   
ALA H    H N N 7   
ALA H2   H N N 8   
ALA HA   H N N 9   
ALA HB1  H N N 10  
ALA HB2  H N N 11  
ALA HB3  H N N 12  
ALA HXT  H N N 13  
ASN N    N N N 14  
ASN CA   C N S 15  
ASN C    C N N 16  
ASN O    O N N 17  
ASN CB   C N N 18  
ASN CG   C N N 19  
ASN OD1  O N N 20  
ASN ND2  N N N 21  
ASN OXT  O N N 22  
ASN H    H N N 23  
ASN H2   H N N 24  
ASN HA   H N N 25  
ASN HB2  H N N 26  
ASN HB3  H N N 27  
ASN HD21 H N N 28  
ASN HD22 H N N 29  
ASN HXT  H N N 30  
ASP N    N N N 31  
ASP CA   C N S 32  
ASP C    C N N 33  
ASP O    O N N 34  
ASP CB   C N N 35  
ASP CG   C N N 36  
ASP OD1  O N N 37  
ASP OD2  O N N 38  
ASP OXT  O N N 39  
ASP H    H N N 40  
ASP H2   H N N 41  
ASP HA   H N N 42  
ASP HB2  H N N 43  
ASP HB3  H N N 44  
ASP HD2  H N N 45  
ASP HXT  H N N 46  
GLU N    N N N 47  
GLU CA   C N S 48  
GLU C    C N N 49  
GLU O    O N N 50  
GLU CB   C N N 51  
GLU CG   C N N 52  
GLU CD   C N N 53  
GLU OE1  O N N 54  
GLU OE2  O N N 55  
GLU OXT  O N N 56  
GLU H    H N N 57  
GLU H2   H N N 58  
GLU HA   H N N 59  
GLU HB2  H N N 60  
GLU HB3  H N N 61  
GLU HG2  H N N 62  
GLU HG3  H N N 63  
GLU HE2  H N N 64  
GLU HXT  H N N 65  
GLY N    N N N 66  
GLY CA   C N N 67  
GLY C    C N N 68  
GLY O    O N N 69  
GLY OXT  O N N 70  
GLY H    H N N 71  
GLY H2   H N N 72  
GLY HA2  H N N 73  
GLY HA3  H N N 74  
GLY HXT  H N N 75  
HOH O    O N N 76  
HOH H1   H N N 77  
HOH H2   H N N 78  
ILE N    N N N 79  
ILE CA   C N S 80  
ILE C    C N N 81  
ILE O    O N N 82  
ILE CB   C N S 83  
ILE CG1  C N N 84  
ILE CG2  C N N 85  
ILE CD1  C N N 86  
ILE OXT  O N N 87  
ILE H    H N N 88  
ILE H2   H N N 89  
ILE HA   H N N 90  
ILE HB   H N N 91  
ILE HG12 H N N 92  
ILE HG13 H N N 93  
ILE HG21 H N N 94  
ILE HG22 H N N 95  
ILE HG23 H N N 96  
ILE HD11 H N N 97  
ILE HD12 H N N 98  
ILE HD13 H N N 99  
ILE HXT  H N N 100 
LEU N    N N N 101 
LEU CA   C N S 102 
LEU C    C N N 103 
LEU O    O N N 104 
LEU CB   C N N 105 
LEU CG   C N N 106 
LEU CD1  C N N 107 
LEU CD2  C N N 108 
LEU OXT  O N N 109 
LEU H    H N N 110 
LEU H2   H N N 111 
LEU HA   H N N 112 
LEU HB2  H N N 113 
LEU HB3  H N N 114 
LEU HG   H N N 115 
LEU HD11 H N N 116 
LEU HD12 H N N 117 
LEU HD13 H N N 118 
LEU HD21 H N N 119 
LEU HD22 H N N 120 
LEU HD23 H N N 121 
LEU HXT  H N N 122 
LYS N    N N N 123 
LYS CA   C N S 124 
LYS C    C N N 125 
LYS O    O N N 126 
LYS CB   C N N 127 
LYS CG   C N N 128 
LYS CD   C N N 129 
LYS CE   C N N 130 
LYS NZ   N N N 131 
LYS OXT  O N N 132 
LYS H    H N N 133 
LYS H2   H N N 134 
LYS HA   H N N 135 
LYS HB2  H N N 136 
LYS HB3  H N N 137 
LYS HG2  H N N 138 
LYS HG3  H N N 139 
LYS HD2  H N N 140 
LYS HD3  H N N 141 
LYS HE2  H N N 142 
LYS HE3  H N N 143 
LYS HZ1  H N N 144 
LYS HZ2  H N N 145 
LYS HZ3  H N N 146 
LYS HXT  H N N 147 
PHE N    N N N 148 
PHE CA   C N S 149 
PHE C    C N N 150 
PHE O    O N N 151 
PHE CB   C N N 152 
PHE CG   C Y N 153 
PHE CD1  C Y N 154 
PHE CD2  C Y N 155 
PHE CE1  C Y N 156 
PHE CE2  C Y N 157 
PHE CZ   C Y N 158 
PHE OXT  O N N 159 
PHE H    H N N 160 
PHE H2   H N N 161 
PHE HA   H N N 162 
PHE HB2  H N N 163 
PHE HB3  H N N 164 
PHE HD1  H N N 165 
PHE HD2  H N N 166 
PHE HE1  H N N 167 
PHE HE2  H N N 168 
PHE HZ   H N N 169 
PHE HXT  H N N 170 
PRO N    N N N 171 
PRO CA   C N S 172 
PRO C    C N N 173 
PRO O    O N N 174 
PRO CB   C N N 175 
PRO CG   C N N 176 
PRO CD   C N N 177 
PRO OXT  O N N 178 
PRO H    H N N 179 
PRO HA   H N N 180 
PRO HB2  H N N 181 
PRO HB3  H N N 182 
PRO HG2  H N N 183 
PRO HG3  H N N 184 
PRO HD2  H N N 185 
PRO HD3  H N N 186 
PRO HXT  H N N 187 
SER N    N N N 188 
SER CA   C N S 189 
SER C    C N N 190 
SER O    O N N 191 
SER CB   C N N 192 
SER OG   O N N 193 
SER OXT  O N N 194 
SER H    H N N 195 
SER H2   H N N 196 
SER HA   H N N 197 
SER HB2  H N N 198 
SER HB3  H N N 199 
SER HG   H N N 200 
SER HXT  H N N 201 
SO4 S    S N N 202 
SO4 O1   O N N 203 
SO4 O2   O N N 204 
SO4 O3   O N N 205 
SO4 O4   O N N 206 
THR N    N N N 207 
THR CA   C N S 208 
THR C    C N N 209 
THR O    O N N 210 
THR CB   C N R 211 
THR OG1  O N N 212 
THR CG2  C N N 213 
THR OXT  O N N 214 
THR H    H N N 215 
THR H2   H N N 216 
THR HA   H N N 217 
THR HB   H N N 218 
THR HG1  H N N 219 
THR HG21 H N N 220 
THR HG22 H N N 221 
THR HG23 H N N 222 
THR HXT  H N N 223 
TRP N    N N N 224 
TRP CA   C N S 225 
TRP C    C N N 226 
TRP O    O N N 227 
TRP CB   C N N 228 
TRP CG   C Y N 229 
TRP CD1  C Y N 230 
TRP CD2  C Y N 231 
TRP NE1  N Y N 232 
TRP CE2  C Y N 233 
TRP CE3  C Y N 234 
TRP CZ2  C Y N 235 
TRP CZ3  C Y N 236 
TRP CH2  C Y N 237 
TRP OXT  O N N 238 
TRP H    H N N 239 
TRP H2   H N N 240 
TRP HA   H N N 241 
TRP HB2  H N N 242 
TRP HB3  H N N 243 
TRP HD1  H N N 244 
TRP HE1  H N N 245 
TRP HE3  H N N 246 
TRP HZ2  H N N 247 
TRP HZ3  H N N 248 
TRP HH2  H N N 249 
TRP HXT  H N N 250 
TYR N    N N N 251 
TYR CA   C N S 252 
TYR C    C N N 253 
TYR O    O N N 254 
TYR CB   C N N 255 
TYR CG   C Y N 256 
TYR CD1  C Y N 257 
TYR CD2  C Y N 258 
TYR CE1  C Y N 259 
TYR CE2  C Y N 260 
TYR CZ   C Y N 261 
TYR OH   O N N 262 
TYR OXT  O N N 263 
TYR H    H N N 264 
TYR H2   H N N 265 
TYR HA   H N N 266 
TYR HB2  H N N 267 
TYR HB3  H N N 268 
TYR HD1  H N N 269 
TYR HD2  H N N 270 
TYR HE1  H N N 271 
TYR HE2  H N N 272 
TYR HH   H N N 273 
TYR HXT  H N N 274 
VAL N    N N N 275 
VAL CA   C N S 276 
VAL C    C N N 277 
VAL O    O N N 278 
VAL CB   C N N 279 
VAL CG1  C N N 280 
VAL CG2  C N N 281 
VAL OXT  O N N 282 
VAL H    H N N 283 
VAL H2   H N N 284 
VAL HA   H N N 285 
VAL HB   H N N 286 
VAL HG11 H N N 287 
VAL HG12 H N N 288 
VAL HG13 H N N 289 
VAL HG21 H N N 290 
VAL HG22 H N N 291 
VAL HG23 H N N 292 
VAL HXT  H N N 293 
# 
loop_
_chem_comp_bond.comp_id 
_chem_comp_bond.atom_id_1 
_chem_comp_bond.atom_id_2 
_chem_comp_bond.value_order 
_chem_comp_bond.pdbx_aromatic_flag 
_chem_comp_bond.pdbx_stereo_config 
_chem_comp_bond.pdbx_ordinal 
ALA N   CA   sing N N 1   
ALA N   H    sing N N 2   
ALA N   H2   sing N N 3   
ALA CA  C    sing N N 4   
ALA CA  CB   sing N N 5   
ALA CA  HA   sing N N 6   
ALA C   O    doub N N 7   
ALA C   OXT  sing N N 8   
ALA CB  HB1  sing N N 9   
ALA CB  HB2  sing N N 10  
ALA CB  HB3  sing N N 11  
ALA OXT HXT  sing N N 12  
ASN N   CA   sing N N 13  
ASN N   H    sing N N 14  
ASN N   H2   sing N N 15  
ASN CA  C    sing N N 16  
ASN CA  CB   sing N N 17  
ASN CA  HA   sing N N 18  
ASN C   O    doub N N 19  
ASN C   OXT  sing N N 20  
ASN CB  CG   sing N N 21  
ASN CB  HB2  sing N N 22  
ASN CB  HB3  sing N N 23  
ASN CG  OD1  doub N N 24  
ASN CG  ND2  sing N N 25  
ASN ND2 HD21 sing N N 26  
ASN ND2 HD22 sing N N 27  
ASN OXT HXT  sing N N 28  
ASP N   CA   sing N N 29  
ASP N   H    sing N N 30  
ASP N   H2   sing N N 31  
ASP CA  C    sing N N 32  
ASP CA  CB   sing N N 33  
ASP CA  HA   sing N N 34  
ASP C   O    doub N N 35  
ASP C   OXT  sing N N 36  
ASP CB  CG   sing N N 37  
ASP CB  HB2  sing N N 38  
ASP CB  HB3  sing N N 39  
ASP CG  OD1  doub N N 40  
ASP CG  OD2  sing N N 41  
ASP OD2 HD2  sing N N 42  
ASP OXT HXT  sing N N 43  
GLU N   CA   sing N N 44  
GLU N   H    sing N N 45  
GLU N   H2   sing N N 46  
GLU CA  C    sing N N 47  
GLU CA  CB   sing N N 48  
GLU CA  HA   sing N N 49  
GLU C   O    doub N N 50  
GLU C   OXT  sing N N 51  
GLU CB  CG   sing N N 52  
GLU CB  HB2  sing N N 53  
GLU CB  HB3  sing N N 54  
GLU CG  CD   sing N N 55  
GLU CG  HG2  sing N N 56  
GLU CG  HG3  sing N N 57  
GLU CD  OE1  doub N N 58  
GLU CD  OE2  sing N N 59  
GLU OE2 HE2  sing N N 60  
GLU OXT HXT  sing N N 61  
GLY N   CA   sing N N 62  
GLY N   H    sing N N 63  
GLY N   H2   sing N N 64  
GLY CA  C    sing N N 65  
GLY CA  HA2  sing N N 66  
GLY CA  HA3  sing N N 67  
GLY C   O    doub N N 68  
GLY C   OXT  sing N N 69  
GLY OXT HXT  sing N N 70  
HOH O   H1   sing N N 71  
HOH O   H2   sing N N 72  
ILE N   CA   sing N N 73  
ILE N   H    sing N N 74  
ILE N   H2   sing N N 75  
ILE CA  C    sing N N 76  
ILE CA  CB   sing N N 77  
ILE CA  HA   sing N N 78  
ILE C   O    doub N N 79  
ILE C   OXT  sing N N 80  
ILE CB  CG1  sing N N 81  
ILE CB  CG2  sing N N 82  
ILE CB  HB   sing N N 83  
ILE CG1 CD1  sing N N 84  
ILE CG1 HG12 sing N N 85  
ILE CG1 HG13 sing N N 86  
ILE CG2 HG21 sing N N 87  
ILE CG2 HG22 sing N N 88  
ILE CG2 HG23 sing N N 89  
ILE CD1 HD11 sing N N 90  
ILE CD1 HD12 sing N N 91  
ILE CD1 HD13 sing N N 92  
ILE OXT HXT  sing N N 93  
LEU N   CA   sing N N 94  
LEU N   H    sing N N 95  
LEU N   H2   sing N N 96  
LEU CA  C    sing N N 97  
LEU CA  CB   sing N N 98  
LEU CA  HA   sing N N 99  
LEU C   O    doub N N 100 
LEU C   OXT  sing N N 101 
LEU CB  CG   sing N N 102 
LEU CB  HB2  sing N N 103 
LEU CB  HB3  sing N N 104 
LEU CG  CD1  sing N N 105 
LEU CG  CD2  sing N N 106 
LEU CG  HG   sing N N 107 
LEU CD1 HD11 sing N N 108 
LEU CD1 HD12 sing N N 109 
LEU CD1 HD13 sing N N 110 
LEU CD2 HD21 sing N N 111 
LEU CD2 HD22 sing N N 112 
LEU CD2 HD23 sing N N 113 
LEU OXT HXT  sing N N 114 
LYS N   CA   sing N N 115 
LYS N   H    sing N N 116 
LYS N   H2   sing N N 117 
LYS CA  C    sing N N 118 
LYS CA  CB   sing N N 119 
LYS CA  HA   sing N N 120 
LYS C   O    doub N N 121 
LYS C   OXT  sing N N 122 
LYS CB  CG   sing N N 123 
LYS CB  HB2  sing N N 124 
LYS CB  HB3  sing N N 125 
LYS CG  CD   sing N N 126 
LYS CG  HG2  sing N N 127 
LYS CG  HG3  sing N N 128 
LYS CD  CE   sing N N 129 
LYS CD  HD2  sing N N 130 
LYS CD  HD3  sing N N 131 
LYS CE  NZ   sing N N 132 
LYS CE  HE2  sing N N 133 
LYS CE  HE3  sing N N 134 
LYS NZ  HZ1  sing N N 135 
LYS NZ  HZ2  sing N N 136 
LYS NZ  HZ3  sing N N 137 
LYS OXT HXT  sing N N 138 
PHE N   CA   sing N N 139 
PHE N   H    sing N N 140 
PHE N   H2   sing N N 141 
PHE CA  C    sing N N 142 
PHE CA  CB   sing N N 143 
PHE CA  HA   sing N N 144 
PHE C   O    doub N N 145 
PHE C   OXT  sing N N 146 
PHE CB  CG   sing N N 147 
PHE CB  HB2  sing N N 148 
PHE CB  HB3  sing N N 149 
PHE CG  CD1  doub Y N 150 
PHE CG  CD2  sing Y N 151 
PHE CD1 CE1  sing Y N 152 
PHE CD1 HD1  sing N N 153 
PHE CD2 CE2  doub Y N 154 
PHE CD2 HD2  sing N N 155 
PHE CE1 CZ   doub Y N 156 
PHE CE1 HE1  sing N N 157 
PHE CE2 CZ   sing Y N 158 
PHE CE2 HE2  sing N N 159 
PHE CZ  HZ   sing N N 160 
PHE OXT HXT  sing N N 161 
PRO N   CA   sing N N 162 
PRO N   CD   sing N N 163 
PRO N   H    sing N N 164 
PRO CA  C    sing N N 165 
PRO CA  CB   sing N N 166 
PRO CA  HA   sing N N 167 
PRO C   O    doub N N 168 
PRO C   OXT  sing N N 169 
PRO CB  CG   sing N N 170 
PRO CB  HB2  sing N N 171 
PRO CB  HB3  sing N N 172 
PRO CG  CD   sing N N 173 
PRO CG  HG2  sing N N 174 
PRO CG  HG3  sing N N 175 
PRO CD  HD2  sing N N 176 
PRO CD  HD3  sing N N 177 
PRO OXT HXT  sing N N 178 
SER N   CA   sing N N 179 
SER N   H    sing N N 180 
SER N   H2   sing N N 181 
SER CA  C    sing N N 182 
SER CA  CB   sing N N 183 
SER CA  HA   sing N N 184 
SER C   O    doub N N 185 
SER C   OXT  sing N N 186 
SER CB  OG   sing N N 187 
SER CB  HB2  sing N N 188 
SER CB  HB3  sing N N 189 
SER OG  HG   sing N N 190 
SER OXT HXT  sing N N 191 
SO4 S   O1   doub N N 192 
SO4 S   O2   doub N N 193 
SO4 S   O3   sing N N 194 
SO4 S   O4   sing N N 195 
THR N   CA   sing N N 196 
THR N   H    sing N N 197 
THR N   H2   sing N N 198 
THR CA  C    sing N N 199 
THR CA  CB   sing N N 200 
THR CA  HA   sing N N 201 
THR C   O    doub N N 202 
THR C   OXT  sing N N 203 
THR CB  OG1  sing N N 204 
THR CB  CG2  sing N N 205 
THR CB  HB   sing N N 206 
THR OG1 HG1  sing N N 207 
THR CG2 HG21 sing N N 208 
THR CG2 HG22 sing N N 209 
THR CG2 HG23 sing N N 210 
THR OXT HXT  sing N N 211 
TRP N   CA   sing N N 212 
TRP N   H    sing N N 213 
TRP N   H2   sing N N 214 
TRP CA  C    sing N N 215 
TRP CA  CB   sing N N 216 
TRP CA  HA   sing N N 217 
TRP C   O    doub N N 218 
TRP C   OXT  sing N N 219 
TRP CB  CG   sing N N 220 
TRP CB  HB2  sing N N 221 
TRP CB  HB3  sing N N 222 
TRP CG  CD1  doub Y N 223 
TRP CG  CD2  sing Y N 224 
TRP CD1 NE1  sing Y N 225 
TRP CD1 HD1  sing N N 226 
TRP CD2 CE2  doub Y N 227 
TRP CD2 CE3  sing Y N 228 
TRP NE1 CE2  sing Y N 229 
TRP NE1 HE1  sing N N 230 
TRP CE2 CZ2  sing Y N 231 
TRP CE3 CZ3  doub Y N 232 
TRP CE3 HE3  sing N N 233 
TRP CZ2 CH2  doub Y N 234 
TRP CZ2 HZ2  sing N N 235 
TRP CZ3 CH2  sing Y N 236 
TRP CZ3 HZ3  sing N N 237 
TRP CH2 HH2  sing N N 238 
TRP OXT HXT  sing N N 239 
TYR N   CA   sing N N 240 
TYR N   H    sing N N 241 
TYR N   H2   sing N N 242 
TYR CA  C    sing N N 243 
TYR CA  CB   sing N N 244 
TYR CA  HA   sing N N 245 
TYR C   O    doub N N 246 
TYR C   OXT  sing N N 247 
TYR CB  CG   sing N N 248 
TYR CB  HB2  sing N N 249 
TYR CB  HB3  sing N N 250 
TYR CG  CD1  doub Y N 251 
TYR CG  CD2  sing Y N 252 
TYR CD1 CE1  sing Y N 253 
TYR CD1 HD1  sing N N 254 
TYR CD2 CE2  doub Y N 255 
TYR CD2 HD2  sing N N 256 
TYR CE1 CZ   doub Y N 257 
TYR CE1 HE1  sing N N 258 
TYR CE2 CZ   sing Y N 259 
TYR CE2 HE2  sing N N 260 
TYR CZ  OH   sing N N 261 
TYR OH  HH   sing N N 262 
TYR OXT HXT  sing N N 263 
VAL N   CA   sing N N 264 
VAL N   H    sing N N 265 
VAL N   H2   sing N N 266 
VAL CA  C    sing N N 267 
VAL CA  CB   sing N N 268 
VAL CA  HA   sing N N 269 
VAL C   O    doub N N 270 
VAL C   OXT  sing N N 271 
VAL CB  CG1  sing N N 272 
VAL CB  CG2  sing N N 273 
VAL CB  HB   sing N N 274 
VAL CG1 HG11 sing N N 275 
VAL CG1 HG12 sing N N 276 
VAL CG1 HG13 sing N N 277 
VAL CG2 HG21 sing N N 278 
VAL CG2 HG22 sing N N 279 
VAL CG2 HG23 sing N N 280 
VAL OXT HXT  sing N N 281 
# 
loop_
_pdbx_entity_nonpoly.entity_id 
_pdbx_entity_nonpoly.name 
_pdbx_entity_nonpoly.comp_id 
2 'SULFATE ION' SO4 
3 water         HOH 
# 
_pdbx_initial_refinement_model.id               1 
_pdbx_initial_refinement_model.entity_id_list   ? 
_pdbx_initial_refinement_model.type             'experimental model' 
_pdbx_initial_refinement_model.source_name      PDB 
_pdbx_initial_refinement_model.accession_code   1CKA 
_pdbx_initial_refinement_model.details          'PDB entry 1CKA' 
# 
